data_9C2F
#
_entry.id   9C2F
#
_cell.length_a   1.00
_cell.length_b   1.00
_cell.length_c   1.00
_cell.angle_alpha   90.00
_cell.angle_beta   90.00
_cell.angle_gamma   90.00
#
_symmetry.space_group_name_H-M   'P 1'
#
loop_
_entity.id
_entity.type
_entity.pdbx_description
1 polymer 'Extracellular calcium-sensing receptor'
2 polymer 'Extracellular calcium-sensing receptor'
3 branched 2-acetamido-2-deoxy-beta-D-glucopyranose-(1-4)-2-acetamido-2-deoxy-beta-D-glucopyranose
4 non-polymer 2-acetamido-2-deoxy-beta-D-glucopyranose
5 non-polymer 'CALCIUM ION'
6 non-polymer TRYPTOPHAN
7 non-polymer 'PHOSPHATE ION'
8 non-polymer (1R)-1-(2H-1,3-benzodioxol-4-yl)-N-[2-(1,2-benzothiazol-3-yl)ethyl]ethan-1-amine
#
loop_
_entity_poly.entity_id
_entity_poly.type
_entity_poly.pdbx_seq_one_letter_code
_entity_poly.pdbx_strand_id
1 'polypeptide(L)'
;WSHPQFEKGGGSGGGSGGSAWSHPQFEKGSAAAYGPDQRAQKKGDIILGGLFPIHFGVAAKDQDLKSRPESVECIRYNFR
GFRWLQAMIFAIEEINSSPALLPNLTLGYRIFDTCNTVSKALEATLSFVAQNKIDSLNLDEFCNCSEHIPSTIAVVGATG
SGVSTAVANLLGLFYIPQVSYASSSRLLSNKNQFKSFLRTIPNDEHQATAMADIIEYFRWNWVGTIAADDDYGRPGIEKF
REEAEERDICIDFSELISQYSDEEEIQHVVEVIQNSTAKVIVVFSSGPDLEPLIKEIVRRNITGKIWLASEAWASSSLIA
MPQYFHVVGGTIGFALKAGQIPGFREFLKKVHPRKSVHNGFAKEFWEETFNCHLQEGAKGPLPVDTFLRGHEESGDRFSN
SSTAFRPLCTGDENISSVETPYIDYTHLRISYNVYLAVYSIAHALQDIYTCLPGRGLFTNGSCADIKKVEAWQVLKHLRH
LNFTNNMGEQVTFDECGDLVGNYSIINWHLSPEDGSIVFKEVGYYNVYAKKGERLFINEEKILWSGFSREVPFSNCSRDC
LAGTRKGIIEGEPTCCFECVECPDGEYSDETDASACNKCPDDFWSNENHTSCIAKEIEFLSWTEPFGIALTLFAVLGIFL
TAFVLGVFIKFRNTPIVKATNRELSYLLLFSLLCCFSSSLFFIGEPQDWTCRLRQPAFGISFVLCISCILVKTNRVLLVF
EAKIPTSFHRKWWGLNLQFLLVFLCTFMQIVICVIWLYTAPPSSYRNQELEDEIIFITCHEGSLMALGFLIGYTCLLAAI
CFFFAFKSRKLPENFNEAKFITFSMLIFFIVWISFIPAYASTYGKFVSAVEVIAILAASFGLLACIFFNKIYIILFKPSR
NTIEEVRCSTAAHAFKVAARATLRRSNVTGSSTNNNEEEKSRLLEKENRELEKIIAEKEERVSELRHQLQSRQQLKKTN
;
A
2 'polypeptide(L)'
;DYKDDDDKAAAYGPDQRAQKKGDIILGGLFPIHFGVAAKDQDLKSRPESVECIRYNFRGFRWLQAMIFAIEEINSSPALL
PNLTLGYRIFDTCNTVSKALEATLSFVAQNKIDSLNLDEFCNCSEHIPSTIAVVGATGSGVSTAVANLLGLFYIPQVSYA
SSSRLLSNKNQFKSFLRTIPNDEHQATAMADIIEYFRWNWVGTIAADDDYGRPGIEKFREEAEERDICIDFSELISQYSD
EEEIQHVVEVIQNSTAKVIVVFSSGPDLEPLIKEIVRRNITGKIWLASEAWASSSLIAMPQYFHVVGGTIGFALKAGQIP
GFREFLKKVHPRKSVHNGFAKEFWEETFNCHLQEGAKGPLPVDTFLRGHEESGDRFSNSSTAFRPLCTGDENISSVETPY
IDYTHLRISYNVYLAVYSIAHALQDIYTCLPGRGLFTNGSCADIKKVEAWQVLKHLRHLNFTNNMGEQVTFDECGDLVGN
YSIINWHLSPEDGSIVFKEVGYYNVYAKKGERLFINEEKILWSGFSREVPFSNCSRDCLAGTRKGIIEGEPTCCFECVEC
PDGEYSDETDASACNKCPDDFWSNENHTSCIAKEIEFLSWTEPFGIALTLFAVLGIFLTAFVLGVFIKFRNTPIVKATNR
ELSYLLLFSLLCCFSSSLFFIGEPQDWTCRLRQPAFGISFVLCISCILVKTNRVLLVFEAKIPTSFHRKWWGLNLQFLLV
FLCTFMQIVICVIWLYTAPPSSYRNQELEDEIIFITCHEGSLMALGFLIGYTCLLAAICFFFAFKSRKLPENFNEAKFIT
FSMLIFFIVWISFIPAYASTYGKFVSAVEVIAILAASFGLLACIFFNKIYIILFKPSRNTIEEVRCSTAAHAFKVAARAT
LRRSNVTSTSVTSVNQASTSRLEGLQSENHRLRMKITELDKDLEEVTMQLQDTPEKKTN
;
B
#
# COMPACT_ATOMS: atom_id res chain seq x y z
N TYR A 34 56.15 -12.07 25.57
CA TYR A 34 55.45 -11.71 24.35
C TYR A 34 54.32 -10.74 24.63
N GLY A 35 53.98 -9.92 23.64
CA GLY A 35 52.90 -8.98 23.76
C GLY A 35 53.39 -7.54 23.82
N PRO A 36 52.45 -6.61 23.99
CA PRO A 36 52.83 -5.19 24.07
C PRO A 36 53.67 -4.90 25.31
N ASP A 37 54.43 -3.81 25.22
CA ASP A 37 55.34 -3.44 26.31
C ASP A 37 54.57 -3.01 27.56
N GLN A 38 53.58 -2.13 27.40
CA GLN A 38 52.81 -1.65 28.53
C GLN A 38 51.63 -2.58 28.79
N ARG A 39 51.41 -2.89 30.06
CA ARG A 39 50.43 -3.89 30.45
C ARG A 39 50.25 -3.81 31.97
N ALA A 40 49.30 -4.60 32.47
CA ALA A 40 49.13 -4.84 33.89
C ALA A 40 49.36 -6.31 34.17
N GLN A 41 50.21 -6.61 35.14
CA GLN A 41 50.53 -8.03 35.41
C GLN A 41 50.81 -8.27 36.89
N LYS A 42 50.39 -9.43 37.40
CA LYS A 42 50.63 -9.86 38.76
C LYS A 42 50.81 -11.37 38.78
N LYS A 43 51.35 -11.88 39.89
CA LYS A 43 51.64 -13.28 40.06
C LYS A 43 50.59 -13.96 40.94
N GLY A 44 50.35 -15.24 40.67
CA GLY A 44 49.43 -16.00 41.48
C GLY A 44 49.39 -17.44 41.02
N ASP A 45 48.61 -18.25 41.76
CA ASP A 45 48.42 -19.64 41.36
C ASP A 45 47.58 -19.74 40.09
N ILE A 46 46.55 -18.91 39.99
CA ILE A 46 45.66 -18.88 38.83
C ILE A 46 45.68 -17.48 38.26
N ILE A 47 45.83 -17.38 36.94
CA ILE A 47 46.01 -16.11 36.25
C ILE A 47 44.77 -15.81 35.41
N LEU A 48 44.30 -14.57 35.49
CA LEU A 48 43.14 -14.10 34.73
C LEU A 48 43.59 -13.14 33.64
N GLY A 49 43.01 -13.30 32.45
CA GLY A 49 43.26 -12.38 31.35
C GLY A 49 42.18 -11.35 31.20
N GLY A 50 42.51 -10.26 30.52
CA GLY A 50 41.55 -9.19 30.30
C GLY A 50 41.91 -8.37 29.08
N LEU A 51 40.89 -7.73 28.51
CA LEU A 51 41.05 -6.91 27.31
C LEU A 51 40.17 -5.68 27.47
N PHE A 52 40.78 -4.49 27.49
CA PHE A 52 40.06 -3.25 27.71
C PHE A 52 40.47 -2.19 26.69
N PRO A 53 39.52 -1.36 26.23
CA PRO A 53 39.82 -0.32 25.23
C PRO A 53 40.34 0.99 25.82
N ILE A 54 41.64 1.02 26.13
CA ILE A 54 42.25 2.20 26.71
C ILE A 54 42.46 3.32 25.70
N HIS A 55 42.30 3.02 24.41
CA HIS A 55 42.35 4.03 23.36
C HIS A 55 41.16 3.85 22.43
N PHE A 56 40.75 4.95 21.79
CA PHE A 56 39.57 4.93 20.94
C PHE A 56 39.84 4.38 19.55
N GLY A 57 41.10 4.24 19.15
CA GLY A 57 41.42 3.75 17.83
C GLY A 57 42.84 4.11 17.46
N VAL A 58 43.27 3.55 16.34
CA VAL A 58 44.65 3.69 15.88
C VAL A 58 44.77 4.90 14.97
N ALA A 59 46.01 5.37 14.84
CA ALA A 59 46.32 6.51 13.96
C ALA A 59 46.37 5.98 12.52
N ALA A 60 45.19 5.90 11.90
CA ALA A 60 45.10 5.34 10.56
C ALA A 60 45.80 6.24 9.55
N LYS A 61 46.55 5.62 8.63
CA LYS A 61 47.29 6.34 7.62
C LYS A 61 47.57 5.40 6.47
N ASP A 62 47.85 5.99 5.31
CA ASP A 62 48.15 5.22 4.10
C ASP A 62 49.56 4.68 4.20
N GLN A 63 49.68 3.43 4.64
CA GLN A 63 50.99 2.80 4.85
C GLN A 63 51.40 2.09 3.55
N ASP A 64 52.13 2.80 2.70
CA ASP A 64 52.74 2.15 1.54
C ASP A 64 53.84 1.21 2.01
N LEU A 65 53.98 0.09 1.31
CA LEU A 65 54.94 -0.94 1.70
C LEU A 65 56.29 -0.74 1.03
N LYS A 66 56.83 0.48 1.15
CA LYS A 66 58.18 0.76 0.66
C LYS A 66 59.23 0.18 1.60
N SER A 67 58.98 0.20 2.90
CA SER A 67 59.89 -0.33 3.91
C SER A 67 59.13 -1.29 4.81
N ARG A 68 59.84 -1.92 5.73
CA ARG A 68 59.24 -2.87 6.64
C ARG A 68 58.17 -2.17 7.47
N PRO A 69 56.92 -2.66 7.48
CA PRO A 69 55.89 -2.04 8.33
C PRO A 69 56.26 -2.16 9.81
N GLU A 70 55.93 -1.12 10.56
CA GLU A 70 56.17 -1.05 11.99
C GLU A 70 54.86 -1.16 12.74
N SER A 71 54.96 -1.15 14.07
CA SER A 71 53.78 -1.18 14.90
C SER A 71 53.01 0.13 14.81
N VAL A 72 51.68 0.04 14.77
CA VAL A 72 50.85 1.22 14.74
C VAL A 72 50.59 1.71 16.16
N GLU A 73 50.23 2.99 16.29
CA GLU A 73 49.99 3.61 17.58
C GLU A 73 48.55 4.11 17.66
N CYS A 74 47.87 3.78 18.76
CA CYS A 74 46.54 4.30 19.00
C CYS A 74 46.64 5.65 19.72
N ILE A 75 45.62 6.49 19.53
CA ILE A 75 45.72 7.93 19.77
C ILE A 75 44.90 8.37 20.98
N ARG A 76 43.57 8.23 20.92
CA ARG A 76 42.68 8.94 21.84
C ARG A 76 42.43 8.12 23.09
N TYR A 77 42.81 8.66 24.24
CA TYR A 77 42.69 7.96 25.52
C TYR A 77 41.23 7.83 25.96
N ASN A 78 40.93 6.71 26.62
CA ASN A 78 39.57 6.35 27.04
C ASN A 78 39.53 6.18 28.56
N PHE A 79 39.09 7.23 29.25
CA PHE A 79 39.00 7.22 30.71
C PHE A 79 38.02 6.16 31.19
N ARG A 80 36.92 5.96 30.47
CA ARG A 80 35.96 4.92 30.83
C ARG A 80 36.58 3.54 30.75
N GLY A 81 37.38 3.28 29.71
CA GLY A 81 38.07 2.01 29.62
C GLY A 81 39.05 1.80 30.75
N PHE A 82 39.78 2.85 31.13
CA PHE A 82 40.66 2.72 32.28
C PHE A 82 39.89 2.42 33.55
N ARG A 83 38.71 3.03 33.72
CA ARG A 83 37.88 2.73 34.87
C ARG A 83 37.44 1.27 34.87
N TRP A 84 37.10 0.72 33.70
CA TRP A 84 36.72 -0.69 33.63
C TRP A 84 37.88 -1.58 34.05
N LEU A 85 39.09 -1.26 33.59
CA LEU A 85 40.27 -2.01 34.01
C LEU A 85 40.45 -1.96 35.52
N GLN A 86 40.25 -0.78 36.11
CA GLN A 86 40.36 -0.64 37.56
C GLN A 86 39.30 -1.45 38.29
N ALA A 87 38.10 -1.56 37.71
CA ALA A 87 37.06 -2.39 38.31
C ALA A 87 37.49 -3.86 38.35
N MET A 88 38.08 -4.35 37.26
CA MET A 88 38.58 -5.73 37.27
C MET A 88 39.66 -5.93 38.33
N ILE A 89 40.62 -5.00 38.40
CA ILE A 89 41.70 -5.13 39.37
C ILE A 89 41.15 -5.12 40.80
N PHE A 90 40.21 -4.21 41.08
CA PHE A 90 39.60 -4.13 42.40
C PHE A 90 38.88 -5.42 42.76
N ALA A 91 38.16 -6.01 41.81
CA ALA A 91 37.48 -7.27 42.08
C ALA A 91 38.48 -8.36 42.46
N ILE A 92 39.59 -8.45 41.72
CA ILE A 92 40.57 -9.51 42.04
C ILE A 92 41.19 -9.27 43.42
N GLU A 93 41.51 -8.01 43.75
CA GLU A 93 42.06 -7.72 45.07
C GLU A 93 41.07 -8.06 46.18
N GLU A 94 39.79 -7.75 45.97
CA GLU A 94 38.77 -8.10 46.95
C GLU A 94 38.69 -9.60 47.16
N ILE A 95 38.72 -10.36 46.06
CA ILE A 95 38.65 -11.82 46.18
C ILE A 95 39.86 -12.36 46.94
N ASN A 96 41.04 -11.82 46.65
CA ASN A 96 42.24 -12.26 47.36
C ASN A 96 42.16 -11.94 48.85
N SER A 97 41.61 -10.77 49.19
CA SER A 97 41.44 -10.43 50.60
C SER A 97 40.35 -11.25 51.28
N SER A 98 39.41 -11.80 50.52
CA SER A 98 38.33 -12.57 51.11
C SER A 98 38.84 -13.88 51.69
N PRO A 99 38.49 -14.22 52.93
CA PRO A 99 38.90 -15.51 53.51
C PRO A 99 37.94 -16.64 53.15
N ALA A 100 36.66 -16.30 52.93
CA ALA A 100 35.67 -17.33 52.63
C ALA A 100 35.82 -17.86 51.21
N LEU A 101 36.09 -16.97 50.26
CA LEU A 101 36.19 -17.34 48.85
C LEU A 101 37.64 -17.67 48.53
N LEU A 102 37.89 -18.94 48.20
CA LEU A 102 39.20 -19.45 47.78
C LEU A 102 40.29 -19.12 48.81
N PRO A 103 40.25 -19.70 50.01
CA PRO A 103 41.33 -19.45 50.98
C PRO A 103 42.60 -20.19 50.59
N ASN A 104 43.72 -19.66 51.06
CA ASN A 104 45.05 -20.22 50.78
C ASN A 104 45.28 -20.37 49.29
N LEU A 105 44.87 -19.37 48.52
CA LEU A 105 45.01 -19.37 47.07
C LEU A 105 44.97 -17.95 46.59
N THR A 106 45.89 -17.61 45.68
CA THR A 106 46.05 -16.25 45.19
C THR A 106 45.71 -16.19 43.70
N LEU A 107 45.01 -15.12 43.31
CA LEU A 107 44.65 -14.88 41.93
C LEU A 107 45.56 -13.80 41.34
N GLY A 108 46.00 -14.02 40.10
CA GLY A 108 46.79 -13.05 39.38
C GLY A 108 46.09 -12.63 38.10
N TYR A 109 46.66 -11.64 37.43
CA TYR A 109 46.04 -11.10 36.23
C TYR A 109 47.10 -10.73 35.20
N ARG A 110 46.65 -10.63 33.95
CA ARG A 110 47.51 -10.26 32.82
C ARG A 110 46.62 -9.52 31.82
N ILE A 111 46.66 -8.19 31.86
CA ILE A 111 45.67 -7.34 31.19
C ILE A 111 46.35 -6.54 30.08
N PHE A 112 45.70 -6.46 28.93
CA PHE A 112 46.22 -5.78 27.75
C PHE A 112 45.23 -4.75 27.24
N ASP A 113 45.68 -3.96 26.27
CA ASP A 113 44.90 -2.88 25.67
C ASP A 113 44.64 -3.19 24.21
N THR A 114 43.41 -2.95 23.76
CA THR A 114 42.99 -3.27 22.40
C THR A 114 43.01 -2.09 21.44
N CYS A 115 42.92 -0.85 21.94
CA CYS A 115 42.73 0.34 21.11
C CYS A 115 41.54 0.17 20.16
N ASN A 116 40.56 -0.63 20.57
CA ASN A 116 39.31 -0.86 19.86
C ASN A 116 39.51 -1.54 18.51
N THR A 117 40.64 -2.22 18.29
CA THR A 117 40.96 -2.82 17.01
C THR A 117 41.16 -4.32 17.15
N VAL A 118 40.90 -5.03 16.04
CA VAL A 118 41.05 -6.49 16.03
C VAL A 118 42.52 -6.86 16.06
N SER A 119 43.37 -6.09 15.37
CA SER A 119 44.79 -6.44 15.28
C SER A 119 45.47 -6.38 16.65
N LYS A 120 45.18 -5.36 17.44
CA LYS A 120 45.83 -5.22 18.75
C LYS A 120 45.28 -6.17 19.79
N ALA A 121 44.12 -6.77 19.54
CA ALA A 121 43.55 -7.74 20.47
C ALA A 121 44.00 -9.17 20.16
N LEU A 122 44.35 -9.46 18.92
CA LEU A 122 44.89 -10.77 18.58
C LEU A 122 46.36 -10.90 18.99
N GLU A 123 47.09 -9.80 19.02
CA GLU A 123 48.46 -9.84 19.55
C GLU A 123 48.45 -10.26 21.02
N ALA A 124 47.52 -9.72 21.80
CA ALA A 124 47.43 -10.07 23.21
C ALA A 124 46.91 -11.48 23.40
N THR A 125 45.94 -11.90 22.57
CA THR A 125 45.36 -13.23 22.70
C THR A 125 46.38 -14.31 22.38
N LEU A 126 47.38 -14.02 21.54
CA LEU A 126 48.38 -15.01 21.20
C LEU A 126 49.32 -15.30 22.36
N SER A 127 49.35 -14.44 23.38
CA SER A 127 50.09 -14.73 24.60
C SER A 127 49.25 -15.48 25.62
N PHE A 128 47.93 -15.33 25.57
CA PHE A 128 47.05 -16.07 26.47
C PHE A 128 47.11 -17.57 26.19
N VAL A 129 47.15 -17.97 24.92
CA VAL A 129 47.10 -19.37 24.54
C VAL A 129 48.48 -20.00 24.43
N ALA A 130 49.55 -19.23 24.58
CA ALA A 130 50.89 -19.78 24.51
C ALA A 130 51.29 -20.47 25.81
N PRO A 150 53.18 -19.06 32.87
CA PRO A 150 51.92 -19.39 33.54
C PRO A 150 50.74 -19.42 32.58
N SER A 151 49.97 -20.50 32.61
CA SER A 151 48.83 -20.64 31.72
C SER A 151 47.66 -19.78 32.18
N THR A 152 46.82 -19.40 31.21
CA THR A 152 45.63 -18.60 31.46
C THR A 152 44.43 -19.52 31.57
N ILE A 153 43.63 -19.32 32.61
CA ILE A 153 42.48 -20.17 32.89
C ILE A 153 41.18 -19.54 32.40
N ALA A 154 41.05 -18.22 32.49
CA ALA A 154 39.86 -17.54 31.98
C ALA A 154 40.26 -16.14 31.53
N VAL A 155 39.46 -15.58 30.63
CA VAL A 155 39.69 -14.25 30.07
C VAL A 155 38.42 -13.43 30.22
N VAL A 156 38.53 -12.25 30.81
CA VAL A 156 37.42 -11.31 30.85
C VAL A 156 37.34 -10.59 29.51
N GLY A 157 36.23 -10.76 28.80
CA GLY A 157 36.12 -10.48 27.39
C GLY A 157 36.33 -9.05 26.96
N ALA A 158 36.09 -8.76 25.68
CA ALA A 158 36.35 -7.46 25.11
C ALA A 158 35.09 -6.61 25.13
N THR A 159 35.14 -5.45 24.47
CA THR A 159 34.03 -4.52 24.38
C THR A 159 33.27 -4.64 23.06
N GLY A 160 33.97 -4.49 21.93
CA GLY A 160 33.31 -4.54 20.65
C GLY A 160 32.95 -5.95 20.23
N SER A 161 31.84 -6.07 19.51
CA SER A 161 31.33 -7.38 19.12
C SER A 161 32.25 -8.05 18.10
N GLY A 162 32.79 -7.29 17.15
CA GLY A 162 33.72 -7.88 16.19
C GLY A 162 35.02 -8.33 16.83
N VAL A 163 35.55 -7.52 17.75
CA VAL A 163 36.74 -7.91 18.50
C VAL A 163 36.48 -9.16 19.31
N SER A 164 35.31 -9.23 19.96
CA SER A 164 34.97 -10.42 20.74
C SER A 164 34.82 -11.65 19.86
N THR A 165 34.25 -11.49 18.67
CA THR A 165 34.13 -12.61 17.74
C THR A 165 35.52 -13.13 17.33
N ALA A 166 36.41 -12.22 16.96
CA ALA A 166 37.75 -12.63 16.55
C ALA A 166 38.50 -13.30 17.70
N VAL A 167 38.35 -12.78 18.91
CA VAL A 167 39.05 -13.36 20.06
C VAL A 167 38.46 -14.73 20.42
N ALA A 168 37.13 -14.85 20.37
CA ALA A 168 36.49 -16.10 20.73
C ALA A 168 36.81 -17.21 19.74
N ASN A 169 36.96 -16.88 18.45
CA ASN A 169 37.36 -17.89 17.48
C ASN A 169 38.65 -18.59 17.89
N LEU A 170 39.59 -17.83 18.45
CA LEU A 170 40.87 -18.41 18.86
C LEU A 170 40.81 -19.02 20.26
N LEU A 171 40.01 -18.44 21.15
CA LEU A 171 39.94 -18.95 22.52
C LEU A 171 39.16 -20.26 22.62
N GLY A 172 38.16 -20.46 21.76
CA GLY A 172 37.41 -21.69 21.79
C GLY A 172 38.16 -22.90 21.27
N LEU A 173 39.30 -22.67 20.61
CA LEU A 173 40.16 -23.78 20.20
C LEU A 173 40.69 -24.55 21.40
N PHE A 174 41.06 -23.82 22.46
CA PHE A 174 41.68 -24.41 23.63
C PHE A 174 40.72 -24.54 24.80
N TYR A 175 39.43 -24.31 24.57
CA TYR A 175 38.39 -24.41 25.61
C TYR A 175 38.71 -23.54 26.82
N ILE A 176 39.20 -22.33 26.57
CA ILE A 176 39.43 -21.35 27.61
C ILE A 176 38.16 -20.50 27.74
N PRO A 177 37.52 -20.48 28.91
CA PRO A 177 36.29 -19.68 29.05
C PRO A 177 36.55 -18.19 28.83
N GLN A 178 35.59 -17.54 28.19
CA GLN A 178 35.65 -16.11 27.93
C GLN A 178 34.34 -15.48 28.37
N VAL A 179 34.41 -14.55 29.32
CA VAL A 179 33.25 -13.85 29.85
C VAL A 179 33.34 -12.41 29.42
N SER A 180 32.49 -12.01 28.47
CA SER A 180 32.45 -10.63 28.01
C SER A 180 31.47 -9.83 28.85
N TYR A 181 31.73 -8.53 28.95
CA TYR A 181 30.92 -7.64 29.75
C TYR A 181 30.13 -6.62 28.94
N ALA A 182 30.41 -6.48 27.65
CA ALA A 182 29.75 -5.45 26.84
C ALA A 182 29.30 -5.90 25.47
N SER A 183 29.69 -7.08 24.98
CA SER A 183 29.31 -7.51 23.64
C SER A 183 27.90 -8.10 23.65
N SER A 184 27.00 -7.52 22.86
CA SER A 184 25.59 -7.88 22.90
C SER A 184 25.06 -8.35 21.55
N SER A 185 25.94 -8.68 20.62
CA SER A 185 25.51 -9.22 19.33
C SER A 185 24.84 -10.57 19.51
N ARG A 186 23.74 -10.78 18.79
CA ARG A 186 23.05 -12.07 18.84
C ARG A 186 23.79 -13.16 18.08
N LEU A 187 24.81 -12.81 17.28
CA LEU A 187 25.58 -13.83 16.58
C LEU A 187 26.46 -14.62 17.54
N LEU A 188 26.86 -14.02 18.66
CA LEU A 188 27.68 -14.70 19.65
C LEU A 188 26.89 -15.66 20.52
N SER A 189 25.60 -15.83 20.26
CA SER A 189 24.73 -16.62 21.12
C SER A 189 24.51 -18.05 20.63
N ASN A 190 25.16 -18.46 19.54
CA ASN A 190 25.06 -19.82 19.05
C ASN A 190 26.31 -20.60 19.43
N LYS A 191 26.11 -21.79 19.98
CA LYS A 191 27.17 -22.56 20.63
C LYS A 191 27.84 -23.56 19.72
N ASN A 192 27.47 -23.61 18.43
CA ASN A 192 28.21 -24.46 17.50
C ASN A 192 29.55 -23.83 17.14
N GLN A 193 29.58 -22.51 16.96
CA GLN A 193 30.81 -21.81 16.58
C GLN A 193 31.58 -21.27 17.77
N PHE A 194 30.90 -20.91 18.86
CA PHE A 194 31.52 -20.32 20.04
C PHE A 194 31.27 -21.24 21.22
N LYS A 195 32.23 -22.13 21.51
CA LYS A 195 32.05 -23.17 22.52
C LYS A 195 32.25 -22.68 23.94
N SER A 196 32.96 -21.58 24.15
CA SER A 196 33.32 -21.15 25.49
C SER A 196 33.09 -19.65 25.68
N PHE A 197 31.99 -19.12 25.14
CA PHE A 197 31.66 -17.72 25.30
C PHE A 197 30.47 -17.57 26.25
N LEU A 198 30.62 -16.70 27.24
CA LEU A 198 29.54 -16.30 28.13
C LEU A 198 29.59 -14.79 28.28
N ARG A 199 28.45 -14.20 28.65
CA ARG A 199 28.39 -12.76 28.80
C ARG A 199 27.52 -12.40 29.99
N THR A 200 27.88 -11.29 30.64
CA THR A 200 27.10 -10.73 31.74
C THR A 200 26.18 -9.60 31.28
N ILE A 201 25.88 -9.55 29.98
CA ILE A 201 25.02 -8.53 29.40
C ILE A 201 24.02 -9.23 28.48
N PRO A 202 22.78 -8.76 28.37
CA PRO A 202 21.84 -9.37 27.43
C PRO A 202 22.12 -8.94 25.99
N ASN A 203 21.57 -9.72 25.06
CA ASN A 203 21.73 -9.43 23.64
C ASN A 203 20.60 -8.55 23.13
N ASP A 204 20.76 -8.08 21.89
CA ASP A 204 20.06 -6.91 21.37
C ASP A 204 18.66 -7.18 20.83
N GLU A 205 18.18 -8.43 20.84
CA GLU A 205 16.84 -8.70 20.35
C GLU A 205 15.80 -7.94 21.17
N HIS A 206 15.96 -7.93 22.49
CA HIS A 206 15.04 -7.20 23.35
C HIS A 206 15.10 -5.71 23.07
N GLN A 207 16.30 -5.18 22.82
CA GLN A 207 16.43 -3.75 22.54
C GLN A 207 15.76 -3.35 21.23
N ALA A 208 15.90 -4.17 20.19
CA ALA A 208 15.22 -3.88 18.94
C ALA A 208 13.70 -3.96 19.09
N THR A 209 13.22 -4.98 19.80
CA THR A 209 11.79 -5.09 20.06
C THR A 209 11.28 -3.89 20.86
N ALA A 210 12.09 -3.40 21.80
CA ALA A 210 11.72 -2.24 22.59
C ALA A 210 11.68 -0.98 21.73
N MET A 211 12.60 -0.85 20.78
CA MET A 211 12.57 0.29 19.86
C MET A 211 11.30 0.28 19.04
N ALA A 212 10.91 -0.87 18.52
CA ALA A 212 9.64 -0.98 17.80
C ALA A 212 8.45 -0.66 18.71
N ASP A 213 8.51 -1.13 19.96
CA ASP A 213 7.44 -0.84 20.91
C ASP A 213 7.30 0.65 21.16
N ILE A 214 8.41 1.36 21.33
CA ILE A 214 8.37 2.80 21.57
C ILE A 214 7.81 3.52 20.35
N ILE A 215 8.25 3.14 19.16
CA ILE A 215 7.74 3.78 17.94
C ILE A 215 6.24 3.60 17.84
N GLU A 216 5.77 2.37 18.06
CA GLU A 216 4.32 2.10 17.99
C GLU A 216 3.56 2.84 19.07
N TYR A 217 4.16 2.98 20.25
CA TYR A 217 3.48 3.62 21.38
C TYR A 217 3.33 5.12 21.16
N PHE A 218 4.29 5.77 20.49
CA PHE A 218 4.18 7.20 20.24
C PHE A 218 3.39 7.53 18.97
N ARG A 219 2.88 6.52 18.27
CA ARG A 219 2.03 6.70 17.08
C ARG A 219 2.77 7.43 15.97
N TRP A 220 3.87 6.82 15.54
CA TRP A 220 4.64 7.27 14.37
C TRP A 220 4.65 6.15 13.34
N ASN A 221 4.66 6.53 12.06
CA ASN A 221 4.72 5.54 10.99
C ASN A 221 5.60 6.01 9.85
N TRP A 222 6.62 6.83 10.14
CA TRP A 222 7.49 7.33 9.08
C TRP A 222 8.85 7.64 9.72
N VAL A 223 9.80 6.70 9.57
CA VAL A 223 11.10 6.79 10.22
C VAL A 223 12.20 6.42 9.23
N GLY A 224 13.43 6.80 9.59
CA GLY A 224 14.61 6.31 8.91
C GLY A 224 15.57 5.69 9.91
N THR A 225 16.53 4.93 9.40
CA THR A 225 17.47 4.21 10.26
C THR A 225 18.91 4.46 9.80
N ILE A 226 19.82 4.43 10.77
CA ILE A 226 21.26 4.54 10.52
C ILE A 226 21.97 3.52 11.40
N ALA A 227 22.94 2.81 10.84
CA ALA A 227 23.63 1.74 11.54
C ALA A 227 25.13 1.85 11.32
N ALA A 228 25.88 1.13 12.15
CA ALA A 228 27.32 1.02 12.03
C ALA A 228 27.67 -0.29 11.33
N ASP A 229 28.61 -0.23 10.40
CA ASP A 229 28.96 -1.38 9.55
C ASP A 229 29.89 -2.32 10.30
N ASP A 230 29.35 -2.94 11.35
CA ASP A 230 30.07 -3.94 12.13
C ASP A 230 29.09 -5.00 12.59
N ASP A 231 29.57 -5.90 13.44
CA ASP A 231 28.75 -7.00 13.94
C ASP A 231 27.75 -6.57 15.01
N TYR A 232 27.69 -5.28 15.32
CA TYR A 232 26.75 -4.75 16.29
C TYR A 232 25.55 -4.09 15.63
N GLY A 233 25.78 -3.23 14.64
CA GLY A 233 24.69 -2.46 14.06
C GLY A 233 23.82 -3.26 13.11
N ARG A 234 24.42 -4.09 12.26
CA ARG A 234 23.66 -4.75 11.21
C ARG A 234 22.62 -5.74 11.74
N PRO A 235 22.95 -6.71 12.59
CA PRO A 235 21.89 -7.62 13.08
C PRO A 235 20.84 -6.92 13.93
N GLY A 236 21.24 -5.90 14.70
CA GLY A 236 20.26 -5.15 15.47
C GLY A 236 19.27 -4.41 14.60
N ILE A 237 19.77 -3.75 13.55
CA ILE A 237 18.88 -3.05 12.62
C ILE A 237 18.01 -4.05 11.86
N GLU A 238 18.52 -5.25 11.59
CA GLU A 238 17.68 -6.23 10.90
C GLU A 238 16.55 -6.72 11.78
N LYS A 239 16.83 -6.98 13.06
CA LYS A 239 15.77 -7.35 13.99
C LYS A 239 14.75 -6.22 14.11
N PHE A 240 15.23 -4.97 14.17
CA PHE A 240 14.30 -3.84 14.23
C PHE A 240 13.43 -3.76 12.98
N ARG A 241 14.02 -4.00 11.81
CA ARG A 241 13.26 -3.94 10.57
C ARG A 241 12.15 -5.00 10.55
N GLU A 242 12.48 -6.22 10.99
CA GLU A 242 11.46 -7.26 11.05
C GLU A 242 10.35 -6.88 12.03
N GLU A 243 10.72 -6.39 13.22
CA GLU A 243 9.71 -6.01 14.21
C GLU A 243 8.82 -4.88 13.70
N ALA A 244 9.42 -3.89 13.03
CA ALA A 244 8.66 -2.74 12.53
C ALA A 244 7.74 -3.14 11.39
N GLU A 245 8.17 -4.05 10.53
CA GLU A 245 7.27 -4.57 9.50
C GLU A 245 6.12 -5.34 10.13
N GLU A 246 6.39 -6.07 11.21
CA GLU A 246 5.31 -6.75 11.91
C GLU A 246 4.31 -5.76 12.50
N ARG A 247 4.81 -4.66 13.08
CA ARG A 247 3.96 -3.66 13.72
C ARG A 247 3.45 -2.59 12.76
N ASP A 248 3.65 -2.78 11.45
CA ASP A 248 3.14 -1.87 10.42
C ASP A 248 3.73 -0.47 10.54
N ILE A 249 5.06 -0.41 10.59
CA ILE A 249 5.78 0.86 10.63
C ILE A 249 6.62 0.96 9.35
N CYS A 250 6.82 2.19 8.90
CA CYS A 250 7.42 2.47 7.61
C CYS A 250 8.83 2.98 7.80
N ILE A 251 9.76 2.54 6.95
CA ILE A 251 11.14 3.00 7.00
C ILE A 251 11.44 3.68 5.67
N ASP A 252 11.87 4.95 5.75
CA ASP A 252 12.13 5.74 4.56
C ASP A 252 13.52 5.46 3.98
N PHE A 253 14.56 5.65 4.78
CA PHE A 253 15.93 5.42 4.34
C PHE A 253 16.65 4.54 5.37
N SER A 254 17.80 4.02 4.96
CA SER A 254 18.61 3.17 5.84
C SER A 254 20.04 3.22 5.32
N GLU A 255 20.94 3.82 6.10
CA GLU A 255 22.31 4.06 5.69
C GLU A 255 23.29 3.43 6.68
N LEU A 256 24.54 3.31 6.25
CA LEU A 256 25.61 2.75 7.05
C LEU A 256 26.71 3.78 7.21
N ILE A 257 27.32 3.82 8.40
CA ILE A 257 28.39 4.75 8.73
C ILE A 257 29.52 3.98 9.38
N SER A 258 30.71 4.58 9.37
CA SER A 258 31.88 3.98 9.99
C SER A 258 32.82 5.07 10.45
N GLN A 259 33.69 4.72 11.40
CA GLN A 259 34.67 5.67 11.90
C GLN A 259 35.66 6.09 10.82
N TYR A 260 35.92 5.21 9.86
CA TYR A 260 36.88 5.47 8.80
C TYR A 260 36.20 5.64 7.44
N SER A 261 35.00 6.20 7.45
CA SER A 261 34.30 6.54 6.22
C SER A 261 34.89 7.81 5.60
N ASP A 262 34.66 7.99 4.31
CA ASP A 262 35.24 9.07 3.56
C ASP A 262 34.29 10.26 3.44
N GLU A 263 34.85 11.36 2.92
CA GLU A 263 34.10 12.61 2.80
C GLU A 263 32.90 12.45 1.89
N GLU A 264 33.08 11.77 0.75
CA GLU A 264 31.97 11.59 -0.18
C GLU A 264 30.84 10.81 0.46
N GLU A 265 31.17 9.73 1.19
CA GLU A 265 30.14 8.95 1.86
C GLU A 265 29.42 9.76 2.93
N ILE A 266 30.16 10.56 3.70
CA ILE A 266 29.53 11.36 4.75
C ILE A 266 28.58 12.38 4.15
N GLN A 267 29.02 13.08 3.10
CA GLN A 267 28.14 14.06 2.45
C GLN A 267 26.94 13.38 1.79
N HIS A 268 27.12 12.18 1.25
CA HIS A 268 25.99 11.46 0.66
C HIS A 268 24.95 11.10 1.73
N VAL A 269 25.40 10.62 2.88
CA VAL A 269 24.47 10.28 3.96
C VAL A 269 23.76 11.54 4.47
N VAL A 270 24.51 12.64 4.60
CA VAL A 270 23.90 13.90 5.04
C VAL A 270 22.85 14.36 4.04
N GLU A 271 23.14 14.22 2.75
CA GLU A 271 22.17 14.63 1.74
C GLU A 271 20.94 13.73 1.74
N VAL A 272 21.10 12.43 2.02
CA VAL A 272 19.95 11.56 2.16
C VAL A 272 19.07 12.01 3.33
N ILE A 273 19.70 12.32 4.47
CA ILE A 273 18.93 12.79 5.62
C ILE A 273 18.19 14.08 5.29
N GLN A 274 18.86 15.01 4.61
CA GLN A 274 18.22 16.28 4.29
C GLN A 274 17.12 16.13 3.24
N ASN A 275 17.29 15.21 2.29
CA ASN A 275 16.26 14.98 1.28
C ASN A 275 15.03 14.32 1.86
N SER A 276 15.20 13.43 2.84
CA SER A 276 14.05 12.75 3.40
C SER A 276 13.19 13.71 4.21
N THR A 277 11.94 13.30 4.43
CA THR A 277 10.96 14.10 5.15
C THR A 277 10.60 13.54 6.51
N ALA A 278 11.10 12.34 6.85
CA ALA A 278 10.88 11.78 8.17
C ALA A 278 11.68 12.56 9.22
N LYS A 279 11.23 12.47 10.46
CA LYS A 279 11.88 13.17 11.56
C LYS A 279 12.54 12.24 12.58
N VAL A 280 12.03 11.04 12.76
CA VAL A 280 12.54 10.10 13.75
C VAL A 280 13.58 9.21 13.10
N ILE A 281 14.77 9.12 13.70
CA ILE A 281 15.88 8.35 13.17
C ILE A 281 16.34 7.38 14.23
N VAL A 282 16.35 6.08 13.89
CA VAL A 282 16.78 5.02 14.81
C VAL A 282 18.23 4.68 14.48
N VAL A 283 19.11 4.80 15.45
CA VAL A 283 20.55 4.65 15.26
C VAL A 283 21.06 3.50 16.11
N PHE A 284 21.78 2.56 15.47
CA PHE A 284 22.40 1.41 16.19
C PHE A 284 23.91 1.48 15.95
N SER A 285 24.64 2.22 16.78
CA SER A 285 26.07 2.42 16.61
C SER A 285 26.69 2.85 17.93
N SER A 286 27.99 3.14 17.89
CA SER A 286 28.74 3.64 19.02
C SER A 286 29.28 5.04 18.72
N GLY A 287 29.81 5.68 19.75
CA GLY A 287 30.29 7.04 19.66
C GLY A 287 31.42 7.26 18.67
N PRO A 288 32.45 6.41 18.72
CA PRO A 288 33.52 6.53 17.70
C PRO A 288 33.01 6.38 16.28
N ASP A 289 32.07 5.47 16.02
CA ASP A 289 31.56 5.28 14.67
C ASP A 289 30.53 6.32 14.27
N LEU A 290 29.99 7.07 15.23
CA LEU A 290 28.97 8.08 14.95
C LEU A 290 29.50 9.50 14.92
N GLU A 291 30.69 9.75 15.47
CA GLU A 291 31.20 11.12 15.59
C GLU A 291 31.31 11.87 14.26
N PRO A 292 31.90 11.32 13.20
CA PRO A 292 32.09 12.14 11.98
C PRO A 292 30.80 12.64 11.37
N LEU A 293 29.78 11.79 11.26
CA LEU A 293 28.50 12.21 10.69
C LEU A 293 27.86 13.28 11.55
N ILE A 294 27.94 13.15 12.87
CA ILE A 294 27.36 14.15 13.77
C ILE A 294 28.06 15.49 13.58
N LYS A 295 29.39 15.48 13.49
CA LYS A 295 30.11 16.73 13.28
C LYS A 295 29.75 17.37 11.94
N GLU A 296 29.60 16.56 10.89
CA GLU A 296 29.24 17.12 9.59
C GLU A 296 27.83 17.72 9.63
N ILE A 297 26.89 17.04 10.28
CA ILE A 297 25.54 17.55 10.40
C ILE A 297 25.53 18.84 11.23
N VAL A 298 26.37 18.90 12.26
CA VAL A 298 26.46 20.11 13.07
C VAL A 298 27.00 21.27 12.23
N ARG A 299 27.98 21.00 11.38
CA ARG A 299 28.50 22.04 10.50
C ARG A 299 27.44 22.53 9.53
N ARG A 300 26.63 21.63 8.99
CA ARG A 300 25.59 22.03 8.04
C ARG A 300 24.30 22.50 8.68
N ASN A 301 24.18 22.42 10.01
CA ASN A 301 23.05 22.99 10.76
C ASN A 301 21.73 22.40 10.26
N ILE A 302 21.55 21.11 10.54
CA ILE A 302 20.30 20.41 10.29
C ILE A 302 19.62 20.18 11.64
N THR A 303 18.58 20.95 11.91
CA THR A 303 17.90 20.92 13.20
C THR A 303 16.47 20.43 13.02
N GLY A 304 15.95 19.80 14.08
CA GLY A 304 14.59 19.35 14.09
C GLY A 304 14.36 17.86 13.88
N LYS A 305 15.31 17.01 14.28
CA LYS A 305 15.17 15.57 14.16
C LYS A 305 15.07 14.93 15.55
N ILE A 306 14.47 13.75 15.59
CA ILE A 306 14.29 12.99 16.82
C ILE A 306 15.19 11.77 16.74
N TRP A 307 16.06 11.62 17.73
CA TRP A 307 17.07 10.57 17.74
C TRP A 307 16.69 9.51 18.76
N LEU A 308 16.69 8.25 18.33
CA LEU A 308 16.46 7.10 19.19
C LEU A 308 17.75 6.28 19.25
N ALA A 309 18.41 6.32 20.40
CA ALA A 309 19.76 5.82 20.55
C ALA A 309 19.79 4.47 21.25
N SER A 310 20.66 3.58 20.77
CA SER A 310 20.94 2.34 21.46
C SER A 310 21.95 2.59 22.58
N GLU A 311 22.12 1.58 23.44
CA GLU A 311 22.86 1.78 24.68
C GLU A 311 24.35 2.06 24.45
N ALA A 312 24.87 1.79 23.25
CA ALA A 312 26.30 2.01 23.01
C ALA A 312 26.65 3.50 23.02
N TRP A 313 25.82 4.35 22.41
CA TRP A 313 26.07 5.78 22.38
C TRP A 313 25.01 6.59 23.09
N ALA A 314 24.08 5.94 23.80
CA ALA A 314 23.06 6.70 24.52
C ALA A 314 23.66 7.52 25.65
N SER A 315 24.79 7.10 26.21
CA SER A 315 25.47 7.83 27.26
C SER A 315 26.91 8.19 26.87
N SER A 316 27.23 8.15 25.59
CA SER A 316 28.59 8.42 25.15
C SER A 316 28.93 9.90 25.32
N SER A 317 30.12 10.15 25.86
CA SER A 317 30.60 11.52 26.06
C SER A 317 31.20 12.13 24.80
N LEU A 318 31.42 11.33 23.75
CA LEU A 318 31.91 11.87 22.50
C LEU A 318 30.85 12.71 21.79
N ILE A 319 29.58 12.33 21.93
CA ILE A 319 28.50 12.96 21.18
C ILE A 319 27.79 13.97 22.05
N ALA A 320 27.73 13.70 23.36
CA ALA A 320 26.99 14.57 24.30
C ALA A 320 27.87 15.77 24.65
N MET A 321 27.81 16.78 23.79
CA MET A 321 28.58 18.00 23.97
C MET A 321 27.68 19.22 23.79
N PRO A 322 27.98 20.30 24.51
CA PRO A 322 27.12 21.49 24.44
C PRO A 322 27.03 22.10 23.06
N GLN A 323 28.12 22.06 22.28
CA GLN A 323 28.07 22.59 20.93
C GLN A 323 27.10 21.82 20.05
N TYR A 324 27.08 20.49 20.19
CA TYR A 324 26.19 19.65 19.40
C TYR A 324 24.79 19.56 19.97
N PHE A 325 24.56 20.10 21.17
CA PHE A 325 23.25 20.02 21.78
C PHE A 325 22.15 20.57 20.88
N HIS A 326 22.46 21.57 20.04
CA HIS A 326 21.45 22.13 19.15
C HIS A 326 21.09 21.20 18.00
N VAL A 327 21.74 20.05 17.86
CA VAL A 327 21.38 19.08 16.84
C VAL A 327 20.92 17.77 17.48
N VAL A 328 21.50 17.43 18.63
CA VAL A 328 21.20 16.13 19.25
C VAL A 328 20.52 16.28 20.61
N GLY A 329 19.91 17.43 20.88
CA GLY A 329 19.18 17.58 22.13
C GLY A 329 17.86 16.85 22.10
N GLY A 330 17.40 16.46 23.28
CA GLY A 330 16.19 15.66 23.39
C GLY A 330 16.31 14.27 22.80
N THR A 331 17.42 13.58 23.08
CA THR A 331 17.65 12.23 22.57
C THR A 331 17.08 11.21 23.56
N ILE A 332 16.38 10.21 23.03
CA ILE A 332 15.77 9.15 23.82
C ILE A 332 16.58 7.87 23.60
N GLY A 333 17.06 7.27 24.68
CA GLY A 333 18.01 6.19 24.60
C GLY A 333 17.77 5.11 25.64
N PHE A 334 18.63 4.10 25.59
CA PHE A 334 18.55 2.95 26.47
C PHE A 334 19.79 2.87 27.36
N ALA A 335 19.61 2.33 28.56
CA ALA A 335 20.70 2.12 29.49
C ALA A 335 20.41 0.88 30.31
N LEU A 336 21.48 0.16 30.66
CA LEU A 336 21.33 -1.05 31.44
C LEU A 336 21.12 -0.72 32.91
N LYS A 337 20.82 -1.75 33.70
CA LYS A 337 20.64 -1.58 35.13
C LYS A 337 21.97 -1.24 35.79
N ALA A 338 21.91 -0.34 36.77
CA ALA A 338 23.10 0.10 37.49
C ALA A 338 23.34 -0.77 38.71
N GLY A 339 24.62 -1.02 39.01
CA GLY A 339 25.02 -1.77 40.18
C GLY A 339 25.64 -0.88 41.24
N GLN A 340 25.96 -1.52 42.38
CA GLN A 340 26.55 -0.84 43.51
C GLN A 340 27.79 -1.60 43.96
N ILE A 341 28.94 -0.94 43.93
CA ILE A 341 30.19 -1.52 44.45
C ILE A 341 30.70 -0.60 45.55
N PRO A 342 30.60 -1.02 46.82
CA PRO A 342 30.79 -0.07 47.93
C PRO A 342 32.15 0.61 47.99
N GLY A 343 33.24 -0.08 47.67
CA GLY A 343 34.55 0.50 47.87
C GLY A 343 35.31 0.84 46.61
N PHE A 344 34.63 1.41 45.62
CA PHE A 344 35.21 1.62 44.30
C PHE A 344 35.74 3.04 44.07
N ARG A 345 35.08 4.07 44.58
CA ARG A 345 35.50 5.43 44.31
C ARG A 345 36.84 5.76 44.98
N GLU A 346 37.03 5.31 46.22
CA GLU A 346 38.31 5.52 46.89
C GLU A 346 39.43 4.79 46.16
N PHE A 347 39.17 3.56 45.72
CA PHE A 347 40.16 2.81 44.97
C PHE A 347 40.53 3.53 43.69
N LEU A 348 39.53 4.09 42.99
CA LEU A 348 39.81 4.87 41.78
C LEU A 348 40.67 6.10 42.11
N LYS A 349 40.35 6.77 43.22
CA LYS A 349 41.12 7.94 43.61
C LYS A 349 42.51 7.61 44.12
N LYS A 350 42.81 6.34 44.36
CA LYS A 350 44.12 5.95 44.86
C LYS A 350 45.14 5.63 43.76
N VAL A 351 44.89 6.06 42.53
CA VAL A 351 45.82 5.79 41.44
C VAL A 351 47.02 6.72 41.54
N HIS A 352 48.18 6.23 41.07
CA HIS A 352 49.45 6.95 41.18
C HIS A 352 50.47 6.38 40.22
N PRO A 353 51.21 7.22 39.48
CA PRO A 353 52.17 6.68 38.50
C PRO A 353 53.40 6.03 39.11
N ARG A 354 53.60 6.11 40.43
CA ARG A 354 54.72 5.46 41.10
C ARG A 354 54.28 4.39 42.08
N LYS A 355 53.23 4.64 42.86
CA LYS A 355 52.75 3.65 43.80
C LYS A 355 52.10 2.46 43.08
N SER A 356 51.62 2.67 41.86
CA SER A 356 51.01 1.58 41.08
C SER A 356 52.09 0.96 40.20
N VAL A 357 52.91 0.12 40.83
CA VAL A 357 53.98 -0.56 40.12
C VAL A 357 53.42 -1.58 39.13
N HIS A 358 52.36 -2.30 39.53
CA HIS A 358 51.79 -3.35 38.70
C HIS A 358 50.97 -2.82 37.53
N ASN A 359 50.65 -1.53 37.51
CA ASN A 359 49.84 -0.93 36.45
C ASN A 359 50.77 -0.20 35.48
N GLY A 360 50.71 -0.57 34.21
CA GLY A 360 51.57 0.03 33.21
C GLY A 360 50.98 1.23 32.51
N PHE A 361 49.64 1.33 32.50
CA PHE A 361 48.96 2.42 31.85
C PHE A 361 48.83 3.65 32.73
N ALA A 362 49.28 3.58 33.98
CA ALA A 362 49.11 4.68 34.92
C ALA A 362 49.91 5.91 34.50
N LYS A 363 51.11 5.73 33.95
CA LYS A 363 51.92 6.87 33.55
C LYS A 363 51.26 7.65 32.41
N GLU A 364 50.81 6.94 31.37
CA GLU A 364 50.13 7.61 30.27
C GLU A 364 48.80 8.22 30.73
N PHE A 365 48.10 7.53 31.64
CA PHE A 365 46.89 8.10 32.23
C PHE A 365 47.17 9.43 32.90
N TRP A 366 48.24 9.49 33.69
CA TRP A 366 48.64 10.72 34.36
C TRP A 366 48.97 11.81 33.36
N GLU A 367 49.73 11.47 32.32
CA GLU A 367 50.15 12.45 31.33
C GLU A 367 48.95 13.04 30.60
N GLU A 368 48.00 12.19 30.20
CA GLU A 368 46.80 12.68 29.52
C GLU A 368 45.91 13.47 30.48
N THR A 369 45.91 13.13 31.77
CA THR A 369 45.03 13.82 32.71
C THR A 369 45.55 15.21 33.03
N PHE A 370 46.86 15.36 33.23
CA PHE A 370 47.42 16.61 33.71
C PHE A 370 48.22 17.38 32.67
N ASN A 371 48.23 16.91 31.42
CA ASN A 371 48.89 17.62 30.32
C ASN A 371 50.35 17.92 30.65
N CYS A 372 51.11 16.87 30.95
CA CYS A 372 52.49 17.03 31.37
C CYS A 372 53.31 15.85 30.85
N HIS A 373 54.54 15.73 31.36
CA HIS A 373 55.47 14.69 30.93
C HIS A 373 56.08 14.02 32.16
N LEU A 374 56.37 12.73 32.02
CA LEU A 374 56.99 11.96 33.09
C LEU A 374 58.46 11.68 32.78
N PHE A 405 55.33 22.69 24.37
CA PHE A 405 56.10 21.83 25.26
C PHE A 405 55.32 21.52 26.53
N ARG A 406 55.06 20.24 26.77
CA ARG A 406 54.35 19.84 27.98
C ARG A 406 55.28 19.95 29.17
N PRO A 407 54.93 20.73 30.20
CA PRO A 407 55.85 20.95 31.31
C PRO A 407 56.00 19.71 32.19
N LEU A 408 57.08 19.70 32.96
CA LEU A 408 57.27 18.67 33.95
C LEU A 408 56.24 18.81 35.07
N CYS A 409 55.94 17.69 35.72
CA CYS A 409 54.91 17.66 36.74
C CYS A 409 55.42 16.90 37.96
N THR A 410 54.65 16.97 39.04
CA THR A 410 54.96 16.29 40.28
C THR A 410 53.90 15.23 40.54
N GLY A 411 54.34 14.04 40.94
CA GLY A 411 53.40 12.97 41.24
C GLY A 411 52.67 13.18 42.55
N ASP A 412 52.19 14.41 42.78
CA ASP A 412 51.46 14.73 44.00
C ASP A 412 50.25 15.61 43.74
N GLU A 413 49.84 15.78 42.49
CA GLU A 413 48.68 16.60 42.17
C GLU A 413 47.41 15.91 42.65
N ASN A 414 46.28 16.58 42.46
CA ASN A 414 44.98 16.08 42.87
C ASN A 414 44.20 15.61 41.65
N ILE A 415 43.65 14.40 41.73
CA ILE A 415 42.83 13.87 40.64
C ILE A 415 41.40 14.35 40.69
N SER A 416 40.99 14.99 41.79
CA SER A 416 39.64 15.53 41.91
C SER A 416 39.51 16.92 41.30
N SER A 417 40.61 17.53 40.87
CA SER A 417 40.59 18.89 40.33
C SER A 417 40.49 18.94 38.82
N VAL A 418 40.37 17.80 38.15
CA VAL A 418 40.28 17.72 36.69
C VAL A 418 38.99 17.01 36.34
N GLU A 419 38.28 17.51 35.33
CA GLU A 419 36.97 16.97 34.94
C GLU A 419 37.15 16.03 33.76
N THR A 420 37.24 14.74 34.06
CA THR A 420 37.33 13.67 33.07
C THR A 420 36.33 12.58 33.44
N PRO A 421 35.91 11.76 32.48
CA PRO A 421 34.94 10.69 32.79
C PRO A 421 35.48 9.64 33.76
N TYR A 422 36.71 9.83 34.25
CA TYR A 422 37.32 8.83 35.11
C TYR A 422 36.55 8.65 36.40
N ILE A 423 36.50 9.68 37.23
CA ILE A 423 35.84 9.53 38.56
C ILE A 423 34.46 10.21 38.53
N ASP A 424 34.18 10.96 37.48
CA ASP A 424 32.88 11.68 37.37
C ASP A 424 31.84 10.75 36.76
N TYR A 425 30.88 10.27 37.57
CA TYR A 425 29.82 9.35 37.07
C TYR A 425 28.69 9.24 38.09
N THR A 426 27.49 8.85 37.64
CA THR A 426 26.39 8.60 38.55
C THR A 426 26.04 7.13 38.72
N HIS A 427 26.23 6.32 37.69
CA HIS A 427 25.85 4.91 37.74
C HIS A 427 26.91 4.06 37.07
N LEU A 428 27.21 2.91 37.68
CA LEU A 428 28.13 1.94 37.12
C LEU A 428 27.33 0.80 36.51
N ARG A 429 27.46 0.61 35.20
CA ARG A 429 26.78 -0.47 34.50
C ARG A 429 27.75 -1.47 33.89
N ILE A 430 28.63 -1.03 32.99
CA ILE A 430 29.64 -1.92 32.46
C ILE A 430 30.69 -2.24 33.51
N SER A 431 30.96 -1.31 34.43
CA SER A 431 31.84 -1.60 35.56
C SER A 431 31.26 -2.71 36.43
N TYR A 432 29.95 -2.66 36.68
CA TYR A 432 29.32 -3.73 37.42
C TYR A 432 29.35 -5.05 36.65
N ASN A 433 29.24 -4.99 35.32
CA ASN A 433 29.37 -6.22 34.53
C ASN A 433 30.78 -6.82 34.66
N VAL A 434 31.81 -5.97 34.68
CA VAL A 434 33.18 -6.46 34.86
C VAL A 434 33.32 -7.12 36.21
N TYR A 435 32.80 -6.47 37.25
CA TYR A 435 32.79 -7.01 38.60
C TYR A 435 32.13 -8.39 38.63
N LEU A 436 30.97 -8.51 37.99
CA LEU A 436 30.22 -9.75 37.98
C LEU A 436 30.96 -10.86 37.25
N ALA A 437 31.62 -10.52 36.13
CA ALA A 437 32.39 -11.54 35.41
C ALA A 437 33.52 -12.10 36.28
N VAL A 438 34.26 -11.21 36.93
CA VAL A 438 35.35 -11.67 37.80
C VAL A 438 34.81 -12.57 38.92
N TYR A 439 33.73 -12.13 39.56
CA TYR A 439 33.19 -12.91 40.67
C TYR A 439 32.58 -14.23 40.21
N SER A 440 32.05 -14.29 38.99
CA SER A 440 31.51 -15.55 38.50
C SER A 440 32.62 -16.56 38.24
N ILE A 441 33.74 -16.11 37.68
CA ILE A 441 34.89 -17.01 37.53
C ILE A 441 35.36 -17.49 38.91
N ALA A 442 35.39 -16.59 39.89
CA ALA A 442 35.81 -16.99 41.23
C ALA A 442 34.87 -18.03 41.84
N HIS A 443 33.56 -17.86 41.65
CA HIS A 443 32.61 -18.81 42.24
C HIS A 443 32.68 -20.17 41.55
N ALA A 444 32.92 -20.19 40.24
CA ALA A 444 33.14 -21.47 39.57
C ALA A 444 34.38 -22.17 40.14
N LEU A 445 35.46 -21.41 40.35
CA LEU A 445 36.66 -22.00 40.93
C LEU A 445 36.39 -22.56 42.33
N GLN A 446 35.63 -21.82 43.14
CA GLN A 446 35.33 -22.29 44.48
C GLN A 446 34.46 -23.55 44.45
N ASP A 447 33.52 -23.62 43.51
CA ASP A 447 32.73 -24.85 43.35
C ASP A 447 33.62 -26.02 42.96
N ILE A 448 34.65 -25.78 42.15
CA ILE A 448 35.64 -26.83 41.90
C ILE A 448 36.34 -27.21 43.20
N TYR A 449 36.70 -26.21 44.01
CA TYR A 449 37.50 -26.48 45.20
C TYR A 449 36.75 -27.34 46.20
N THR A 450 35.52 -26.97 46.52
CA THR A 450 34.73 -27.73 47.48
C THR A 450 33.88 -28.75 46.73
N CYS A 451 34.11 -30.02 47.03
CA CYS A 451 33.35 -31.09 46.41
C CYS A 451 33.38 -32.30 47.34
N LEU A 452 32.46 -33.22 47.11
CA LEU A 452 32.47 -34.50 47.78
C LEU A 452 32.62 -35.61 46.74
N PRO A 453 33.59 -36.51 46.89
CA PRO A 453 33.75 -37.60 45.93
C PRO A 453 32.46 -38.41 45.81
N GLY A 454 32.11 -38.77 44.59
CA GLY A 454 30.81 -39.34 44.30
C GLY A 454 29.71 -38.32 44.11
N ARG A 455 30.01 -37.03 44.26
CA ARG A 455 29.05 -35.95 44.06
C ARG A 455 29.65 -34.89 43.14
N GLY A 456 30.46 -35.32 42.17
CA GLY A 456 31.08 -34.42 41.22
C GLY A 456 30.37 -34.40 39.88
N LEU A 457 30.81 -33.48 39.03
CA LEU A 457 30.21 -33.26 37.72
C LEU A 457 30.86 -34.08 36.62
N PHE A 458 31.85 -34.90 36.94
CA PHE A 458 32.58 -35.66 35.94
C PHE A 458 32.09 -37.11 35.94
N THR A 459 32.81 -37.97 35.19
CA THR A 459 32.24 -39.24 34.73
C THR A 459 31.72 -40.09 35.89
N ASN A 460 32.62 -40.57 36.74
CA ASN A 460 32.22 -41.40 37.88
C ASN A 460 32.01 -40.57 39.13
N GLY A 461 31.26 -39.48 39.02
CA GLY A 461 30.98 -38.61 40.14
C GLY A 461 32.20 -37.99 40.78
N SER A 462 33.35 -38.08 40.10
CA SER A 462 34.61 -37.61 40.66
C SER A 462 34.76 -36.11 40.44
N CYS A 463 35.75 -35.54 41.11
CA CYS A 463 36.04 -34.12 41.02
C CYS A 463 37.43 -33.90 40.41
N ALA A 464 37.71 -32.63 40.12
CA ALA A 464 39.05 -32.19 39.79
C ALA A 464 39.77 -31.77 41.06
N ASP A 465 41.00 -31.30 40.92
CA ASP A 465 41.78 -30.79 42.04
C ASP A 465 42.16 -29.34 41.80
N ILE A 466 42.05 -28.52 42.83
CA ILE A 466 42.42 -27.12 42.73
C ILE A 466 43.92 -26.93 42.57
N LYS A 467 44.71 -27.98 42.82
CA LYS A 467 46.14 -27.88 42.57
C LYS A 467 46.45 -27.88 41.08
N LYS A 468 45.75 -28.71 40.31
CA LYS A 468 45.97 -28.86 38.88
C LYS A 468 44.67 -28.68 38.11
N VAL A 469 43.91 -27.65 38.46
CA VAL A 469 42.66 -27.37 37.75
C VAL A 469 42.96 -27.00 36.30
N GLU A 470 41.98 -27.28 35.42
CA GLU A 470 42.13 -27.07 33.99
C GLU A 470 40.98 -26.23 33.45
N ALA A 471 41.24 -25.65 32.27
CA ALA A 471 40.32 -24.68 31.68
C ALA A 471 38.99 -25.30 31.32
N TRP A 472 39.00 -26.52 30.78
CA TRP A 472 37.73 -27.15 30.40
C TRP A 472 36.90 -27.53 31.62
N GLN A 473 37.55 -27.89 32.73
CA GLN A 473 36.81 -28.13 33.96
C GLN A 473 36.21 -26.83 34.51
N VAL A 474 36.97 -25.74 34.44
CA VAL A 474 36.42 -24.45 34.83
C VAL A 474 35.22 -24.08 33.95
N LEU A 475 35.32 -24.37 32.65
CA LEU A 475 34.22 -24.08 31.74
C LEU A 475 32.98 -24.92 32.06
N LYS A 476 33.18 -26.20 32.38
CA LYS A 476 32.05 -27.05 32.77
C LYS A 476 31.36 -26.52 34.01
N HIS A 477 32.14 -26.13 35.01
CA HIS A 477 31.54 -25.58 36.22
C HIS A 477 30.85 -24.25 35.96
N LEU A 478 31.40 -23.43 35.07
CA LEU A 478 30.75 -22.17 34.70
C LEU A 478 29.42 -22.43 34.03
N ARG A 479 29.36 -23.48 33.20
CA ARG A 479 28.08 -23.88 32.61
C ARG A 479 27.10 -24.35 33.68
N HIS A 480 27.59 -24.94 34.76
CA HIS A 480 26.73 -25.40 35.85
C HIS A 480 26.85 -24.54 37.10
N LEU A 481 26.93 -23.22 36.92
CA LEU A 481 27.04 -22.26 38.02
C LEU A 481 25.70 -21.59 38.30
N ASN A 482 25.47 -21.28 39.57
CA ASN A 482 24.25 -20.57 39.95
C ASN A 482 24.42 -20.04 41.36
N PHE A 483 24.50 -18.70 41.49
CA PHE A 483 24.89 -18.07 42.75
C PHE A 483 24.24 -16.69 42.86
N THR A 484 24.38 -16.08 44.03
CA THR A 484 23.75 -14.81 44.35
C THR A 484 24.81 -13.74 44.62
N ASN A 485 24.58 -12.55 44.06
CA ASN A 485 25.55 -11.45 44.14
C ASN A 485 25.42 -10.73 45.48
N ASN A 486 26.07 -9.57 45.60
CA ASN A 486 26.08 -8.86 46.88
C ASN A 486 24.74 -8.21 47.18
N MET A 487 23.97 -7.86 46.15
CA MET A 487 22.63 -7.34 46.39
C MET A 487 21.68 -8.43 46.86
N GLY A 488 21.86 -9.65 46.36
CA GLY A 488 20.98 -10.75 46.69
C GLY A 488 20.15 -11.23 45.51
N GLU A 489 20.71 -11.08 44.31
CA GLU A 489 20.05 -11.51 43.08
C GLU A 489 20.75 -12.73 42.52
N GLN A 490 19.98 -13.73 42.12
CA GLN A 490 20.56 -14.95 41.58
C GLN A 490 21.22 -14.68 40.23
N VAL A 491 22.41 -15.22 40.05
CA VAL A 491 23.16 -15.11 38.80
C VAL A 491 23.34 -16.51 38.23
N THR A 492 22.86 -16.72 37.00
CA THR A 492 23.02 -18.00 36.33
C THR A 492 23.01 -17.75 34.83
N PHE A 493 23.60 -18.69 34.09
CA PHE A 493 23.70 -18.59 32.64
C PHE A 493 22.86 -19.69 32.00
N ASP A 494 22.14 -19.32 30.93
CA ASP A 494 21.28 -20.26 30.24
C ASP A 494 22.11 -21.13 29.30
N GLU A 495 21.43 -21.93 28.46
CA GLU A 495 22.11 -22.81 27.54
C GLU A 495 22.85 -22.07 26.44
N CYS A 496 22.60 -20.77 26.27
CA CYS A 496 23.33 -19.95 25.32
C CYS A 496 24.38 -19.07 25.98
N GLY A 497 24.57 -19.20 27.30
CA GLY A 497 25.55 -18.39 28.00
C GLY A 497 25.13 -16.97 28.27
N ASP A 498 23.87 -16.61 28.01
CA ASP A 498 23.41 -15.24 28.13
C ASP A 498 22.68 -15.03 29.45
N LEU A 499 22.77 -13.81 29.96
CA LEU A 499 21.98 -13.35 31.08
C LEU A 499 20.74 -12.62 30.56
N VAL A 500 19.82 -12.33 31.48
CA VAL A 500 18.63 -11.55 31.18
C VAL A 500 18.62 -10.33 32.10
N GLY A 501 18.26 -9.18 31.55
CA GLY A 501 18.32 -7.95 32.32
C GLY A 501 17.31 -6.93 31.87
N ASN A 502 17.14 -5.92 32.71
CA ASN A 502 16.18 -4.85 32.54
C ASN A 502 16.80 -3.70 31.73
N TYR A 503 15.95 -2.82 31.21
CA TYR A 503 16.39 -1.61 30.52
C TYR A 503 15.75 -0.39 31.17
N SER A 504 16.45 0.74 31.09
CA SER A 504 15.92 2.02 31.52
C SER A 504 15.97 3.00 30.36
N ILE A 505 14.99 3.89 30.28
CA ILE A 505 14.85 4.85 29.19
C ILE A 505 15.21 6.23 29.73
N ILE A 506 16.08 6.93 29.01
CA ILE A 506 16.65 8.20 29.46
C ILE A 506 16.43 9.25 28.38
N ASN A 507 16.53 10.51 28.78
CA ASN A 507 16.33 11.64 27.90
C ASN A 507 17.44 12.67 28.11
N TRP A 508 17.93 13.24 27.02
CA TRP A 508 19.02 14.20 27.07
C TRP A 508 18.48 15.60 27.32
N HIS A 509 19.04 16.29 28.31
CA HIS A 509 18.60 17.62 28.70
C HIS A 509 19.81 18.55 28.77
N LEU A 510 19.56 19.75 29.29
CA LEU A 510 20.60 20.76 29.46
C LEU A 510 20.69 21.15 30.93
N SER A 511 21.90 21.16 31.46
CA SER A 511 22.10 21.51 32.86
C SER A 511 21.84 22.99 33.07
N PRO A 512 20.97 23.39 34.01
CA PRO A 512 20.73 24.81 34.24
C PRO A 512 21.85 25.51 34.99
N GLU A 513 22.78 24.76 35.57
CA GLU A 513 23.90 25.34 36.31
C GLU A 513 25.21 25.31 35.54
N ASP A 514 25.49 24.23 34.80
CA ASP A 514 26.77 24.06 34.13
C ASP A 514 26.68 24.02 32.61
N GLY A 515 25.50 23.79 32.04
CA GLY A 515 25.37 23.71 30.60
C GLY A 515 25.78 22.39 30.00
N SER A 516 26.11 21.39 30.81
CA SER A 516 26.47 20.08 30.30
C SER A 516 25.20 19.32 29.92
N ILE A 517 25.34 18.05 29.56
CA ILE A 517 24.23 17.21 29.16
C ILE A 517 23.97 16.19 30.27
N VAL A 518 22.77 16.22 30.83
CA VAL A 518 22.39 15.37 31.94
C VAL A 518 21.27 14.45 31.49
N PHE A 519 21.46 13.14 31.70
CA PHE A 519 20.49 12.14 31.28
C PHE A 519 19.52 11.86 32.43
N LYS A 520 18.24 12.04 32.15
CA LYS A 520 17.18 11.90 33.15
C LYS A 520 16.30 10.71 32.80
N GLU A 521 16.04 9.86 33.80
CA GLU A 521 15.26 8.65 33.59
C GLU A 521 13.80 9.01 33.34
N VAL A 522 13.21 8.40 32.31
CA VAL A 522 11.81 8.66 31.96
C VAL A 522 10.99 7.38 31.82
N GLY A 523 11.58 6.21 32.03
CA GLY A 523 10.84 4.99 31.88
C GLY A 523 11.75 3.79 32.00
N TYR A 524 11.20 2.63 31.63
CA TYR A 524 11.94 1.39 31.68
C TYR A 524 11.30 0.41 30.69
N TYR A 525 11.88 -0.79 30.62
CA TYR A 525 11.40 -1.84 29.72
C TYR A 525 11.55 -3.18 30.43
N ASN A 526 10.42 -3.67 30.94
CA ASN A 526 10.43 -4.98 31.66
C ASN A 526 10.67 -6.10 30.65
N VAL A 527 11.28 -7.19 31.09
CA VAL A 527 11.54 -8.36 30.25
C VAL A 527 10.87 -9.61 30.78
N TYR A 528 10.55 -9.69 32.06
CA TYR A 528 9.85 -10.82 32.64
C TYR A 528 8.34 -10.72 32.50
N ALA A 529 7.84 -9.66 31.87
CA ALA A 529 6.42 -9.52 31.59
C ALA A 529 6.06 -10.24 30.30
N LYS A 530 4.75 -10.44 30.10
CA LYS A 530 4.32 -11.15 28.91
C LYS A 530 4.35 -10.22 27.70
N LYS A 531 4.24 -10.82 26.52
CA LYS A 531 4.36 -10.08 25.28
C LYS A 531 3.27 -9.02 25.17
N GLY A 532 3.67 -7.75 25.26
CA GLY A 532 2.75 -6.64 25.12
C GLY A 532 2.56 -5.79 26.35
N GLU A 533 3.21 -6.10 27.47
CA GLU A 533 3.13 -5.31 28.69
C GLU A 533 4.51 -5.04 29.25
N ARG A 534 5.48 -4.82 28.38
CA ARG A 534 6.87 -4.66 28.80
C ARG A 534 7.30 -3.21 28.98
N LEU A 535 6.68 -2.27 28.27
CA LEU A 535 7.15 -0.90 28.19
C LEU A 535 6.29 0.01 29.06
N PHE A 536 6.94 0.83 29.89
CA PHE A 536 6.28 1.91 30.60
C PHE A 536 7.00 3.21 30.31
N ILE A 537 6.25 4.25 29.95
CA ILE A 537 6.80 5.56 29.62
C ILE A 537 5.92 6.62 30.29
N ASN A 538 6.57 7.62 30.87
CA ASN A 538 5.88 8.76 31.47
C ASN A 538 6.20 10.00 30.63
N GLU A 539 5.19 10.52 29.93
CA GLU A 539 5.43 11.55 28.92
C GLU A 539 5.94 12.85 29.53
N GLU A 540 5.38 13.25 30.66
CA GLU A 540 5.54 14.62 31.14
C GLU A 540 6.98 14.95 31.53
N LYS A 541 7.86 13.97 31.64
CA LYS A 541 9.26 14.21 31.96
C LYS A 541 10.14 14.36 30.73
N ILE A 542 9.55 14.35 29.54
CA ILE A 542 10.30 14.37 28.28
C ILE A 542 10.28 15.77 27.70
N LEU A 543 11.45 16.26 27.29
CA LEU A 543 11.57 17.43 26.43
C LEU A 543 11.92 16.94 25.04
N TRP A 544 11.12 17.34 24.04
CA TRP A 544 11.11 16.62 22.78
C TRP A 544 12.24 17.07 21.86
N SER A 545 12.39 18.36 21.65
CA SER A 545 13.51 18.90 20.88
C SER A 545 14.59 19.48 21.78
N GLY A 546 14.49 19.28 23.09
CA GLY A 546 15.37 19.89 24.04
C GLY A 546 14.66 20.94 24.87
N PHE A 547 13.80 21.73 24.22
CA PHE A 547 13.02 22.76 24.89
C PHE A 547 11.59 22.79 24.35
N SER A 548 10.98 21.62 24.16
CA SER A 548 9.64 21.53 23.62
C SER A 548 8.82 20.55 24.45
N ARG A 549 7.52 20.80 24.54
CA ARG A 549 6.63 20.02 25.38
C ARG A 549 5.47 19.39 24.60
N GLU A 550 5.57 19.32 23.27
CA GLU A 550 4.53 18.73 22.44
C GLU A 550 5.11 17.59 21.61
N VAL A 551 4.38 16.47 21.57
CA VAL A 551 4.83 15.29 20.84
C VAL A 551 4.92 15.62 19.36
N PRO A 552 6.05 15.35 18.69
CA PRO A 552 6.20 15.74 17.29
C PRO A 552 5.34 14.89 16.37
N PHE A 553 5.19 15.38 15.14
CA PHE A 553 4.46 14.70 14.08
C PHE A 553 5.46 14.10 13.11
N SER A 554 5.37 12.79 12.88
CA SER A 554 6.28 12.09 11.99
C SER A 554 5.51 11.06 11.14
N ASN A 555 4.40 11.48 10.55
CA ASN A 555 3.66 10.63 9.62
C ASN A 555 3.91 11.09 8.19
N CYS A 556 3.74 10.15 7.25
CA CYS A 556 3.97 10.48 5.84
C CYS A 556 2.93 11.47 5.32
N SER A 557 1.66 11.29 5.71
CA SER A 557 0.59 12.15 5.25
C SER A 557 -0.43 12.34 6.37
N ARG A 558 -1.20 13.42 6.26
CA ARG A 558 -2.21 13.72 7.26
C ARG A 558 -3.41 12.79 7.11
N ASP A 559 -4.12 12.60 8.22
CA ASP A 559 -5.28 11.71 8.24
C ASP A 559 -6.43 12.28 7.42
N CYS A 560 -7.27 11.39 6.91
CA CYS A 560 -8.48 11.80 6.20
C CYS A 560 -9.60 12.12 7.19
N LEU A 561 -10.73 12.58 6.65
CA LEU A 561 -11.88 12.94 7.45
C LEU A 561 -13.01 11.94 7.24
N ALA A 562 -14.14 12.19 7.89
CA ALA A 562 -15.27 11.27 7.78
C ALA A 562 -15.95 11.36 6.42
N GLY A 563 -15.80 12.49 5.72
CA GLY A 563 -16.40 12.61 4.41
C GLY A 563 -15.58 12.02 3.29
N THR A 564 -14.32 11.69 3.54
CA THR A 564 -13.36 11.33 2.50
C THR A 564 -12.67 10.02 2.84
N ARG A 565 -12.10 9.40 1.81
CA ARG A 565 -11.34 8.16 1.91
C ARG A 565 -9.93 8.40 1.39
N LYS A 566 -9.07 7.40 1.53
CA LYS A 566 -7.69 7.51 1.08
C LYS A 566 -7.53 6.97 -0.33
N GLY A 567 -6.47 7.41 -1.00
CA GLY A 567 -6.17 6.98 -2.35
C GLY A 567 -4.74 6.54 -2.49
N ILE A 568 -4.49 5.72 -3.50
CA ILE A 568 -3.17 5.14 -3.73
C ILE A 568 -2.30 6.13 -4.49
N ILE A 569 -1.08 6.34 -4.00
CA ILE A 569 -0.06 7.09 -4.72
C ILE A 569 0.89 6.08 -5.34
N GLU A 570 1.05 6.15 -6.66
CA GLU A 570 1.83 5.15 -7.38
C GLU A 570 3.32 5.34 -7.14
N GLY A 571 4.00 4.26 -6.77
CA GLY A 571 5.42 4.28 -6.50
C GLY A 571 5.80 4.57 -5.06
N GLU A 572 4.84 4.91 -4.21
CA GLU A 572 5.06 5.22 -2.81
C GLU A 572 4.37 4.19 -1.94
N PRO A 573 4.85 3.99 -0.69
CA PRO A 573 4.26 2.95 0.16
C PRO A 573 2.83 3.27 0.58
N THR A 574 2.18 2.32 1.26
CA THR A 574 0.82 2.44 1.79
C THR A 574 0.72 3.48 2.88
N CYS A 575 1.89 4.01 3.28
CA CYS A 575 1.92 4.93 4.45
C CYS A 575 1.25 6.26 4.12
N CYS A 576 1.56 6.85 2.96
CA CYS A 576 0.99 8.13 2.63
C CYS A 576 0.14 8.02 1.37
N PHE A 577 -0.88 8.87 1.31
CA PHE A 577 -2.02 8.71 0.43
C PHE A 577 -2.54 10.09 0.07
N GLU A 578 -3.73 10.13 -0.54
CA GLU A 578 -4.44 11.37 -0.76
C GLU A 578 -5.91 11.19 -0.36
N CYS A 579 -6.53 12.29 0.05
CA CYS A 579 -7.90 12.28 0.56
C CYS A 579 -8.86 12.50 -0.62
N VAL A 580 -9.69 11.52 -0.91
CA VAL A 580 -10.60 11.56 -2.06
C VAL A 580 -12.03 11.53 -1.56
N GLU A 581 -12.85 12.48 -2.00
CA GLU A 581 -14.23 12.58 -1.55
C GLU A 581 -15.08 11.46 -2.14
N CYS A 582 -15.96 10.90 -1.32
CA CYS A 582 -16.89 9.88 -1.78
C CYS A 582 -17.97 10.53 -2.66
N PRO A 583 -18.54 9.77 -3.59
CA PRO A 583 -19.56 10.33 -4.48
C PRO A 583 -20.95 10.25 -3.85
N ASP A 584 -21.95 10.68 -4.63
CA ASP A 584 -23.33 10.68 -4.16
C ASP A 584 -23.85 9.26 -4.02
N GLY A 585 -24.63 9.02 -2.96
CA GLY A 585 -25.14 7.71 -2.64
C GLY A 585 -24.27 6.89 -1.74
N GLU A 586 -23.08 7.37 -1.39
CA GLU A 586 -22.15 6.66 -0.51
C GLU A 586 -21.62 7.62 0.55
N TYR A 587 -21.20 7.06 1.68
CA TYR A 587 -20.80 7.86 2.82
C TYR A 587 -19.74 7.09 3.62
N SER A 588 -19.02 7.83 4.46
CA SER A 588 -18.03 7.25 5.35
C SER A 588 -18.23 7.78 6.76
N ASP A 589 -17.84 6.98 7.75
CA ASP A 589 -17.97 7.34 9.15
C ASP A 589 -16.64 7.52 9.86
N GLU A 590 -15.69 6.61 9.65
CA GLU A 590 -14.42 6.64 10.36
C GLU A 590 -13.56 7.78 9.84
N THR A 591 -12.35 7.91 10.42
CA THR A 591 -11.42 8.95 10.05
C THR A 591 -10.26 8.45 9.18
N ASP A 592 -10.07 7.15 9.07
CA ASP A 592 -9.02 6.57 8.25
C ASP A 592 -9.58 5.51 7.32
N ALA A 593 -10.76 5.75 6.77
CA ALA A 593 -11.42 4.77 5.93
C ALA A 593 -10.69 4.60 4.62
N SER A 594 -10.52 3.35 4.20
CA SER A 594 -9.93 3.03 2.90
C SER A 594 -10.96 2.88 1.80
N ALA A 595 -12.24 2.82 2.15
CA ALA A 595 -13.33 2.70 1.17
C ALA A 595 -14.63 3.01 1.89
N CYS A 596 -15.43 3.91 1.31
CA CYS A 596 -16.70 4.31 1.91
C CYS A 596 -17.83 3.52 1.29
N ASN A 597 -18.69 2.96 2.15
CA ASN A 597 -19.77 2.10 1.73
C ASN A 597 -21.03 2.90 1.44
N LYS A 598 -22.13 2.17 1.26
CA LYS A 598 -23.43 2.82 0.97
C LYS A 598 -24.53 2.17 1.82
N CYS A 599 -25.45 2.97 2.34
CA CYS A 599 -26.58 2.50 3.13
C CYS A 599 -27.67 1.96 2.23
N PRO A 600 -28.55 1.08 2.76
CA PRO A 600 -29.48 0.36 1.88
C PRO A 600 -30.60 1.23 1.32
N ASP A 601 -31.55 0.60 0.65
CA ASP A 601 -32.66 1.29 0.00
C ASP A 601 -33.38 2.22 0.98
N ASP A 602 -34.09 3.21 0.44
CA ASP A 602 -34.77 4.23 1.24
C ASP A 602 -33.77 5.07 2.05
N PHE A 603 -32.57 5.25 1.52
CA PHE A 603 -31.58 6.12 2.16
C PHE A 603 -30.72 6.77 1.09
N TRP A 604 -30.10 7.90 1.45
CA TRP A 604 -29.26 8.63 0.51
C TRP A 604 -28.29 9.51 1.29
N SER A 605 -27.05 9.59 0.80
CA SER A 605 -26.02 10.34 1.48
C SER A 605 -26.31 11.83 1.47
N ASN A 606 -25.90 12.51 2.54
CA ASN A 606 -26.13 13.94 2.67
C ASN A 606 -25.01 14.73 1.99
N GLU A 607 -25.09 16.06 2.10
CA GLU A 607 -24.11 16.92 1.44
C GLU A 607 -22.71 16.73 2.01
N ASN A 608 -22.60 16.59 3.34
CA ASN A 608 -21.30 16.39 3.97
C ASN A 608 -20.75 14.99 3.79
N HIS A 609 -21.58 14.05 3.32
CA HIS A 609 -21.18 12.66 3.10
C HIS A 609 -20.67 12.00 4.37
N THR A 610 -21.22 12.38 5.51
CA THR A 610 -20.89 11.77 6.80
C THR A 610 -21.92 10.72 7.21
N SER A 611 -23.20 11.07 7.13
CA SER A 611 -24.28 10.12 7.34
C SER A 611 -25.33 10.34 6.26
N CYS A 612 -26.19 9.34 6.07
CA CYS A 612 -27.16 9.35 4.98
C CYS A 612 -28.57 9.41 5.53
N ILE A 613 -29.35 10.36 5.03
CA ILE A 613 -30.74 10.52 5.45
C ILE A 613 -31.60 9.49 4.72
N ALA A 614 -32.75 9.18 5.31
CA ALA A 614 -33.70 8.28 4.69
C ALA A 614 -34.40 8.97 3.52
N LYS A 615 -34.86 8.16 2.56
CA LYS A 615 -35.50 8.71 1.38
C LYS A 615 -36.88 9.26 1.74
N GLU A 616 -37.23 10.38 1.12
CA GLU A 616 -38.51 11.02 1.37
C GLU A 616 -39.60 10.35 0.55
N ILE A 617 -40.72 10.06 1.21
CA ILE A 617 -41.85 9.43 0.55
C ILE A 617 -42.76 10.51 -0.01
N GLU A 618 -43.45 10.21 -1.10
CA GLU A 618 -44.26 11.21 -1.79
C GLU A 618 -45.49 10.56 -2.41
N PHE A 619 -46.65 11.07 -2.06
CA PHE A 619 -47.94 10.61 -2.56
C PHE A 619 -48.97 11.67 -2.19
N LEU A 620 -50.16 11.54 -2.76
CA LEU A 620 -51.23 12.49 -2.50
C LEU A 620 -51.85 12.16 -1.14
N SER A 621 -51.61 13.03 -0.16
CA SER A 621 -51.99 12.77 1.22
C SER A 621 -53.22 13.56 1.60
N TRP A 622 -53.97 13.03 2.57
CA TRP A 622 -55.17 13.70 3.06
C TRP A 622 -54.82 15.04 3.71
N THR A 623 -53.75 15.06 4.51
CA THR A 623 -53.35 16.29 5.19
C THR A 623 -52.96 17.37 4.20
N GLU A 624 -52.51 16.98 3.01
CA GLU A 624 -52.18 17.96 1.98
C GLU A 624 -53.43 18.77 1.62
N PRO A 625 -53.29 20.08 1.40
CA PRO A 625 -54.48 20.90 1.11
C PRO A 625 -55.29 20.42 -0.08
N PHE A 626 -54.62 19.89 -1.12
CA PHE A 626 -55.34 19.35 -2.26
C PHE A 626 -56.26 18.21 -1.84
N GLY A 627 -55.77 17.34 -0.96
CA GLY A 627 -56.60 16.24 -0.48
C GLY A 627 -57.83 16.73 0.25
N ILE A 628 -57.68 17.72 1.12
CA ILE A 628 -58.82 18.23 1.86
C ILE A 628 -59.81 18.93 0.92
N ALA A 629 -59.30 19.61 -0.10
CA ALA A 629 -60.19 20.26 -1.06
C ALA A 629 -61.00 19.23 -1.83
N LEU A 630 -60.34 18.18 -2.31
CA LEU A 630 -61.06 17.14 -3.05
C LEU A 630 -62.06 16.42 -2.15
N THR A 631 -61.69 16.19 -0.88
CA THR A 631 -62.60 15.54 0.05
C THR A 631 -63.85 16.39 0.29
N LEU A 632 -63.66 17.70 0.49
CA LEU A 632 -64.82 18.57 0.71
C LEU A 632 -65.69 18.62 -0.53
N PHE A 633 -65.09 18.65 -1.73
CA PHE A 633 -65.87 18.66 -2.95
C PHE A 633 -66.70 17.38 -3.08
N ALA A 634 -66.08 16.22 -2.85
CA ALA A 634 -66.80 14.96 -2.96
C ALA A 634 -67.93 14.87 -1.94
N VAL A 635 -67.67 15.31 -0.70
CA VAL A 635 -68.70 15.24 0.33
C VAL A 635 -69.85 16.19 0.01
N LEU A 636 -69.52 17.38 -0.52
CA LEU A 636 -70.57 18.31 -0.93
C LEU A 636 -71.44 17.72 -2.03
N GLY A 637 -70.82 17.06 -3.01
CA GLY A 637 -71.61 16.38 -4.03
C GLY A 637 -72.49 15.29 -3.46
N ILE A 638 -71.94 14.52 -2.51
CA ILE A 638 -72.71 13.47 -1.85
C ILE A 638 -73.95 14.06 -1.20
N PHE A 639 -73.78 15.13 -0.42
CA PHE A 639 -74.90 15.71 0.30
C PHE A 639 -75.88 16.41 -0.63
N LEU A 640 -75.39 16.97 -1.74
CA LEU A 640 -76.30 17.56 -2.73
C LEU A 640 -77.21 16.49 -3.33
N THR A 641 -76.64 15.33 -3.70
CA THR A 641 -77.47 14.25 -4.22
C THR A 641 -78.44 13.75 -3.16
N ALA A 642 -77.98 13.67 -1.90
CA ALA A 642 -78.88 13.26 -0.82
C ALA A 642 -80.05 14.23 -0.67
N PHE A 643 -79.77 15.53 -0.76
CA PHE A 643 -80.83 16.54 -0.65
C PHE A 643 -81.82 16.43 -1.80
N VAL A 644 -81.31 16.21 -3.01
CA VAL A 644 -82.22 16.06 -4.16
C VAL A 644 -83.11 14.83 -3.97
N LEU A 645 -82.53 13.72 -3.50
CA LEU A 645 -83.33 12.53 -3.25
C LEU A 645 -84.37 12.77 -2.17
N GLY A 646 -84.00 13.49 -1.11
CA GLY A 646 -84.95 13.77 -0.04
C GLY A 646 -86.10 14.63 -0.51
N VAL A 647 -85.81 15.66 -1.30
CA VAL A 647 -86.89 16.52 -1.80
C VAL A 647 -87.76 15.76 -2.80
N PHE A 648 -87.17 14.84 -3.57
CA PHE A 648 -88.02 14.03 -4.47
C PHE A 648 -88.91 13.11 -3.65
N ILE A 649 -88.38 12.48 -2.58
CA ILE A 649 -89.19 11.55 -1.79
C ILE A 649 -90.32 12.29 -1.10
N LYS A 650 -90.02 13.44 -0.49
CA LYS A 650 -91.05 14.18 0.24
C LYS A 650 -92.15 14.64 -0.69
N PHE A 651 -91.77 15.21 -1.85
CA PHE A 651 -92.76 15.67 -2.85
C PHE A 651 -93.00 14.57 -3.89
N ARG A 652 -93.35 13.37 -3.44
CA ARG A 652 -93.67 12.27 -4.33
C ARG A 652 -95.06 12.38 -4.92
N ASN A 653 -95.84 13.39 -4.52
CA ASN A 653 -97.17 13.62 -5.06
C ASN A 653 -97.23 14.73 -6.11
N THR A 654 -96.13 15.42 -6.35
CA THR A 654 -96.12 16.48 -7.36
C THR A 654 -96.19 15.86 -8.75
N PRO A 655 -97.01 16.43 -9.65
CA PRO A 655 -97.11 15.85 -11.00
C PRO A 655 -95.80 15.86 -11.78
N ILE A 656 -94.88 16.77 -11.46
CA ILE A 656 -93.62 16.80 -12.19
C ILE A 656 -92.78 15.56 -11.90
N VAL A 657 -92.83 15.05 -10.66
CA VAL A 657 -92.13 13.82 -10.33
C VAL A 657 -92.74 12.63 -11.08
N LYS A 658 -94.06 12.63 -11.26
CA LYS A 658 -94.70 11.56 -12.02
C LYS A 658 -94.45 11.69 -13.52
N ALA A 659 -94.18 12.91 -14.00
CA ALA A 659 -93.91 13.10 -15.43
C ALA A 659 -92.74 12.23 -15.87
N THR A 660 -91.58 12.44 -15.28
CA THR A 660 -90.50 11.47 -15.38
C THR A 660 -90.79 10.29 -14.47
N ASN A 661 -89.94 9.26 -14.56
CA ASN A 661 -90.11 8.11 -13.69
C ASN A 661 -89.54 8.40 -12.31
N ARG A 662 -90.34 8.13 -11.27
CA ARG A 662 -89.86 8.35 -9.88
C ARG A 662 -88.83 7.28 -9.52
N GLU A 663 -89.12 6.01 -9.82
CA GLU A 663 -88.20 4.93 -9.46
C GLU A 663 -86.87 5.08 -10.18
N LEU A 664 -86.90 5.38 -11.47
CA LEU A 664 -85.67 5.60 -12.21
C LEU A 664 -84.92 6.81 -11.69
N SER A 665 -85.64 7.88 -11.31
CA SER A 665 -84.97 9.02 -10.71
C SER A 665 -84.29 8.64 -9.41
N TYR A 666 -84.94 7.81 -8.59
CA TYR A 666 -84.34 7.36 -7.34
C TYR A 666 -83.07 6.56 -7.60
N LEU A 667 -83.15 5.58 -8.51
CA LEU A 667 -81.99 4.75 -8.81
C LEU A 667 -80.86 5.56 -9.41
N LEU A 668 -81.19 6.50 -10.30
CA LEU A 668 -80.16 7.38 -10.88
C LEU A 668 -79.52 8.26 -9.82
N LEU A 669 -80.32 8.75 -8.87
CA LEU A 669 -79.74 9.55 -7.79
C LEU A 669 -78.79 8.71 -6.94
N PHE A 670 -79.18 7.48 -6.62
CA PHE A 670 -78.29 6.61 -5.86
C PHE A 670 -77.01 6.30 -6.64
N SER A 671 -77.14 6.10 -7.95
CA SER A 671 -75.96 5.82 -8.76
C SER A 671 -75.06 7.03 -8.88
N LEU A 672 -75.63 8.23 -8.93
CA LEU A 672 -74.81 9.43 -8.88
C LEU A 672 -74.12 9.58 -7.54
N LEU A 673 -74.77 9.13 -6.46
CA LEU A 673 -74.11 9.08 -5.16
C LEU A 673 -72.90 8.15 -5.21
N CYS A 674 -73.09 6.97 -5.81
CA CYS A 674 -71.98 6.02 -5.94
C CYS A 674 -70.85 6.60 -6.78
N CYS A 675 -71.18 7.26 -7.89
CA CYS A 675 -70.16 7.82 -8.77
C CYS A 675 -69.44 8.98 -8.12
N PHE A 676 -70.11 9.74 -7.28
CA PHE A 676 -69.39 10.82 -6.57
C PHE A 676 -68.46 10.17 -5.55
N SER A 677 -68.98 9.23 -4.76
CA SER A 677 -68.16 8.69 -3.67
C SER A 677 -66.98 7.88 -4.19
N SER A 678 -67.09 7.30 -5.39
CA SER A 678 -66.02 6.48 -5.95
C SER A 678 -64.77 7.28 -6.30
N SER A 679 -64.74 8.58 -6.02
CA SER A 679 -63.54 9.39 -6.23
C SER A 679 -62.71 9.54 -4.97
N LEU A 680 -63.12 8.91 -3.87
CA LEU A 680 -62.34 8.92 -2.64
C LEU A 680 -61.27 7.85 -2.60
N PHE A 681 -61.20 7.00 -3.63
CA PHE A 681 -60.16 5.97 -3.71
C PHE A 681 -58.84 6.51 -4.24
N PHE A 682 -58.84 7.70 -4.84
CA PHE A 682 -57.62 8.31 -5.38
C PHE A 682 -56.90 9.16 -4.35
N ILE A 683 -57.25 9.04 -3.07
CA ILE A 683 -56.67 9.84 -2.01
C ILE A 683 -55.98 8.91 -1.03
N GLY A 684 -54.74 9.24 -0.66
CA GLY A 684 -54.00 8.48 0.32
C GLY A 684 -52.97 7.57 -0.31
N GLU A 685 -52.19 6.93 0.56
CA GLU A 685 -51.18 6.00 0.10
C GLU A 685 -51.83 4.76 -0.48
N PRO A 686 -51.52 4.38 -1.71
CA PRO A 686 -52.12 3.17 -2.30
C PRO A 686 -51.86 1.94 -1.44
N GLN A 687 -52.92 1.19 -1.17
CA GLN A 687 -52.85 -0.07 -0.45
C GLN A 687 -53.01 -1.23 -1.43
N ASP A 688 -53.13 -2.44 -0.90
CA ASP A 688 -53.26 -3.61 -1.75
C ASP A 688 -54.59 -3.63 -2.51
N TRP A 689 -55.68 -3.17 -1.88
CA TRP A 689 -57.00 -3.25 -2.48
C TRP A 689 -57.48 -1.95 -3.10
N THR A 690 -57.09 -0.80 -2.54
CA THR A 690 -57.64 0.49 -2.98
C THR A 690 -57.42 0.70 -4.47
N CYS A 691 -56.20 0.47 -4.94
CA CYS A 691 -55.89 0.63 -6.35
C CYS A 691 -56.31 -0.57 -7.18
N ARG A 692 -56.86 -1.61 -6.55
CA ARG A 692 -57.53 -2.69 -7.25
C ARG A 692 -59.02 -2.47 -7.40
N LEU A 693 -59.55 -1.39 -6.82
CA LEU A 693 -60.97 -1.07 -6.87
C LEU A 693 -61.28 0.33 -7.36
N ARG A 694 -60.28 1.21 -7.45
CA ARG A 694 -60.55 2.61 -7.80
C ARG A 694 -61.23 2.72 -9.16
N GLN A 695 -60.79 1.95 -10.13
CA GLN A 695 -61.31 2.02 -11.50
C GLN A 695 -62.63 1.26 -11.69
N PRO A 696 -62.75 0.01 -11.22
CA PRO A 696 -64.03 -0.70 -11.42
C PRO A 696 -65.22 0.04 -10.83
N ALA A 697 -65.05 0.67 -9.69
CA ALA A 697 -66.14 1.39 -9.05
C ALA A 697 -66.65 2.50 -9.95
N PHE A 698 -65.74 3.29 -10.51
CA PHE A 698 -66.16 4.38 -11.39
C PHE A 698 -66.77 3.86 -12.67
N GLY A 699 -66.20 2.79 -13.23
CA GLY A 699 -66.79 2.22 -14.44
C GLY A 699 -68.21 1.77 -14.23
N ILE A 700 -68.45 1.02 -13.16
CA ILE A 700 -69.79 0.52 -12.85
C ILE A 700 -70.74 1.69 -12.60
N SER A 701 -70.31 2.65 -11.78
CA SER A 701 -71.19 3.75 -11.40
C SER A 701 -71.58 4.58 -12.62
N PHE A 702 -70.60 4.88 -13.47
CA PHE A 702 -70.90 5.75 -14.64
C PHE A 702 -71.74 4.99 -15.66
N VAL A 703 -71.50 3.69 -15.83
CA VAL A 703 -72.33 2.94 -16.77
C VAL A 703 -73.76 2.88 -16.26
N LEU A 704 -73.96 2.74 -14.96
CA LEU A 704 -75.36 2.77 -14.47
C LEU A 704 -75.94 4.17 -14.74
N CYS A 705 -75.24 5.23 -14.36
CA CYS A 705 -75.83 6.56 -14.50
C CYS A 705 -76.24 6.84 -15.95
N ILE A 706 -75.34 6.52 -16.90
CA ILE A 706 -75.67 6.76 -18.29
C ILE A 706 -76.77 5.82 -18.77
N SER A 707 -76.84 4.60 -18.22
CA SER A 707 -77.94 3.71 -18.57
C SER A 707 -79.26 4.28 -18.07
N CYS A 708 -79.29 4.85 -16.87
CA CYS A 708 -80.50 5.50 -16.38
C CYS A 708 -80.90 6.66 -17.27
N ILE A 709 -79.93 7.48 -17.67
CA ILE A 709 -80.25 8.63 -18.52
C ILE A 709 -80.79 8.18 -19.88
N LEU A 710 -80.18 7.13 -20.45
CA LEU A 710 -80.57 6.64 -21.75
C LEU A 710 -82.04 6.20 -21.79
N VAL A 711 -82.45 5.40 -20.81
CA VAL A 711 -83.83 4.94 -20.75
C VAL A 711 -84.77 6.10 -20.41
N LYS A 712 -84.39 6.89 -19.41
CA LYS A 712 -85.18 8.04 -18.99
C LYS A 712 -85.26 9.09 -20.09
N LEU A 737 -89.85 -3.94 -17.92
CA LEU A 737 -89.59 -2.68 -17.24
C LEU A 737 -88.34 -2.01 -17.78
N GLN A 738 -87.82 -1.05 -17.01
CA GLN A 738 -86.57 -0.38 -17.33
C GLN A 738 -85.41 -0.81 -16.45
N PHE A 739 -85.70 -1.27 -15.23
CA PHE A 739 -84.67 -1.83 -14.38
C PHE A 739 -83.97 -2.99 -15.05
N LEU A 740 -84.69 -3.72 -15.91
CA LEU A 740 -84.06 -4.80 -16.66
C LEU A 740 -82.96 -4.28 -17.58
N LEU A 741 -83.23 -3.20 -18.31
CA LEU A 741 -82.19 -2.66 -19.19
C LEU A 741 -81.04 -2.04 -18.40
N VAL A 742 -81.34 -1.38 -17.28
CA VAL A 742 -80.23 -0.82 -16.51
C VAL A 742 -79.34 -1.92 -15.94
N PHE A 743 -79.95 -3.01 -15.46
CA PHE A 743 -79.17 -4.14 -14.98
C PHE A 743 -78.37 -4.78 -16.11
N LEU A 744 -78.97 -4.90 -17.30
CA LEU A 744 -78.27 -5.48 -18.43
C LEU A 744 -77.08 -4.62 -18.85
N CYS A 745 -77.25 -3.30 -18.78
CA CYS A 745 -76.16 -2.40 -19.15
C CYS A 745 -75.02 -2.45 -18.13
N THR A 746 -75.35 -2.63 -16.85
CA THR A 746 -74.31 -2.73 -15.84
C THR A 746 -73.64 -4.10 -15.78
N PHE A 747 -74.31 -5.14 -16.30
CA PHE A 747 -73.80 -6.49 -16.16
C PHE A 747 -72.46 -6.68 -16.86
N MET A 748 -72.31 -6.15 -18.08
CA MET A 748 -71.06 -6.38 -18.81
C MET A 748 -69.90 -5.63 -18.17
N GLN A 749 -70.16 -4.44 -17.62
CA GLN A 749 -69.12 -3.75 -16.87
C GLN A 749 -68.71 -4.55 -15.64
N ILE A 750 -69.69 -5.10 -14.92
CA ILE A 750 -69.37 -5.94 -13.77
C ILE A 750 -68.50 -7.11 -14.22
N VAL A 751 -68.82 -7.70 -15.36
CA VAL A 751 -68.04 -8.81 -15.88
C VAL A 751 -66.60 -8.39 -16.11
N ILE A 752 -66.40 -7.28 -16.82
CA ILE A 752 -65.05 -6.87 -17.17
C ILE A 752 -64.23 -6.57 -15.91
N CYS A 753 -64.80 -5.81 -14.98
CA CYS A 753 -64.06 -5.45 -13.78
C CYS A 753 -63.73 -6.68 -12.94
N VAL A 754 -64.70 -7.59 -12.77
CA VAL A 754 -64.46 -8.73 -11.89
C VAL A 754 -63.43 -9.68 -12.50
N ILE A 755 -63.47 -9.87 -13.82
CA ILE A 755 -62.48 -10.75 -14.43
C ILE A 755 -61.10 -10.11 -14.41
N TRP A 756 -61.03 -8.78 -14.57
CA TRP A 756 -59.74 -8.09 -14.47
C TRP A 756 -59.16 -8.23 -13.08
N LEU A 757 -59.99 -8.05 -12.05
CA LEU A 757 -59.53 -8.22 -10.68
C LEU A 757 -59.07 -9.66 -10.43
N TYR A 758 -59.78 -10.62 -10.99
CA TYR A 758 -59.37 -12.02 -10.84
C TYR A 758 -58.02 -12.28 -11.51
N THR A 759 -57.81 -11.70 -12.69
CA THR A 759 -56.60 -12.01 -13.46
C THR A 759 -55.39 -11.28 -12.91
N ALA A 760 -55.39 -9.95 -12.95
CA ALA A 760 -54.22 -9.15 -12.61
C ALA A 760 -54.61 -8.01 -11.68
N PRO A 761 -54.87 -8.31 -10.40
CA PRO A 761 -55.28 -7.27 -9.47
C PRO A 761 -54.18 -6.25 -9.25
N PRO A 762 -54.47 -4.97 -9.42
CA PRO A 762 -53.45 -3.94 -9.21
C PRO A 762 -53.04 -3.83 -7.75
N SER A 763 -51.83 -3.34 -7.54
CA SER A 763 -51.30 -3.15 -6.20
C SER A 763 -50.30 -1.99 -6.22
N SER A 764 -50.04 -1.46 -5.03
CA SER A 764 -49.12 -0.33 -4.92
C SER A 764 -47.70 -0.75 -5.31
N TYR A 765 -47.01 0.15 -6.01
CA TYR A 765 -45.66 -0.09 -6.47
C TYR A 765 -44.80 1.11 -6.06
N ARG A 766 -43.56 0.84 -5.71
CA ARG A 766 -42.63 1.87 -5.25
C ARG A 766 -41.63 2.19 -6.36
N ASN A 767 -41.41 3.49 -6.59
CA ASN A 767 -40.53 3.97 -7.65
C ASN A 767 -39.24 4.51 -7.04
N GLN A 768 -38.18 3.72 -7.15
CA GLN A 768 -36.86 4.12 -6.68
C GLN A 768 -35.92 4.52 -7.81
N GLU A 769 -36.31 4.34 -9.06
CA GLU A 769 -35.44 4.58 -10.20
C GLU A 769 -35.75 5.87 -10.93
N LEU A 770 -36.55 6.75 -10.34
CA LEU A 770 -36.90 8.01 -10.97
C LEU A 770 -36.10 9.18 -10.43
N GLU A 771 -35.78 9.17 -9.14
CA GLU A 771 -35.04 10.24 -8.50
C GLU A 771 -34.01 9.62 -7.55
N ASP A 772 -33.46 10.43 -6.67
CA ASP A 772 -32.44 9.97 -5.73
C ASP A 772 -32.94 9.93 -4.30
N GLU A 773 -33.41 11.06 -3.77
CA GLU A 773 -33.81 11.15 -2.37
C GLU A 773 -35.31 11.08 -2.17
N ILE A 774 -36.09 10.94 -3.24
CA ILE A 774 -37.54 10.93 -3.16
C ILE A 774 -38.05 9.62 -3.75
N ILE A 775 -38.92 8.93 -3.00
CA ILE A 775 -39.52 7.69 -3.44
C ILE A 775 -40.99 7.94 -3.75
N PHE A 776 -41.51 7.20 -4.72
CA PHE A 776 -42.87 7.38 -5.21
C PHE A 776 -43.65 6.09 -5.08
N ILE A 777 -44.91 6.20 -4.67
CA ILE A 777 -45.83 5.07 -4.62
C ILE A 777 -46.96 5.39 -5.59
N THR A 778 -46.82 4.95 -6.84
CA THR A 778 -47.85 5.09 -7.84
C THR A 778 -48.32 3.68 -8.19
N CYS A 779 -49.56 3.37 -7.84
CA CYS A 779 -50.02 1.99 -7.95
C CYS A 779 -50.14 1.57 -9.40
N HIS A 780 -49.76 0.32 -9.67
CA HIS A 780 -49.88 -0.24 -11.00
C HIS A 780 -51.33 -0.23 -11.46
N GLU A 781 -51.52 -0.25 -12.78
CA GLU A 781 -52.83 -0.40 -13.36
C GLU A 781 -53.09 -1.82 -13.82
N GLY A 782 -52.22 -2.76 -13.46
CA GLY A 782 -52.35 -4.12 -13.96
C GLY A 782 -52.17 -4.17 -15.46
N SER A 783 -52.89 -5.09 -16.09
CA SER A 783 -52.86 -5.19 -17.54
C SER A 783 -53.60 -4.00 -18.14
N LEU A 784 -52.98 -3.35 -19.13
CA LEU A 784 -53.58 -2.18 -19.74
C LEU A 784 -54.82 -2.51 -20.57
N MET A 785 -55.00 -3.77 -20.96
CA MET A 785 -56.13 -4.13 -21.80
C MET A 785 -57.46 -3.90 -21.07
N ALA A 786 -57.53 -4.26 -19.79
CA ALA A 786 -58.78 -4.09 -19.05
C ALA A 786 -59.10 -2.62 -18.83
N LEU A 787 -58.09 -1.82 -18.49
CA LEU A 787 -58.31 -0.38 -18.34
C LEU A 787 -58.78 0.24 -19.65
N GLY A 788 -58.14 -0.15 -20.77
CA GLY A 788 -58.57 0.36 -22.06
C GLY A 788 -59.98 -0.07 -22.41
N PHE A 789 -60.35 -1.30 -22.06
CA PHE A 789 -61.70 -1.78 -22.30
C PHE A 789 -62.72 -0.98 -21.49
N LEU A 790 -62.41 -0.72 -20.22
CA LEU A 790 -63.29 0.13 -19.40
C LEU A 790 -63.47 1.49 -20.05
N ILE A 791 -62.36 2.13 -20.42
CA ILE A 791 -62.41 3.46 -21.02
C ILE A 791 -63.28 3.42 -22.28
N GLY A 792 -63.01 2.46 -23.16
CA GLY A 792 -63.70 2.40 -24.43
C GLY A 792 -65.18 2.12 -24.29
N TYR A 793 -65.55 1.21 -23.39
CA TYR A 793 -66.97 0.90 -23.22
C TYR A 793 -67.73 2.11 -22.67
N THR A 794 -67.14 2.80 -21.70
CA THR A 794 -67.90 3.93 -21.11
C THR A 794 -67.94 5.07 -22.14
N CYS A 795 -66.90 5.25 -22.98
CA CYS A 795 -66.96 6.25 -24.04
C CYS A 795 -67.98 5.89 -25.09
N LEU A 796 -68.10 4.61 -25.43
CA LEU A 796 -69.06 4.18 -26.43
C LEU A 796 -70.49 4.40 -25.94
N LEU A 797 -70.77 4.07 -24.68
CA LEU A 797 -72.10 4.33 -24.16
C LEU A 797 -72.40 5.82 -24.14
N ALA A 798 -71.42 6.64 -23.77
CA ALA A 798 -71.62 8.08 -23.79
C ALA A 798 -71.89 8.60 -25.19
N ALA A 799 -71.19 8.05 -26.19
CA ALA A 799 -71.40 8.46 -27.58
C ALA A 799 -72.79 8.06 -28.06
N ILE A 800 -73.25 6.86 -27.69
CA ILE A 800 -74.61 6.44 -28.04
C ILE A 800 -75.62 7.39 -27.43
N CYS A 801 -75.41 7.76 -26.16
CA CYS A 801 -76.30 8.73 -25.51
C CYS A 801 -76.27 10.07 -26.24
N PHE A 802 -75.08 10.51 -26.65
CA PHE A 802 -74.96 11.77 -27.40
C PHE A 802 -75.76 11.72 -28.69
N PHE A 803 -75.64 10.61 -29.43
CA PHE A 803 -76.34 10.50 -30.71
C PHE A 803 -77.85 10.50 -30.51
N PHE A 804 -78.34 9.67 -29.57
CA PHE A 804 -79.78 9.59 -29.35
C PHE A 804 -80.34 10.86 -28.71
N ALA A 805 -79.50 11.67 -28.06
CA ALA A 805 -79.98 12.93 -27.51
C ALA A 805 -79.98 14.03 -28.57
N PHE A 806 -78.99 14.02 -29.47
CA PHE A 806 -78.96 15.01 -30.54
C PHE A 806 -79.96 14.70 -31.65
N LYS A 807 -80.43 13.46 -31.74
CA LYS A 807 -81.44 13.13 -32.75
C LYS A 807 -82.74 13.88 -32.50
N SER A 808 -83.08 14.13 -31.24
CA SER A 808 -84.32 14.83 -30.87
C SER A 808 -84.00 16.01 -29.97
N ARG A 809 -82.99 16.81 -30.36
CA ARG A 809 -82.55 17.92 -29.52
C ARG A 809 -83.59 19.02 -29.42
N LYS A 810 -84.52 19.11 -30.36
CA LYS A 810 -85.53 20.17 -30.39
C LYS A 810 -86.89 19.57 -30.03
N LEU A 811 -87.30 19.80 -28.79
CA LEU A 811 -88.58 19.34 -28.27
C LEU A 811 -88.86 20.03 -26.94
N PRO A 812 -90.09 20.47 -26.69
CA PRO A 812 -90.39 21.20 -25.45
C PRO A 812 -90.81 20.34 -24.28
N GLU A 813 -91.11 19.06 -24.50
CA GLU A 813 -91.60 18.21 -23.42
C GLU A 813 -90.52 17.99 -22.36
N ASN A 814 -90.98 17.74 -21.13
CA ASN A 814 -90.10 17.56 -19.97
C ASN A 814 -89.19 18.78 -19.79
N PHE A 815 -89.75 19.96 -20.03
CA PHE A 815 -89.05 21.24 -19.87
C PHE A 815 -87.80 21.31 -20.75
N ASN A 816 -87.90 20.78 -21.96
CA ASN A 816 -86.87 20.92 -22.99
C ASN A 816 -85.51 20.48 -22.45
N GLU A 817 -85.42 19.19 -22.15
CA GLU A 817 -84.23 18.63 -21.52
C GLU A 817 -83.36 17.82 -22.47
N ALA A 818 -83.79 17.58 -23.70
CA ALA A 818 -82.97 16.82 -24.64
C ALA A 818 -81.68 17.56 -24.98
N LYS A 819 -81.79 18.86 -25.25
CA LYS A 819 -80.57 19.64 -25.49
C LYS A 819 -79.72 19.74 -24.23
N PHE A 820 -80.35 19.68 -23.06
CA PHE A 820 -79.58 19.65 -21.81
C PHE A 820 -78.76 18.38 -21.70
N ILE A 821 -79.36 17.24 -22.07
CA ILE A 821 -78.61 15.97 -22.08
C ILE A 821 -77.49 16.04 -23.11
N THR A 822 -77.77 16.63 -24.27
CA THR A 822 -76.74 16.79 -25.29
C THR A 822 -75.57 17.61 -24.76
N PHE A 823 -75.87 18.72 -24.09
CA PHE A 823 -74.80 19.55 -23.51
C PHE A 823 -74.03 18.80 -22.44
N SER A 824 -74.72 18.05 -21.58
CA SER A 824 -74.03 17.28 -20.55
C SER A 824 -73.06 16.28 -21.16
N MET A 825 -73.52 15.54 -22.18
CA MET A 825 -72.63 14.60 -22.85
C MET A 825 -71.48 15.30 -23.54
N LEU A 826 -71.73 16.50 -24.09
CA LEU A 826 -70.66 17.25 -24.73
C LEU A 826 -69.59 17.65 -23.72
N ILE A 827 -69.99 18.15 -22.55
CA ILE A 827 -68.99 18.53 -21.55
C ILE A 827 -68.27 17.30 -21.03
N PHE A 828 -68.97 16.18 -20.87
CA PHE A 828 -68.32 14.94 -20.48
C PHE A 828 -67.23 14.56 -21.47
N PHE A 829 -67.60 14.50 -22.75
CA PHE A 829 -66.63 14.06 -23.77
C PHE A 829 -65.45 15.05 -23.83
N ILE A 830 -65.74 16.35 -23.86
CA ILE A 830 -64.65 17.29 -24.03
C ILE A 830 -63.72 17.29 -22.81
N VAL A 831 -64.27 17.15 -21.60
CA VAL A 831 -63.42 17.16 -20.42
C VAL A 831 -62.58 15.88 -20.33
N TRP A 832 -63.11 14.76 -20.83
CA TRP A 832 -62.32 13.54 -20.83
C TRP A 832 -61.48 13.36 -22.09
N ILE A 833 -61.63 14.24 -23.07
CA ILE A 833 -60.71 14.27 -24.21
C ILE A 833 -59.55 15.21 -23.95
N SER A 834 -59.81 16.39 -23.38
CA SER A 834 -58.73 17.31 -23.03
C SER A 834 -58.06 16.85 -21.74
N PHE A 835 -57.60 15.62 -21.74
CA PHE A 835 -56.96 14.96 -20.61
C PHE A 835 -55.62 14.34 -20.97
N ILE A 836 -55.49 13.78 -22.17
CA ILE A 836 -54.23 13.14 -22.57
C ILE A 836 -53.08 14.14 -22.65
N PRO A 837 -53.22 15.33 -23.24
CA PRO A 837 -52.08 16.26 -23.27
C PRO A 837 -51.59 16.69 -21.90
N ALA A 838 -52.41 16.57 -20.86
CA ALA A 838 -51.97 16.83 -19.50
C ALA A 838 -51.57 15.58 -18.75
N TYR A 839 -51.96 14.40 -19.25
CA TYR A 839 -51.66 13.13 -18.60
C TYR A 839 -50.32 12.56 -19.06
N ALA A 840 -50.07 12.58 -20.37
CA ALA A 840 -48.82 12.03 -20.89
C ALA A 840 -47.62 12.87 -20.50
N SER A 841 -47.79 14.19 -20.41
CA SER A 841 -46.68 15.10 -20.20
C SER A 841 -46.42 15.41 -18.73
N THR A 842 -47.14 14.77 -17.81
CA THR A 842 -46.97 15.03 -16.39
C THR A 842 -46.66 13.73 -15.65
N TYR A 843 -45.69 13.80 -14.74
CA TYR A 843 -45.31 12.65 -13.92
C TYR A 843 -45.08 13.11 -12.49
N GLY A 844 -45.56 12.33 -11.54
CA GLY A 844 -45.43 12.67 -10.13
C GLY A 844 -46.72 12.56 -9.37
N LYS A 845 -47.00 13.55 -8.53
CA LYS A 845 -48.23 13.58 -7.74
C LYS A 845 -49.36 14.29 -8.46
N PHE A 846 -49.16 14.68 -9.72
CA PHE A 846 -50.19 15.39 -10.48
C PHE A 846 -51.06 14.46 -11.31
N VAL A 847 -50.59 13.25 -11.62
CA VAL A 847 -51.40 12.32 -12.40
C VAL A 847 -52.67 11.97 -11.64
N SER A 848 -52.56 11.70 -10.34
CA SER A 848 -53.72 11.44 -9.49
C SER A 848 -54.30 12.73 -8.90
N ALA A 849 -53.99 13.89 -9.50
CA ALA A 849 -54.53 15.16 -9.06
C ALA A 849 -55.55 15.75 -10.02
N VAL A 850 -55.33 15.61 -11.33
CA VAL A 850 -56.33 16.01 -12.30
C VAL A 850 -57.33 14.90 -12.58
N GLU A 851 -57.02 13.67 -12.15
CA GLU A 851 -57.97 12.57 -12.26
C GLU A 851 -59.25 12.86 -11.48
N VAL A 852 -59.09 13.25 -10.21
CA VAL A 852 -60.24 13.61 -9.39
C VAL A 852 -60.94 14.83 -9.96
N ILE A 853 -60.17 15.75 -10.54
CA ILE A 853 -60.74 16.94 -11.15
C ILE A 853 -61.70 16.56 -12.27
N ALA A 854 -61.24 15.68 -13.17
CA ALA A 854 -62.09 15.23 -14.27
C ALA A 854 -63.32 14.48 -13.76
N ILE A 855 -63.11 13.59 -12.77
CA ILE A 855 -64.24 12.83 -12.22
C ILE A 855 -65.31 13.78 -11.69
N LEU A 856 -64.90 14.74 -10.86
CA LEU A 856 -65.86 15.65 -10.25
C LEU A 856 -66.51 16.55 -11.28
N ALA A 857 -65.75 17.02 -12.27
CA ALA A 857 -66.34 17.85 -13.31
C ALA A 857 -67.44 17.10 -14.04
N ALA A 858 -67.17 15.85 -14.45
CA ALA A 858 -68.16 15.08 -15.17
C ALA A 858 -69.39 14.82 -14.32
N SER A 859 -69.20 14.41 -13.06
CA SER A 859 -70.35 14.09 -12.22
C SER A 859 -71.20 15.33 -11.94
N PHE A 860 -70.55 16.45 -11.62
CA PHE A 860 -71.30 17.67 -11.35
C PHE A 860 -72.05 18.14 -12.59
N GLY A 861 -71.44 18.06 -13.77
CA GLY A 861 -72.15 18.42 -14.98
C GLY A 861 -73.36 17.54 -15.21
N LEU A 862 -73.19 16.23 -15.01
CA LEU A 862 -74.31 15.30 -15.24
C LEU A 862 -75.44 15.55 -14.27
N LEU A 863 -75.13 15.95 -13.04
CA LEU A 863 -76.19 16.25 -12.07
C LEU A 863 -76.89 17.57 -12.41
N ALA A 864 -76.11 18.60 -12.74
CA ALA A 864 -76.66 19.94 -12.89
C ALA A 864 -77.46 20.07 -14.18
N CYS A 865 -76.99 19.45 -15.26
CA CYS A 865 -77.68 19.57 -16.54
C CYS A 865 -79.03 18.86 -16.55
N ILE A 866 -79.33 18.05 -15.54
CA ILE A 866 -80.57 17.28 -15.48
C ILE A 866 -81.50 17.77 -14.38
N PHE A 867 -81.05 17.73 -13.13
CA PHE A 867 -81.98 17.89 -12.02
C PHE A 867 -82.23 19.35 -11.62
N PHE A 868 -81.43 20.29 -12.14
CA PHE A 868 -81.57 21.68 -11.72
C PHE A 868 -82.91 22.27 -12.15
N ASN A 869 -83.35 21.98 -13.38
CA ASN A 869 -84.62 22.54 -13.87
C ASN A 869 -85.79 22.04 -13.03
N LYS A 870 -85.82 20.75 -12.72
CA LYS A 870 -86.91 20.21 -11.92
C LYS A 870 -86.85 20.71 -10.48
N ILE A 871 -85.66 20.96 -9.95
CA ILE A 871 -85.58 21.52 -8.61
C ILE A 871 -86.04 22.97 -8.59
N TYR A 872 -85.78 23.72 -9.67
CA TYR A 872 -86.04 25.16 -9.67
C TYR A 872 -87.52 25.47 -9.45
N ILE A 873 -88.41 24.77 -10.16
CA ILE A 873 -89.82 25.09 -10.06
C ILE A 873 -90.36 24.79 -8.67
N ILE A 874 -89.76 23.84 -7.98
CA ILE A 874 -90.28 23.36 -6.70
C ILE A 874 -89.73 24.19 -5.55
N TYR B 12 52.50 -27.74 15.08
CA TYR B 12 52.89 -28.73 14.07
C TYR B 12 51.80 -28.89 13.02
N GLY B 13 50.55 -28.80 13.44
CA GLY B 13 49.43 -28.91 12.55
C GLY B 13 48.81 -30.29 12.56
N PRO B 14 47.71 -30.45 11.83
CA PRO B 14 47.05 -31.76 11.77
C PRO B 14 47.91 -32.80 11.06
N ASP B 15 47.71 -34.06 11.42
CA ASP B 15 48.52 -35.14 10.87
C ASP B 15 48.30 -35.31 9.38
N GLN B 16 47.04 -35.22 8.93
CA GLN B 16 46.71 -35.37 7.52
C GLN B 16 47.09 -34.09 6.78
N ARG B 17 47.92 -34.21 5.75
CA ARG B 17 48.40 -33.04 5.04
C ARG B 17 49.01 -33.46 3.71
N ALA B 18 49.19 -32.46 2.84
CA ALA B 18 50.00 -32.57 1.65
C ALA B 18 51.15 -31.58 1.79
N GLN B 19 52.37 -32.03 1.47
CA GLN B 19 53.53 -31.18 1.73
C GLN B 19 54.69 -31.62 0.85
N LYS B 20 55.42 -30.64 0.33
CA LYS B 20 56.60 -30.88 -0.49
C LYS B 20 57.66 -29.85 -0.13
N LYS B 21 58.93 -30.23 -0.28
CA LYS B 21 60.04 -29.37 0.09
C LYS B 21 60.45 -28.48 -1.08
N GLY B 22 60.75 -27.22 -0.78
CA GLY B 22 61.17 -26.29 -1.80
C GLY B 22 61.83 -25.07 -1.18
N ASP B 23 62.35 -24.20 -2.05
CA ASP B 23 63.00 -22.98 -1.59
C ASP B 23 62.00 -21.96 -1.05
N ILE B 24 60.82 -21.88 -1.66
CA ILE B 24 59.76 -20.97 -1.25
C ILE B 24 58.50 -21.79 -1.03
N ILE B 25 57.88 -21.65 0.14
CA ILE B 25 56.77 -22.50 0.56
C ILE B 25 55.46 -21.73 0.45
N LEU B 26 54.44 -22.39 -0.11
CA LEU B 26 53.12 -21.82 -0.27
C LEU B 26 52.12 -22.59 0.58
N GLY B 27 51.19 -21.86 1.20
CA GLY B 27 50.15 -22.47 1.99
C GLY B 27 48.83 -22.55 1.24
N GLY B 28 47.99 -23.50 1.65
CA GLY B 28 46.69 -23.67 1.02
C GLY B 28 45.70 -24.28 1.98
N LEU B 29 44.42 -23.97 1.78
CA LEU B 29 43.33 -24.49 2.61
C LEU B 29 42.20 -24.91 1.70
N PHE B 30 41.78 -26.18 1.79
CA PHE B 30 40.73 -26.71 0.95
C PHE B 30 39.76 -27.53 1.78
N PRO B 31 38.46 -27.53 1.43
CA PRO B 31 37.44 -28.30 2.18
C PRO B 31 37.27 -29.74 1.74
N ILE B 32 38.19 -30.60 2.18
CA ILE B 32 38.14 -32.01 1.80
C ILE B 32 36.92 -32.72 2.38
N HIS B 33 36.35 -32.19 3.46
CA HIS B 33 35.13 -32.73 4.04
C HIS B 33 34.05 -31.65 4.05
N PHE B 34 32.82 -32.07 4.33
CA PHE B 34 31.68 -31.17 4.31
C PHE B 34 31.34 -30.59 5.67
N GLY B 35 31.87 -31.16 6.75
CA GLY B 35 31.56 -30.67 8.07
C GLY B 35 32.11 -31.61 9.12
N VAL B 36 31.82 -31.27 10.38
CA VAL B 36 32.32 -32.01 11.51
C VAL B 36 31.21 -32.88 12.10
N ALA B 37 31.59 -33.84 12.92
CA ALA B 37 30.62 -34.79 13.48
C ALA B 37 29.64 -34.08 14.41
N ALA B 38 28.41 -34.57 14.43
CA ALA B 38 27.32 -33.94 15.15
C ALA B 38 27.40 -34.12 16.66
N LYS B 39 28.28 -34.99 17.16
CA LYS B 39 28.39 -35.21 18.59
C LYS B 39 28.84 -33.95 19.30
N ASP B 40 28.12 -33.59 20.36
CA ASP B 40 28.43 -32.42 21.19
C ASP B 40 28.85 -32.88 22.56
N GLN B 41 30.02 -32.44 23.00
CA GLN B 41 30.60 -32.91 24.25
C GLN B 41 30.01 -32.16 25.44
N ASP B 42 29.66 -32.90 26.49
CA ASP B 42 29.17 -32.32 27.72
C ASP B 42 30.26 -32.12 28.76
N LEU B 43 31.52 -32.30 28.36
CA LEU B 43 32.69 -31.97 29.17
C LEU B 43 32.78 -32.82 30.44
N LYS B 44 32.24 -34.04 30.41
CA LYS B 44 32.49 -34.96 31.51
C LYS B 44 33.95 -35.38 31.56
N SER B 45 34.55 -35.64 30.40
CA SER B 45 35.95 -36.03 30.29
C SER B 45 36.68 -35.02 29.42
N ARG B 46 37.96 -35.29 29.20
CA ARG B 46 38.81 -34.38 28.44
C ARG B 46 38.29 -34.25 27.01
N PRO B 47 38.09 -33.04 26.51
CA PRO B 47 37.71 -32.87 25.11
C PRO B 47 38.79 -33.40 24.17
N GLU B 48 38.35 -34.04 23.10
CA GLU B 48 39.24 -34.61 22.10
C GLU B 48 39.02 -33.94 20.75
N SER B 49 39.77 -34.38 19.75
CA SER B 49 39.67 -33.81 18.42
C SER B 49 38.39 -34.26 17.74
N VAL B 50 37.65 -33.31 17.18
CA VAL B 50 36.39 -33.60 16.51
C VAL B 50 36.69 -34.11 15.10
N GLU B 51 35.93 -35.10 14.65
CA GLU B 51 36.17 -35.75 13.36
C GLU B 51 35.21 -35.21 12.30
N CYS B 52 35.63 -35.35 11.05
CA CYS B 52 34.84 -34.96 9.89
C CYS B 52 34.13 -36.17 9.31
N ILE B 53 33.04 -35.92 8.57
CA ILE B 53 32.11 -37.00 8.24
C ILE B 53 31.96 -37.27 6.74
N ARG B 54 31.63 -36.27 5.94
CA ARG B 54 31.31 -36.46 4.53
C ARG B 54 32.46 -35.96 3.65
N TYR B 55 32.70 -36.65 2.54
CA TYR B 55 33.81 -36.31 1.65
C TYR B 55 33.40 -35.31 0.58
N ASN B 56 34.40 -34.70 -0.05
CA ASN B 56 34.21 -33.62 -1.02
C ASN B 56 35.19 -33.83 -2.19
N PHE B 57 34.70 -34.51 -3.22
CA PHE B 57 35.52 -34.77 -4.41
C PHE B 57 35.87 -33.48 -5.13
N ARG B 58 34.94 -32.52 -5.13
CA ARG B 58 35.21 -31.22 -5.75
C ARG B 58 36.34 -30.49 -5.01
N GLY B 59 36.33 -30.53 -3.68
CA GLY B 59 37.42 -29.93 -2.92
C GLY B 59 38.76 -30.61 -3.18
N PHE B 60 38.74 -31.94 -3.28
CA PHE B 60 39.98 -32.64 -3.62
C PHE B 60 40.48 -32.23 -5.00
N ARG B 61 39.57 -32.05 -5.97
CA ARG B 61 39.96 -31.57 -7.28
C ARG B 61 40.59 -30.18 -7.20
N TRP B 62 40.04 -29.30 -6.35
CA TRP B 62 40.64 -27.99 -6.17
C TRP B 62 42.07 -28.08 -5.64
N LEU B 63 42.29 -28.96 -4.67
CA LEU B 63 43.63 -29.18 -4.13
C LEU B 63 44.57 -29.68 -5.22
N GLN B 64 44.09 -30.62 -6.03
CA GLN B 64 44.91 -31.15 -7.15
C GLN B 64 45.27 -29.98 -8.07
N ALA B 65 44.32 -29.08 -8.34
CA ALA B 65 44.58 -27.95 -9.24
C ALA B 65 45.72 -27.09 -8.71
N MET B 66 45.71 -26.80 -7.41
CA MET B 66 46.81 -26.01 -6.84
C MET B 66 48.15 -26.75 -6.99
N ILE B 67 48.15 -28.05 -6.68
CA ILE B 67 49.39 -28.82 -6.78
C ILE B 67 49.90 -28.84 -8.22
N PHE B 68 48.99 -29.03 -9.17
CA PHE B 68 49.35 -29.03 -10.58
C PHE B 68 49.96 -27.71 -11.01
N ALA B 69 49.36 -26.60 -10.56
CA ALA B 69 49.90 -25.29 -10.92
C ALA B 69 51.33 -25.12 -10.40
N ILE B 70 51.57 -25.51 -9.15
CA ILE B 70 52.91 -25.36 -8.59
C ILE B 70 53.91 -26.26 -9.34
N GLU B 71 53.53 -27.49 -9.62
CA GLU B 71 54.45 -28.40 -10.32
C GLU B 71 54.77 -27.89 -11.72
N GLU B 72 53.78 -27.38 -12.44
CA GLU B 72 54.01 -26.82 -13.76
C GLU B 72 54.90 -25.59 -13.69
N ILE B 73 54.70 -24.74 -12.67
CA ILE B 73 55.55 -23.58 -12.52
C ILE B 73 57.00 -23.99 -12.32
N ASN B 74 57.24 -25.00 -11.47
CA ASN B 74 58.60 -25.46 -11.27
C ASN B 74 59.17 -26.11 -12.52
N SER B 75 58.32 -26.71 -13.35
CA SER B 75 58.80 -27.32 -14.59
C SER B 75 59.22 -26.26 -15.61
N SER B 76 58.46 -25.18 -15.74
CA SER B 76 58.70 -24.21 -16.80
C SER B 76 59.90 -23.34 -16.46
N PRO B 77 60.97 -23.31 -17.29
CA PRO B 77 62.15 -22.49 -17.02
C PRO B 77 62.05 -21.08 -17.61
N ALA B 78 60.91 -20.44 -17.43
CA ALA B 78 60.72 -19.06 -17.88
C ALA B 78 60.00 -18.19 -16.88
N LEU B 79 59.56 -18.73 -15.75
CA LEU B 79 58.89 -17.96 -14.71
C LEU B 79 59.74 -17.75 -13.47
N LEU B 80 60.47 -18.77 -13.03
CA LEU B 80 61.36 -18.66 -11.87
C LEU B 80 62.52 -19.62 -12.06
N PRO B 81 63.49 -19.25 -12.89
CA PRO B 81 64.66 -20.12 -13.08
C PRO B 81 65.48 -20.24 -11.80
N ASN B 82 66.08 -21.41 -11.62
CA ASN B 82 66.97 -21.67 -10.49
C ASN B 82 66.27 -21.44 -9.16
N LEU B 83 65.02 -21.89 -9.06
CA LEU B 83 64.23 -21.68 -7.85
C LEU B 83 63.08 -22.67 -7.84
N THR B 84 62.93 -23.41 -6.74
CA THR B 84 61.91 -24.43 -6.60
C THR B 84 60.86 -23.98 -5.60
N LEU B 85 59.59 -24.20 -5.93
CA LEU B 85 58.47 -23.82 -5.09
C LEU B 85 57.92 -25.05 -4.36
N GLY B 86 57.74 -24.91 -3.04
CA GLY B 86 57.12 -25.95 -2.24
C GLY B 86 55.72 -25.55 -1.80
N TYR B 87 55.01 -26.50 -1.21
CA TYR B 87 53.65 -26.26 -0.75
C TYR B 87 53.41 -26.92 0.60
N ARG B 88 52.38 -26.43 1.29
CA ARG B 88 51.96 -26.99 2.57
C ARG B 88 50.46 -26.76 2.69
N ILE B 89 49.67 -27.81 2.44
CA ILE B 89 48.23 -27.68 2.26
C ILE B 89 47.51 -28.51 3.31
N PHE B 90 46.43 -27.95 3.86
CA PHE B 90 45.65 -28.59 4.92
C PHE B 90 44.18 -28.62 4.56
N ASP B 91 43.41 -29.34 5.38
CA ASP B 91 41.97 -29.52 5.19
C ASP B 91 41.22 -28.74 6.26
N THR B 92 40.22 -27.97 5.83
CA THR B 92 39.44 -27.15 6.75
C THR B 92 38.18 -27.83 7.25
N CYS B 93 37.66 -28.81 6.52
CA CYS B 93 36.40 -29.48 6.86
C CYS B 93 35.24 -28.49 6.97
N ASN B 94 35.36 -27.36 6.27
CA ASN B 94 34.33 -26.33 6.15
C ASN B 94 34.01 -25.63 7.47
N THR B 95 34.89 -25.73 8.47
CA THR B 95 34.63 -25.20 9.80
C THR B 95 35.77 -24.30 10.22
N VAL B 96 35.44 -23.32 11.08
CA VAL B 96 36.43 -22.32 11.50
C VAL B 96 37.50 -22.95 12.38
N SER B 97 37.11 -23.88 13.26
CA SER B 97 38.05 -24.41 14.24
C SER B 97 39.21 -25.13 13.58
N LYS B 98 38.93 -25.93 12.55
CA LYS B 98 40.00 -26.70 11.89
C LYS B 98 40.88 -25.82 11.02
N ALA B 99 40.32 -24.74 10.45
CA ALA B 99 41.10 -23.83 9.64
C ALA B 99 42.01 -22.94 10.46
N LEU B 100 41.64 -22.65 11.71
CA LEU B 100 42.49 -21.81 12.57
C LEU B 100 43.68 -22.58 13.11
N GLU B 101 43.55 -23.90 13.29
CA GLU B 101 44.70 -24.69 13.73
C GLU B 101 45.81 -24.66 12.70
N ALA B 102 45.47 -24.78 11.42
CA ALA B 102 46.47 -24.77 10.36
C ALA B 102 47.12 -23.39 10.25
N THR B 103 46.34 -22.32 10.40
CA THR B 103 46.90 -20.97 10.27
C THR B 103 47.90 -20.67 11.38
N LEU B 104 47.76 -21.31 12.54
CA LEU B 104 48.75 -21.15 13.60
C LEU B 104 50.06 -21.81 13.22
N SER B 105 50.02 -22.85 12.39
CA SER B 105 51.23 -23.46 11.87
C SER B 105 51.85 -22.63 10.75
N PHE B 106 51.04 -21.94 9.95
CA PHE B 106 51.57 -21.10 8.88
C PHE B 106 52.38 -19.94 9.43
N VAL B 107 51.88 -19.28 10.48
CA VAL B 107 52.54 -18.10 11.03
C VAL B 107 53.64 -18.44 12.03
N ALA B 108 53.77 -19.71 12.43
CA ALA B 108 54.81 -20.12 13.36
C ALA B 108 56.18 -20.03 12.70
N SER B 129 59.04 -21.07 6.49
CA SER B 129 57.94 -20.12 6.63
C SER B 129 57.28 -19.84 5.28
N THR B 130 55.97 -19.64 5.29
CA THR B 130 55.22 -19.40 4.08
C THR B 130 55.17 -17.91 3.79
N ILE B 131 55.26 -17.56 2.50
CA ILE B 131 55.14 -16.17 2.07
C ILE B 131 53.79 -15.85 1.47
N ALA B 132 52.96 -16.86 1.19
CA ALA B 132 51.64 -16.64 0.63
C ALA B 132 50.76 -17.82 0.97
N VAL B 133 49.46 -17.56 1.10
CA VAL B 133 48.46 -18.59 1.39
C VAL B 133 47.35 -18.49 0.35
N VAL B 134 47.02 -19.61 -0.26
CA VAL B 134 45.88 -19.67 -1.17
C VAL B 134 44.63 -19.92 -0.32
N GLY B 135 43.71 -18.96 -0.32
CA GLY B 135 42.69 -18.83 0.71
C GLY B 135 41.67 -19.94 0.83
N ALA B 136 40.63 -19.68 1.60
CA ALA B 136 39.62 -20.69 1.92
C ALA B 136 38.43 -20.56 0.98
N THR B 137 37.37 -21.32 1.27
CA THR B 137 36.15 -21.31 0.47
C THR B 137 35.06 -20.45 1.12
N GLY B 138 34.70 -20.75 2.36
CA GLY B 138 33.65 -20.00 3.03
C GLY B 138 34.09 -18.63 3.50
N SER B 139 33.13 -17.71 3.54
CA SER B 139 33.44 -16.32 3.85
C SER B 139 33.83 -16.14 5.32
N GLY B 140 33.16 -16.85 6.24
CA GLY B 140 33.54 -16.76 7.63
C GLY B 140 34.90 -17.36 7.91
N VAL B 141 35.20 -18.49 7.28
CA VAL B 141 36.53 -19.10 7.40
C VAL B 141 37.59 -18.14 6.86
N SER B 142 37.32 -17.55 5.69
CA SER B 142 38.26 -16.60 5.12
C SER B 142 38.44 -15.38 6.00
N THR B 143 37.36 -14.92 6.63
CA THR B 143 37.44 -13.77 7.53
C THR B 143 38.35 -14.07 8.71
N ALA B 144 38.17 -15.24 9.34
CA ALA B 144 39.01 -15.60 10.47
C ALA B 144 40.47 -15.74 10.06
N VAL B 145 40.72 -16.44 8.95
CA VAL B 145 42.09 -16.65 8.48
C VAL B 145 42.73 -15.31 8.12
N ALA B 146 41.97 -14.41 7.49
CA ALA B 146 42.52 -13.11 7.10
C ALA B 146 42.83 -12.25 8.32
N ASN B 147 41.95 -12.29 9.34
CA ASN B 147 42.24 -11.60 10.58
C ASN B 147 43.57 -12.07 11.16
N LEU B 148 43.81 -13.38 11.16
CA LEU B 148 45.08 -13.87 11.70
C LEU B 148 46.26 -13.52 10.81
N LEU B 149 46.10 -13.63 9.49
CA LEU B 149 47.22 -13.49 8.57
C LEU B 149 47.63 -12.04 8.33
N GLY B 150 46.70 -11.09 8.47
CA GLY B 150 47.06 -9.71 8.28
C GLY B 150 47.91 -9.13 9.40
N LEU B 151 48.04 -9.85 10.50
CA LEU B 151 48.92 -9.43 11.59
C LEU B 151 50.37 -9.38 11.12
N PHE B 152 50.79 -10.37 10.33
CA PHE B 152 52.16 -10.50 9.88
C PHE B 152 52.36 -10.10 8.43
N TYR B 153 51.34 -9.51 7.81
CA TYR B 153 51.40 -9.03 6.42
C TYR B 153 51.77 -10.17 5.46
N ILE B 154 51.10 -11.30 5.62
CA ILE B 154 51.23 -12.43 4.70
C ILE B 154 50.10 -12.34 3.69
N PRO B 155 50.38 -12.13 2.41
CA PRO B 155 49.31 -12.01 1.42
C PRO B 155 48.47 -13.28 1.33
N GLN B 156 47.16 -13.09 1.18
CA GLN B 156 46.22 -14.20 1.09
C GLN B 156 45.36 -14.02 -0.15
N VAL B 157 45.40 -14.99 -1.05
CA VAL B 157 44.63 -14.96 -2.28
C VAL B 157 43.55 -16.03 -2.19
N SER B 158 42.29 -15.61 -2.12
CA SER B 158 41.16 -16.52 -2.07
C SER B 158 40.62 -16.76 -3.47
N TYR B 159 39.97 -17.91 -3.65
CA TYR B 159 39.39 -18.28 -4.93
C TYR B 159 37.87 -18.35 -4.93
N ALA B 160 37.24 -18.47 -3.76
CA ALA B 160 35.79 -18.67 -3.69
C ALA B 160 35.06 -17.73 -2.73
N SER B 161 35.75 -16.99 -1.87
CA SER B 161 35.08 -16.11 -0.93
C SER B 161 34.71 -14.81 -1.63
N SER B 162 33.41 -14.49 -1.64
CA SER B 162 32.90 -13.36 -2.42
C SER B 162 32.16 -12.34 -1.58
N SER B 163 32.23 -12.42 -0.25
CA SER B 163 31.52 -11.45 0.59
C SER B 163 32.07 -10.05 0.39
N ARG B 164 31.18 -9.06 0.39
CA ARG B 164 31.59 -7.67 0.26
C ARG B 164 32.26 -7.14 1.53
N LEU B 165 32.15 -7.85 2.65
CA LEU B 165 32.82 -7.41 3.86
C LEU B 165 34.33 -7.53 3.77
N LEU B 166 34.84 -8.32 2.83
CA LEU B 166 36.27 -8.52 2.67
C LEU B 166 36.93 -7.44 1.81
N SER B 167 36.16 -6.48 1.30
CA SER B 167 36.70 -5.36 0.55
C SER B 167 37.13 -4.20 1.43
N ASN B 168 36.92 -4.30 2.74
CA ASN B 168 37.33 -3.26 3.68
C ASN B 168 38.83 -3.38 3.90
N LYS B 169 39.59 -2.40 3.41
CA LYS B 169 41.04 -2.46 3.48
C LYS B 169 41.60 -1.95 4.80
N ASN B 170 40.77 -1.37 5.67
CA ASN B 170 41.23 -0.98 6.99
C ASN B 170 41.30 -2.17 7.95
N GLN B 171 40.60 -3.25 7.64
CA GLN B 171 40.60 -4.45 8.47
C GLN B 171 41.38 -5.60 7.85
N PHE B 172 41.19 -5.86 6.55
CA PHE B 172 41.85 -6.95 5.86
C PHE B 172 42.92 -6.34 4.95
N LYS B 173 44.13 -6.19 5.50
CA LYS B 173 45.21 -5.51 4.81
C LYS B 173 45.97 -6.41 3.84
N SER B 174 45.75 -7.73 3.88
CA SER B 174 46.51 -8.66 3.06
C SER B 174 45.62 -9.56 2.21
N PHE B 175 44.34 -9.23 2.08
CA PHE B 175 43.39 -10.10 1.39
C PHE B 175 43.17 -9.63 -0.04
N LEU B 176 43.42 -10.56 -0.96
CA LEU B 176 43.14 -10.32 -2.40
C LEU B 176 42.39 -11.57 -2.86
N ARG B 177 41.58 -11.47 -3.92
CA ARG B 177 40.79 -12.60 -4.38
C ARG B 177 40.71 -12.58 -5.90
N THR B 178 40.50 -13.77 -6.49
CA THR B 178 40.36 -13.92 -7.93
C THR B 178 38.90 -14.08 -8.35
N ILE B 179 37.96 -13.79 -7.46
CA ILE B 179 36.53 -13.92 -7.74
C ILE B 179 35.88 -12.58 -7.40
N PRO B 180 34.84 -12.16 -8.12
CA PRO B 180 34.16 -10.90 -7.77
C PRO B 180 33.24 -11.06 -6.56
N ASN B 181 32.87 -9.92 -5.99
CA ASN B 181 31.95 -9.90 -4.88
C ASN B 181 30.50 -9.81 -5.36
N ASP B 182 29.56 -10.06 -4.45
CA ASP B 182 28.19 -10.40 -4.79
C ASP B 182 27.27 -9.19 -4.99
N GLU B 183 27.80 -7.96 -4.96
CA GLU B 183 26.95 -6.80 -5.24
C GLU B 183 26.35 -6.89 -6.63
N HIS B 184 27.18 -7.24 -7.61
CA HIS B 184 26.68 -7.42 -8.97
C HIS B 184 25.71 -8.58 -9.07
N GLN B 185 25.92 -9.66 -8.31
CA GLN B 185 25.00 -10.79 -8.35
C GLN B 185 23.64 -10.43 -7.79
N ALA B 186 23.59 -9.67 -6.69
CA ALA B 186 22.31 -9.22 -6.16
C ALA B 186 21.62 -8.26 -7.13
N THR B 187 22.38 -7.34 -7.73
CA THR B 187 21.80 -6.47 -8.75
C THR B 187 21.26 -7.29 -9.92
N ALA B 188 21.94 -8.37 -10.28
CA ALA B 188 21.47 -9.23 -11.37
C ALA B 188 20.19 -9.95 -11.00
N MET B 189 20.07 -10.38 -9.75
CA MET B 189 18.82 -11.00 -9.30
C MET B 189 17.66 -10.01 -9.43
N ALA B 190 17.87 -8.76 -9.00
CA ALA B 190 16.84 -7.74 -9.14
C ALA B 190 16.52 -7.49 -10.61
N ASP B 191 17.54 -7.48 -11.47
CA ASP B 191 17.34 -7.27 -12.90
C ASP B 191 16.50 -8.38 -13.51
N ILE B 192 16.77 -9.64 -13.14
CA ILE B 192 15.98 -10.75 -13.66
C ILE B 192 14.53 -10.65 -13.19
N ILE B 193 14.33 -10.34 -11.91
CA ILE B 193 12.98 -10.23 -11.38
C ILE B 193 12.20 -9.14 -12.11
N GLU B 194 12.85 -8.00 -12.36
CA GLU B 194 12.19 -6.93 -13.10
C GLU B 194 11.94 -7.33 -14.54
N TYR B 195 12.86 -8.08 -15.15
CA TYR B 195 12.68 -8.52 -16.53
C TYR B 195 11.44 -9.39 -16.69
N PHE B 196 11.23 -10.33 -15.76
CA PHE B 196 10.10 -11.24 -15.90
C PHE B 196 8.81 -10.67 -15.32
N ARG B 197 8.84 -9.44 -14.81
CA ARG B 197 7.65 -8.72 -14.37
C ARG B 197 6.92 -9.45 -13.24
N TRP B 198 7.65 -9.64 -12.14
CA TRP B 198 7.09 -10.12 -10.89
C TRP B 198 7.22 -9.01 -9.84
N ASN B 199 6.32 -9.02 -8.86
CA ASN B 199 6.43 -8.08 -7.75
C ASN B 199 6.10 -8.71 -6.41
N TRP B 200 6.04 -10.03 -6.31
CA TRP B 200 5.63 -10.72 -5.09
C TRP B 200 6.53 -11.93 -4.90
N VAL B 201 7.58 -11.78 -4.09
CA VAL B 201 8.62 -12.79 -3.93
C VAL B 201 8.93 -13.00 -2.46
N GLY B 202 9.63 -14.11 -2.19
CA GLY B 202 10.18 -14.34 -0.87
C GLY B 202 11.67 -14.61 -0.98
N THR B 203 12.37 -14.41 0.14
CA THR B 203 13.82 -14.57 0.18
C THR B 203 14.22 -15.51 1.30
N ILE B 204 15.31 -16.24 1.06
CA ILE B 204 15.92 -17.14 2.05
C ILE B 204 17.43 -16.99 1.96
N ALA B 205 18.09 -16.92 3.12
CA ALA B 205 19.53 -16.74 3.16
C ALA B 205 20.14 -17.58 4.27
N ALA B 206 21.41 -17.93 4.09
CA ALA B 206 22.16 -18.63 5.13
C ALA B 206 22.61 -17.67 6.22
N ASP B 207 22.72 -18.19 7.44
CA ASP B 207 23.08 -17.37 8.58
C ASP B 207 24.60 -17.34 8.75
N ASP B 208 25.25 -16.66 7.81
CA ASP B 208 26.69 -16.44 7.88
C ASP B 208 27.02 -15.18 7.07
N ASP B 209 28.32 -14.95 6.85
CA ASP B 209 28.78 -13.75 6.17
C ASP B 209 28.57 -13.78 4.66
N TYR B 210 28.08 -14.88 4.12
CA TYR B 210 27.77 -14.95 2.70
C TYR B 210 26.31 -14.60 2.41
N GLY B 211 25.38 -15.18 3.15
CA GLY B 211 23.96 -14.94 2.95
C GLY B 211 23.44 -13.57 3.33
N ARG B 212 23.82 -13.08 4.52
CA ARG B 212 23.25 -11.84 5.03
C ARG B 212 23.58 -10.62 4.18
N PRO B 213 24.84 -10.32 3.84
CA PRO B 213 25.10 -9.13 3.02
C PRO B 213 24.48 -9.23 1.64
N GLY B 214 24.46 -10.42 1.04
CA GLY B 214 23.83 -10.59 -0.25
C GLY B 214 22.34 -10.31 -0.20
N ILE B 215 21.66 -10.83 0.82
CA ILE B 215 20.22 -10.60 0.92
C ILE B 215 19.92 -9.15 1.24
N GLU B 216 20.80 -8.47 1.98
CA GLU B 216 20.62 -7.04 2.21
C GLU B 216 20.76 -6.22 0.93
N LYS B 217 21.80 -6.50 0.14
CA LYS B 217 21.96 -5.77 -1.11
C LYS B 217 20.79 -6.03 -2.04
N PHE B 218 20.31 -7.28 -2.08
CA PHE B 218 19.15 -7.59 -2.90
C PHE B 218 17.91 -6.84 -2.41
N ARG B 219 17.72 -6.75 -1.09
CA ARG B 219 16.56 -6.05 -0.56
C ARG B 219 16.58 -4.59 -0.96
N GLU B 220 17.75 -3.95 -0.85
CA GLU B 220 17.87 -2.55 -1.23
C GLU B 220 17.55 -2.36 -2.72
N GLU B 221 18.13 -3.21 -3.57
CA GLU B 221 17.87 -3.09 -5.01
C GLU B 221 16.40 -3.33 -5.34
N ALA B 222 15.79 -4.35 -4.73
CA ALA B 222 14.39 -4.66 -5.00
C ALA B 222 13.47 -3.54 -4.57
N GLU B 223 13.73 -2.94 -3.40
CA GLU B 223 12.91 -1.80 -2.99
C GLU B 223 13.16 -0.60 -3.88
N GLU B 224 14.34 -0.50 -4.49
CA GLU B 224 14.56 0.54 -5.48
C GLU B 224 13.77 0.28 -6.77
N ARG B 225 13.50 -0.98 -7.08
CA ARG B 225 12.81 -1.35 -8.30
C ARG B 225 11.32 -1.60 -8.12
N ASP B 226 10.75 -1.25 -6.96
CA ASP B 226 9.33 -1.42 -6.67
C ASP B 226 8.92 -2.89 -6.73
N ILE B 227 9.54 -3.70 -5.87
CA ILE B 227 9.25 -5.12 -5.75
C ILE B 227 8.94 -5.42 -4.30
N CYS B 228 7.84 -6.15 -4.07
CA CYS B 228 7.37 -6.44 -2.72
C CYS B 228 7.86 -7.81 -2.28
N ILE B 229 8.49 -7.87 -1.11
CA ILE B 229 9.03 -9.11 -0.55
C ILE B 229 8.10 -9.57 0.56
N ASP B 230 7.63 -10.83 0.46
CA ASP B 230 6.66 -11.34 1.41
C ASP B 230 7.33 -11.78 2.72
N PHE B 231 8.23 -12.76 2.64
CA PHE B 231 8.88 -13.30 3.83
C PHE B 231 10.39 -13.32 3.62
N SER B 232 11.12 -13.57 4.73
CA SER B 232 12.58 -13.64 4.68
C SER B 232 13.04 -14.43 5.90
N GLU B 233 13.67 -15.58 5.67
CA GLU B 233 14.05 -16.50 6.74
C GLU B 233 15.53 -16.86 6.63
N LEU B 234 16.05 -17.43 7.71
CA LEU B 234 17.44 -17.86 7.81
C LEU B 234 17.51 -19.35 8.10
N ILE B 235 18.59 -19.99 7.66
CA ILE B 235 18.77 -21.43 7.76
C ILE B 235 20.23 -21.74 8.04
N SER B 236 20.51 -23.00 8.35
CA SER B 236 21.86 -23.45 8.65
C SER B 236 21.94 -24.96 8.51
N GLN B 237 23.18 -25.45 8.42
CA GLN B 237 23.43 -26.90 8.39
C GLN B 237 23.12 -27.56 9.72
N TYR B 238 23.15 -26.79 10.82
CA TYR B 238 22.90 -27.31 12.16
C TYR B 238 21.62 -26.72 12.75
N SER B 239 20.57 -26.63 11.93
CA SER B 239 19.29 -26.10 12.39
C SER B 239 18.45 -27.19 13.03
N ASP B 240 17.61 -26.78 13.97
CA ASP B 240 16.76 -27.69 14.72
C ASP B 240 15.49 -28.03 13.94
N GLU B 241 14.85 -29.11 14.37
CA GLU B 241 13.63 -29.57 13.71
C GLU B 241 12.53 -28.52 13.80
N GLU B 242 12.39 -27.87 14.97
CA GLU B 242 11.36 -26.85 15.12
C GLU B 242 11.58 -25.69 14.17
N GLU B 243 12.83 -25.23 14.03
CA GLU B 243 13.13 -24.17 13.08
C GLU B 243 12.82 -24.60 11.65
N ILE B 244 13.18 -25.84 11.31
CA ILE B 244 12.92 -26.33 9.96
C ILE B 244 11.43 -26.35 9.66
N GLN B 245 10.65 -26.86 10.61
CA GLN B 245 9.18 -26.90 10.43
C GLN B 245 8.65 -25.48 10.29
N HIS B 246 9.14 -24.54 11.12
CA HIS B 246 8.64 -23.18 11.07
C HIS B 246 8.91 -22.54 9.71
N VAL B 247 10.12 -22.73 9.17
CA VAL B 247 10.43 -22.19 7.86
C VAL B 247 9.55 -22.82 6.79
N VAL B 248 9.37 -24.14 6.87
CA VAL B 248 8.53 -24.84 5.88
C VAL B 248 7.10 -24.32 5.94
N GLU B 249 6.59 -24.10 7.15
CA GLU B 249 5.22 -23.64 7.28
C GLU B 249 5.06 -22.22 6.78
N VAL B 250 6.08 -21.37 7.00
CA VAL B 250 6.01 -20.02 6.43
C VAL B 250 5.96 -20.08 4.92
N ILE B 251 6.80 -20.92 4.32
CA ILE B 251 6.81 -21.06 2.86
C ILE B 251 5.45 -21.55 2.36
N GLN B 252 4.86 -22.53 3.06
CA GLN B 252 3.56 -23.05 2.65
C GLN B 252 2.45 -22.01 2.80
N ASN B 253 2.45 -21.27 3.91
CA ASN B 253 1.40 -20.29 4.17
C ASN B 253 1.51 -19.10 3.23
N SER B 254 2.70 -18.80 2.71
CA SER B 254 2.85 -17.69 1.79
C SER B 254 2.22 -18.03 0.44
N THR B 255 1.83 -16.97 -0.28
CA THR B 255 1.21 -17.12 -1.59
C THR B 255 2.15 -16.73 -2.73
N ALA B 256 3.36 -16.25 -2.42
CA ALA B 256 4.34 -15.97 -3.45
C ALA B 256 4.89 -17.26 -4.03
N LYS B 257 5.38 -17.18 -5.27
CA LYS B 257 5.89 -18.34 -5.97
C LYS B 257 7.39 -18.31 -6.22
N VAL B 258 7.99 -17.13 -6.34
CA VAL B 258 9.41 -16.99 -6.61
C VAL B 258 10.15 -16.81 -5.30
N ILE B 259 11.14 -17.67 -5.06
CA ILE B 259 11.93 -17.63 -3.84
C ILE B 259 13.39 -17.47 -4.21
N VAL B 260 14.02 -16.42 -3.69
CA VAL B 260 15.43 -16.11 -3.94
C VAL B 260 16.26 -16.62 -2.77
N VAL B 261 17.27 -17.43 -3.07
CA VAL B 261 18.05 -18.13 -2.05
C VAL B 261 19.51 -17.72 -2.17
N PHE B 262 20.09 -17.31 -1.04
CA PHE B 262 21.53 -16.92 -0.98
C PHE B 262 22.20 -17.81 0.07
N SER B 263 22.65 -19.00 -0.32
CA SER B 263 23.24 -19.96 0.61
C SER B 263 24.12 -20.93 -0.18
N SER B 264 24.57 -21.98 0.49
CA SER B 264 25.34 -23.06 -0.12
C SER B 264 24.61 -24.39 0.10
N GLY B 265 25.11 -25.43 -0.55
CA GLY B 265 24.52 -26.74 -0.49
C GLY B 265 24.47 -27.35 0.91
N PRO B 266 25.59 -27.31 1.63
CA PRO B 266 25.57 -27.83 3.01
C PRO B 266 24.55 -27.14 3.92
N ASP B 267 24.36 -25.83 3.76
CA ASP B 267 23.40 -25.10 4.58
C ASP B 267 21.98 -25.15 4.04
N LEU B 268 21.79 -25.62 2.81
CA LEU B 268 20.48 -25.70 2.20
C LEU B 268 19.90 -27.12 2.20
N GLU B 269 20.72 -28.14 2.42
CA GLU B 269 20.23 -29.51 2.30
C GLU B 269 19.08 -29.85 3.26
N PRO B 270 19.15 -29.57 4.56
CA PRO B 270 18.05 -30.01 5.45
C PRO B 270 16.68 -29.45 5.09
N LEU B 271 16.63 -28.18 4.72
CA LEU B 271 15.36 -27.56 4.33
C LEU B 271 14.80 -28.22 3.07
N ILE B 272 15.67 -28.53 2.11
CA ILE B 272 15.23 -29.19 0.89
C ILE B 272 14.69 -30.59 1.20
N LYS B 273 15.37 -31.31 2.11
CA LYS B 273 14.89 -32.64 2.48
C LYS B 273 13.50 -32.57 3.13
N GLU B 274 13.31 -31.62 4.05
CA GLU B 274 12.00 -31.48 4.69
C GLU B 274 10.93 -31.06 3.69
N ILE B 275 11.27 -30.15 2.78
CA ILE B 275 10.30 -29.70 1.78
C ILE B 275 9.91 -30.84 0.86
N VAL B 276 10.88 -31.70 0.51
CA VAL B 276 10.58 -32.87 -0.30
C VAL B 276 9.67 -33.82 0.46
N ARG B 277 9.92 -33.99 1.76
CA ARG B 277 9.07 -34.85 2.57
C ARG B 277 7.63 -34.32 2.62
N ARG B 278 7.48 -33.00 2.76
CA ARG B 278 6.16 -32.38 2.81
C ARG B 278 5.51 -32.22 1.44
N ASN B 279 6.27 -32.42 0.35
CA ASN B 279 5.76 -32.41 -1.02
C ASN B 279 5.10 -31.08 -1.37
N ILE B 280 5.92 -30.02 -1.37
CA ILE B 280 5.49 -28.69 -1.78
C ILE B 280 6.09 -28.42 -3.16
N THR B 281 5.23 -28.23 -4.16
CA THR B 281 5.64 -28.08 -5.54
C THR B 281 5.16 -26.77 -6.12
N GLY B 282 5.63 -26.46 -7.31
CA GLY B 282 5.16 -25.30 -8.05
C GLY B 282 5.87 -24.00 -7.75
N LYS B 283 7.03 -24.05 -7.11
CA LYS B 283 7.77 -22.85 -6.76
C LYS B 283 8.92 -22.62 -7.74
N ILE B 284 9.30 -21.36 -7.89
CA ILE B 284 10.38 -20.95 -8.77
C ILE B 284 11.56 -20.54 -7.91
N TRP B 285 12.72 -21.13 -8.17
CA TRP B 285 13.92 -20.93 -7.36
C TRP B 285 14.91 -20.07 -8.13
N LEU B 286 15.48 -19.08 -7.43
CA LEU B 286 16.53 -18.22 -7.98
C LEU B 286 17.77 -18.41 -7.11
N ALA B 287 18.76 -19.12 -7.65
CA ALA B 287 19.90 -19.58 -6.88
C ALA B 287 21.10 -18.65 -7.07
N SER B 288 21.89 -18.52 -6.01
CA SER B 288 23.18 -17.86 -6.10
C SER B 288 24.22 -18.85 -6.62
N GLU B 289 25.44 -18.36 -6.84
CA GLU B 289 26.47 -19.19 -7.45
C GLU B 289 26.93 -20.33 -6.54
N ALA B 290 26.73 -20.21 -5.23
CA ALA B 290 27.28 -21.20 -4.30
C ALA B 290 26.57 -22.54 -4.38
N TRP B 291 25.29 -22.57 -4.76
CA TRP B 291 24.58 -23.82 -4.89
C TRP B 291 23.87 -23.99 -6.23
N ALA B 292 24.13 -23.11 -7.20
CA ALA B 292 23.49 -23.25 -8.51
C ALA B 292 23.91 -24.53 -9.20
N SER B 293 25.11 -25.03 -8.90
CA SER B 293 25.63 -26.26 -9.49
C SER B 293 26.11 -27.22 -8.40
N SER B 294 25.35 -27.33 -7.32
CA SER B 294 25.70 -28.18 -6.19
C SER B 294 25.12 -29.57 -6.38
N SER B 295 25.98 -30.59 -6.24
CA SER B 295 25.54 -31.97 -6.36
C SER B 295 24.78 -32.46 -5.14
N LEU B 296 24.84 -31.73 -4.02
CA LEU B 296 24.05 -32.10 -2.85
C LEU B 296 22.57 -31.86 -3.06
N ILE B 297 22.22 -30.86 -3.86
CA ILE B 297 20.83 -30.48 -4.08
C ILE B 297 20.30 -31.02 -5.40
N ALA B 298 21.14 -31.00 -6.45
CA ALA B 298 20.71 -31.43 -7.78
C ALA B 298 20.65 -32.96 -7.84
N MET B 299 19.62 -33.50 -7.19
CA MET B 299 19.37 -34.93 -7.16
C MET B 299 18.05 -35.25 -7.84
N PRO B 300 17.98 -36.36 -8.58
CA PRO B 300 16.72 -36.71 -9.25
C PRO B 300 15.56 -36.92 -8.30
N GLN B 301 15.82 -37.45 -7.10
CA GLN B 301 14.76 -37.62 -6.11
C GLN B 301 14.18 -36.27 -5.68
N TYR B 302 14.95 -35.20 -5.84
CA TYR B 302 14.48 -33.86 -5.52
C TYR B 302 14.05 -33.08 -6.74
N PHE B 303 14.28 -33.60 -7.95
CA PHE B 303 13.97 -32.85 -9.16
C PHE B 303 12.48 -32.47 -9.23
N HIS B 304 11.60 -33.29 -8.67
CA HIS B 304 10.17 -32.95 -8.69
C HIS B 304 9.84 -31.78 -7.77
N VAL B 305 10.82 -31.22 -7.06
CA VAL B 305 10.63 -30.01 -6.27
C VAL B 305 11.53 -28.88 -6.76
N VAL B 306 12.79 -29.18 -7.08
CA VAL B 306 13.74 -28.14 -7.47
C VAL B 306 14.04 -28.20 -8.97
N GLY B 307 13.11 -28.70 -9.75
CA GLY B 307 13.27 -28.68 -11.20
C GLY B 307 13.00 -27.30 -11.77
N GLY B 308 13.66 -27.00 -12.88
CA GLY B 308 13.54 -25.68 -13.47
C GLY B 308 14.11 -24.56 -12.63
N THR B 309 15.30 -24.77 -12.05
CA THR B 309 15.97 -23.77 -11.24
C THR B 309 16.83 -22.87 -12.11
N ILE B 310 16.85 -21.59 -11.80
CA ILE B 310 17.61 -20.59 -12.55
C ILE B 310 18.68 -20.00 -11.62
N GLY B 311 19.94 -20.09 -12.03
CA GLY B 311 21.03 -19.66 -11.18
C GLY B 311 22.15 -18.91 -11.87
N PHE B 312 23.21 -18.62 -11.14
CA PHE B 312 24.37 -17.90 -11.65
C PHE B 312 25.61 -18.79 -11.58
N ALA B 313 26.42 -18.76 -12.64
CA ALA B 313 27.67 -19.51 -12.70
C ALA B 313 28.73 -18.63 -13.34
N LEU B 314 29.95 -18.68 -12.79
CA LEU B 314 31.03 -17.84 -13.28
C LEU B 314 31.57 -18.38 -14.61
N LYS B 315 32.49 -17.61 -15.19
CA LYS B 315 33.08 -17.98 -16.47
C LYS B 315 34.03 -19.17 -16.28
N ALA B 316 34.02 -20.08 -17.26
CA ALA B 316 34.88 -21.24 -17.25
C ALA B 316 36.20 -20.95 -17.95
N GLY B 317 37.28 -21.55 -17.43
CA GLY B 317 38.58 -21.49 -18.03
C GLY B 317 39.02 -22.85 -18.56
N GLN B 318 40.24 -22.88 -19.10
CA GLN B 318 40.80 -24.10 -19.66
C GLN B 318 42.22 -24.27 -19.17
N ILE B 319 42.55 -25.49 -18.75
CA ILE B 319 43.89 -25.83 -18.26
C ILE B 319 44.34 -27.13 -18.93
N PRO B 320 45.20 -27.08 -19.94
CA PRO B 320 45.62 -28.32 -20.63
C PRO B 320 46.39 -29.25 -19.70
N GLY B 321 46.20 -30.55 -19.90
CA GLY B 321 46.86 -31.58 -19.12
C GLY B 321 46.27 -31.83 -17.75
N PHE B 322 45.30 -31.03 -17.33
CA PHE B 322 44.79 -31.11 -15.97
C PHE B 322 43.99 -32.39 -15.73
N ARG B 323 43.19 -32.82 -16.71
CA ARG B 323 42.42 -34.04 -16.55
C ARG B 323 43.32 -35.27 -16.42
N GLU B 324 44.38 -35.33 -17.23
CA GLU B 324 45.34 -36.41 -17.12
C GLU B 324 46.04 -36.39 -15.76
N PHE B 325 46.43 -35.19 -15.31
CA PHE B 325 47.01 -35.06 -13.98
C PHE B 325 46.06 -35.58 -12.91
N LEU B 326 44.76 -35.32 -13.07
CA LEU B 326 43.78 -35.77 -12.09
C LEU B 326 43.65 -37.29 -12.10
N LYS B 327 43.60 -37.90 -13.29
CA LYS B 327 43.46 -39.35 -13.37
C LYS B 327 44.74 -40.10 -13.03
N LYS B 328 45.87 -39.41 -12.89
CA LYS B 328 47.12 -40.07 -12.51
C LYS B 328 47.33 -40.16 -11.00
N VAL B 329 46.24 -40.17 -10.21
CA VAL B 329 46.35 -40.24 -8.75
C VAL B 329 46.40 -41.69 -8.31
N HIS B 330 47.07 -41.93 -7.17
CA HIS B 330 47.33 -43.27 -6.66
C HIS B 330 47.83 -43.17 -5.22
N PRO B 331 47.29 -43.95 -4.27
CA PRO B 331 47.76 -43.84 -2.88
C PRO B 331 49.15 -44.39 -2.64
N ARG B 332 49.80 -44.98 -3.64
CA ARG B 332 51.14 -45.54 -3.48
C ARG B 332 52.24 -44.64 -4.03
N LYS B 333 52.05 -44.04 -5.20
CA LYS B 333 53.06 -43.17 -5.78
C LYS B 333 52.83 -41.70 -5.45
N SER B 334 51.78 -41.37 -4.69
CA SER B 334 51.58 -40.01 -4.21
C SER B 334 52.08 -39.94 -2.77
N VAL B 335 53.41 -39.92 -2.64
CA VAL B 335 54.03 -39.84 -1.31
C VAL B 335 53.81 -38.46 -0.71
N HIS B 336 53.89 -37.41 -1.53
CA HIS B 336 53.71 -36.05 -1.02
C HIS B 336 52.28 -35.83 -0.52
N ASN B 337 51.29 -36.31 -1.25
CA ASN B 337 49.91 -36.17 -0.84
C ASN B 337 49.58 -37.17 0.27
N GLY B 338 48.68 -36.76 1.16
CA GLY B 338 48.28 -37.60 2.26
C GLY B 338 46.82 -37.99 2.23
N PHE B 339 45.97 -37.13 1.65
CA PHE B 339 44.54 -37.38 1.59
C PHE B 339 44.17 -38.45 0.58
N ALA B 340 45.13 -38.92 -0.24
CA ALA B 340 44.81 -39.86 -1.30
C ALA B 340 44.31 -41.21 -0.76
N LYS B 341 44.77 -41.61 0.42
CA LYS B 341 44.35 -42.89 0.97
C LYS B 341 42.86 -42.87 1.31
N GLU B 342 42.43 -41.85 2.06
CA GLU B 342 41.01 -41.70 2.37
C GLU B 342 40.21 -41.46 1.09
N PHE B 343 40.79 -40.75 0.13
CA PHE B 343 40.14 -40.54 -1.15
C PHE B 343 39.80 -41.87 -1.81
N TRP B 344 40.80 -42.77 -1.92
CA TRP B 344 40.56 -44.06 -2.55
C TRP B 344 39.59 -44.91 -1.75
N GLU B 345 39.69 -44.86 -0.41
CA GLU B 345 38.79 -45.64 0.43
C GLU B 345 37.34 -45.21 0.20
N GLU B 346 37.08 -43.90 0.19
CA GLU B 346 35.72 -43.41 -0.01
C GLU B 346 35.26 -43.48 -1.46
N THR B 347 36.19 -43.66 -2.41
CA THR B 347 35.78 -43.84 -3.80
C THR B 347 35.39 -45.28 -4.09
N PHE B 348 36.25 -46.23 -3.72
CA PHE B 348 36.03 -47.63 -4.04
C PHE B 348 35.40 -48.43 -2.90
N ASN B 349 35.06 -47.77 -1.79
CA ASN B 349 34.40 -48.41 -0.65
C ASN B 349 35.20 -49.62 -0.15
N CYS B 350 36.47 -49.36 0.14
CA CYS B 350 37.39 -50.43 0.51
C CYS B 350 38.19 -49.99 1.73
N HIS B 351 39.19 -50.79 2.10
CA HIS B 351 40.08 -50.47 3.21
C HIS B 351 41.51 -50.82 2.82
N LEU B 352 42.46 -50.15 3.46
CA LEU B 352 43.87 -50.39 3.21
C LEU B 352 44.65 -50.49 4.51
N ARG B 384 33.06 -54.35 4.08
CA ARG B 384 34.12 -53.46 3.61
C ARG B 384 35.38 -54.25 3.26
N PRO B 385 35.43 -54.75 2.02
CA PRO B 385 36.58 -55.56 1.60
C PRO B 385 37.86 -54.76 1.47
N LEU B 386 38.98 -55.45 1.34
CA LEU B 386 40.28 -54.83 1.15
C LEU B 386 40.56 -54.66 -0.34
N CYS B 387 41.19 -53.55 -0.70
CA CYS B 387 41.47 -53.20 -2.08
C CYS B 387 42.96 -53.32 -2.37
N THR B 388 43.29 -53.81 -3.55
CA THR B 388 44.67 -54.04 -3.97
C THR B 388 45.32 -52.80 -4.56
N GLY B 389 44.58 -51.70 -4.71
CA GLY B 389 45.12 -50.50 -5.32
C GLY B 389 45.26 -50.56 -6.82
N ASP B 390 44.68 -51.57 -7.46
CA ASP B 390 44.79 -51.76 -8.90
C ASP B 390 43.54 -51.29 -9.65
N GLU B 391 42.69 -50.52 -9.00
CA GLU B 391 41.40 -50.15 -9.58
C GLU B 391 41.56 -49.03 -10.59
N ASN B 392 40.45 -48.48 -11.08
CA ASN B 392 40.44 -47.39 -12.03
C ASN B 392 39.46 -46.33 -11.56
N ILE B 393 39.88 -45.07 -11.61
CA ILE B 393 39.01 -43.97 -11.20
C ILE B 393 37.91 -43.75 -12.25
N SER B 394 38.15 -44.16 -13.50
CA SER B 394 37.14 -44.05 -14.54
C SER B 394 36.00 -45.04 -14.37
N SER B 395 36.14 -46.03 -13.48
CA SER B 395 35.11 -47.03 -13.26
C SER B 395 34.09 -46.63 -12.20
N VAL B 396 34.29 -45.52 -11.51
CA VAL B 396 33.41 -45.06 -10.45
C VAL B 396 32.92 -43.67 -10.80
N GLU B 397 31.64 -43.40 -10.53
CA GLU B 397 31.01 -42.13 -10.88
C GLU B 397 30.98 -41.23 -9.66
N THR B 398 31.93 -40.31 -9.59
CA THR B 398 32.03 -39.31 -8.54
C THR B 398 32.31 -37.96 -9.20
N PRO B 399 32.02 -36.84 -8.52
CA PRO B 399 32.27 -35.52 -9.12
C PRO B 399 33.75 -35.22 -9.37
N TYR B 400 34.62 -36.16 -9.05
CA TYR B 400 36.07 -35.92 -9.13
C TYR B 400 36.50 -35.60 -10.55
N ILE B 401 36.36 -36.57 -11.46
CA ILE B 401 36.75 -36.37 -12.86
C ILE B 401 35.55 -36.16 -13.77
N ASP B 402 34.33 -36.34 -13.27
CA ASP B 402 33.12 -36.13 -14.05
C ASP B 402 32.72 -34.67 -13.92
N TYR B 403 33.07 -33.88 -14.93
CA TYR B 403 32.77 -32.45 -14.94
C TYR B 403 32.72 -31.98 -16.38
N THR B 404 32.12 -30.82 -16.58
CA THR B 404 32.09 -30.18 -17.89
C THR B 404 32.88 -28.88 -17.95
N HIS B 405 32.73 -28.02 -16.96
CA HIS B 405 33.43 -26.75 -16.92
C HIS B 405 34.17 -26.61 -15.60
N LEU B 406 35.38 -26.05 -15.66
CA LEU B 406 36.16 -25.71 -14.48
C LEU B 406 36.07 -24.21 -14.25
N ARG B 407 35.59 -23.81 -13.07
CA ARG B 407 35.52 -22.40 -12.71
C ARG B 407 36.38 -22.07 -11.49
N ILE B 408 36.12 -22.71 -10.35
CA ILE B 408 36.91 -22.40 -9.16
C ILE B 408 38.27 -23.09 -9.24
N SER B 409 38.37 -24.19 -10.00
CA SER B 409 39.68 -24.74 -10.32
C SER B 409 40.52 -23.75 -11.12
N TYR B 410 39.89 -23.06 -12.07
CA TYR B 410 40.58 -22.01 -12.81
C TYR B 410 40.97 -20.86 -11.90
N ASN B 411 40.12 -20.53 -10.92
CA ASN B 411 40.49 -19.51 -9.94
C ASN B 411 41.70 -19.93 -9.11
N VAL B 412 41.76 -21.20 -8.73
CA VAL B 412 42.91 -21.73 -7.99
C VAL B 412 44.19 -21.57 -8.82
N TYR B 413 44.11 -21.98 -10.09
CA TYR B 413 45.21 -21.82 -11.03
C TYR B 413 45.67 -20.36 -11.10
N LEU B 414 44.70 -19.44 -11.21
CA LEU B 414 45.03 -18.02 -11.33
C LEU B 414 45.69 -17.48 -10.06
N ALA B 415 45.23 -17.92 -8.89
CA ALA B 415 45.86 -17.46 -7.65
C ALA B 415 47.31 -17.90 -7.57
N VAL B 416 47.57 -19.17 -7.89
CA VAL B 416 48.95 -19.66 -7.85
C VAL B 416 49.82 -18.88 -8.83
N TYR B 417 49.30 -18.63 -10.03
CA TYR B 417 50.12 -17.91 -11.00
C TYR B 417 50.28 -16.44 -10.64
N SER B 418 49.32 -15.86 -9.92
CA SER B 418 49.49 -14.49 -9.45
C SER B 418 50.66 -14.40 -8.48
N ILE B 419 50.73 -15.35 -7.54
CA ILE B 419 51.85 -15.35 -6.60
C ILE B 419 53.17 -15.54 -7.34
N ALA B 420 53.20 -16.47 -8.30
CA ALA B 420 54.43 -16.71 -9.06
C ALA B 420 54.87 -15.48 -9.84
N HIS B 421 53.91 -14.78 -10.47
CA HIS B 421 54.27 -13.61 -11.27
C HIS B 421 54.75 -12.46 -10.39
N ALA B 422 54.18 -12.31 -9.19
CA ALA B 422 54.72 -11.33 -8.27
C ALA B 422 56.15 -11.66 -7.88
N LEU B 423 56.44 -12.95 -7.63
CA LEU B 423 57.81 -13.33 -7.30
C LEU B 423 58.76 -13.05 -8.45
N GLN B 424 58.34 -13.33 -9.68
CA GLN B 424 59.20 -13.06 -10.83
C GLN B 424 59.43 -11.56 -11.02
N ASP B 425 58.40 -10.75 -10.76
CA ASP B 425 58.58 -9.31 -10.79
C ASP B 425 59.60 -8.85 -9.75
N ILE B 426 59.59 -9.47 -8.57
CA ILE B 426 60.62 -9.18 -7.57
C ILE B 426 61.99 -9.54 -8.11
N TYR B 427 62.10 -10.71 -8.75
CA TYR B 427 63.40 -11.19 -9.22
C TYR B 427 63.97 -10.32 -10.33
N THR B 428 63.12 -9.78 -11.21
CA THR B 428 63.60 -9.13 -12.42
C THR B 428 64.16 -7.74 -12.17
N CYS B 429 63.58 -6.99 -11.23
CA CYS B 429 63.83 -5.55 -11.12
C CYS B 429 65.32 -5.25 -10.97
N LEU B 430 65.76 -4.11 -11.61
CA LEU B 430 67.10 -3.55 -11.71
C LEU B 430 67.27 -2.41 -10.72
N PRO B 431 68.49 -2.22 -10.20
CA PRO B 431 68.71 -1.14 -9.22
C PRO B 431 68.38 0.22 -9.78
N GLY B 432 67.72 1.04 -8.97
CA GLY B 432 67.27 2.35 -9.38
C GLY B 432 65.86 2.40 -9.91
N ARG B 433 65.29 1.26 -10.32
CA ARG B 433 63.96 1.17 -10.90
C ARG B 433 63.08 0.26 -10.06
N GLY B 434 63.13 0.42 -8.74
CA GLY B 434 62.41 -0.44 -7.82
C GLY B 434 61.11 0.17 -7.34
N LEU B 435 60.40 -0.62 -6.54
CA LEU B 435 59.14 -0.22 -5.91
C LEU B 435 59.33 0.19 -4.45
N PHE B 436 60.55 0.15 -3.94
CA PHE B 436 60.84 0.42 -2.54
C PHE B 436 61.63 1.71 -2.40
N THR B 437 61.97 2.04 -1.16
CA THR B 437 62.56 3.33 -0.84
C THR B 437 63.85 3.57 -1.62
N ASN B 438 63.99 4.78 -2.15
CA ASN B 438 65.13 5.19 -2.97
C ASN B 438 65.25 4.36 -4.25
N GLY B 439 64.15 3.76 -4.70
CA GLY B 439 64.19 2.93 -5.88
C GLY B 439 64.95 1.64 -5.71
N SER B 440 65.13 1.18 -4.47
CA SER B 440 65.89 -0.03 -4.22
C SER B 440 65.10 -1.26 -4.67
N CYS B 441 65.80 -2.39 -4.75
CA CYS B 441 65.24 -3.65 -5.23
C CYS B 441 65.39 -4.72 -4.16
N ALA B 442 64.35 -5.54 -4.00
CA ALA B 442 64.33 -6.57 -2.98
C ALA B 442 65.31 -7.68 -3.32
N ASP B 443 65.70 -8.43 -2.29
CA ASP B 443 66.60 -9.57 -2.42
C ASP B 443 65.78 -10.84 -2.56
N ILE B 444 65.98 -11.57 -3.66
CA ILE B 444 65.20 -12.78 -3.89
C ILE B 444 65.59 -13.87 -2.90
N LYS B 445 66.87 -13.95 -2.56
CA LYS B 445 67.33 -14.97 -1.62
C LYS B 445 66.90 -14.69 -0.18
N LYS B 446 66.41 -13.49 0.11
CA LYS B 446 65.93 -13.12 1.44
C LYS B 446 64.59 -12.40 1.33
N VAL B 447 63.76 -12.80 0.36
CA VAL B 447 62.49 -12.13 0.12
C VAL B 447 61.56 -12.28 1.33
N GLU B 448 60.64 -11.34 1.46
CA GLU B 448 59.72 -11.29 2.59
C GLU B 448 58.29 -11.10 2.13
N ALA B 449 57.37 -11.46 3.03
CA ALA B 449 55.96 -11.50 2.71
C ALA B 449 55.41 -10.12 2.39
N TRP B 450 55.86 -9.09 3.11
CA TRP B 450 55.35 -7.75 2.84
C TRP B 450 55.85 -7.22 1.49
N GLN B 451 57.07 -7.56 1.11
CA GLN B 451 57.55 -7.20 -0.23
C GLN B 451 56.75 -7.90 -1.31
N VAL B 452 56.45 -9.20 -1.09
CA VAL B 452 55.60 -9.93 -2.04
C VAL B 452 54.22 -9.28 -2.11
N LEU B 453 53.68 -8.86 -0.97
CA LEU B 453 52.36 -8.23 -0.94
C LEU B 453 52.36 -6.90 -1.71
N LYS B 454 53.41 -6.10 -1.54
CA LYS B 454 53.52 -4.86 -2.31
C LYS B 454 53.56 -5.14 -3.79
N HIS B 455 54.36 -6.12 -4.21
CA HIS B 455 54.43 -6.46 -5.62
C HIS B 455 53.10 -6.99 -6.14
N LEU B 456 52.33 -7.68 -5.30
CA LEU B 456 51.01 -8.14 -5.71
C LEU B 456 50.04 -6.98 -5.87
N ARG B 457 50.14 -5.98 -5.00
CA ARG B 457 49.32 -4.78 -5.13
C ARG B 457 49.77 -3.89 -6.29
N HIS B 458 50.95 -4.13 -6.85
CA HIS B 458 51.37 -3.39 -8.04
C HIS B 458 51.63 -4.31 -9.24
N LEU B 459 50.72 -5.23 -9.52
CA LEU B 459 50.96 -6.27 -10.52
C LEU B 459 49.82 -6.36 -11.52
N ASN B 460 50.18 -6.61 -12.78
CA ASN B 460 49.21 -7.08 -13.77
C ASN B 460 49.95 -7.87 -14.84
N PHE B 461 49.32 -8.96 -15.29
CA PHE B 461 49.94 -9.89 -16.23
C PHE B 461 48.86 -10.46 -17.14
N THR B 462 49.22 -11.48 -17.91
CA THR B 462 48.37 -12.02 -18.96
C THR B 462 48.23 -13.53 -18.77
N ASN B 463 46.99 -14.03 -18.92
CA ASN B 463 46.70 -15.45 -18.74
C ASN B 463 47.16 -16.27 -19.94
N ASN B 464 46.85 -17.56 -19.91
CA ASN B 464 47.15 -18.43 -21.04
C ASN B 464 46.20 -18.21 -22.21
N MET B 465 45.04 -17.60 -21.98
CA MET B 465 44.11 -17.26 -23.05
C MET B 465 44.31 -15.85 -23.58
N GLY B 466 45.32 -15.12 -23.09
CA GLY B 466 45.53 -13.75 -23.50
C GLY B 466 44.77 -12.71 -22.72
N GLU B 467 43.97 -13.12 -21.74
CA GLU B 467 43.27 -12.17 -20.90
C GLU B 467 44.23 -11.52 -19.90
N GLN B 468 43.88 -10.31 -19.46
CA GLN B 468 44.73 -9.52 -18.58
C GLN B 468 44.16 -9.53 -17.17
N VAL B 469 45.01 -9.78 -16.18
CA VAL B 469 44.61 -9.89 -14.79
C VAL B 469 45.19 -8.70 -14.02
N THR B 470 44.31 -7.92 -13.40
CA THR B 470 44.71 -6.76 -12.62
C THR B 470 43.91 -6.75 -11.32
N PHE B 471 44.58 -6.46 -10.21
CA PHE B 471 43.91 -6.33 -8.93
C PHE B 471 43.66 -4.85 -8.62
N ASP B 472 42.45 -4.59 -8.12
CA ASP B 472 42.06 -3.17 -7.86
C ASP B 472 42.56 -2.73 -6.49
N GLU B 473 42.21 -1.51 -6.09
CA GLU B 473 42.65 -0.95 -4.80
C GLU B 473 42.10 -1.75 -3.63
N CYS B 474 40.99 -2.46 -3.81
CA CYS B 474 40.41 -3.32 -2.80
C CYS B 474 40.88 -4.77 -2.93
N GLY B 475 41.79 -5.07 -3.85
CA GLY B 475 42.25 -6.46 -4.08
C GLY B 475 41.19 -7.27 -4.77
N ASP B 476 40.27 -6.60 -5.46
CA ASP B 476 39.15 -7.31 -6.09
C ASP B 476 39.34 -7.45 -7.60
N LEU B 477 38.73 -8.46 -8.18
CA LEU B 477 38.76 -8.60 -9.66
C LEU B 477 37.36 -8.32 -10.21
N VAL B 478 37.20 -8.23 -11.53
CA VAL B 478 35.94 -8.00 -12.21
C VAL B 478 35.67 -9.18 -13.12
N GLY B 479 34.43 -9.66 -13.16
CA GLY B 479 34.10 -10.85 -13.91
C GLY B 479 32.70 -10.83 -14.48
N ASN B 480 32.47 -11.77 -15.40
CA ASN B 480 31.17 -11.98 -16.03
C ASN B 480 30.41 -13.12 -15.33
N TYR B 481 29.09 -13.06 -15.41
CA TYR B 481 28.24 -14.13 -14.94
C TYR B 481 27.55 -14.83 -16.11
N SER B 482 27.07 -16.04 -15.86
CA SER B 482 26.25 -16.76 -16.83
C SER B 482 25.02 -17.32 -16.11
N ILE B 483 23.92 -17.40 -16.86
CA ILE B 483 22.64 -17.85 -16.33
C ILE B 483 22.35 -19.24 -16.89
N ILE B 484 21.95 -20.17 -16.02
CA ILE B 484 21.75 -21.55 -16.38
C ILE B 484 20.37 -22.00 -15.87
N ASN B 485 19.90 -23.11 -16.45
CA ASN B 485 18.59 -23.66 -16.07
C ASN B 485 18.75 -25.16 -15.79
N TRP B 486 18.03 -25.69 -14.80
CA TRP B 486 18.09 -27.09 -14.42
C TRP B 486 17.08 -27.90 -15.22
N HIS B 487 17.59 -28.97 -15.84
CA HIS B 487 16.72 -29.84 -16.65
C HIS B 487 16.96 -31.30 -16.28
N LEU B 488 16.14 -32.19 -16.81
CA LEU B 488 16.23 -33.61 -16.55
C LEU B 488 16.81 -34.29 -17.78
N SER B 489 17.87 -35.07 -17.60
CA SER B 489 18.50 -35.75 -18.71
C SER B 489 17.62 -36.90 -19.18
N PRO B 490 17.22 -36.95 -20.45
CA PRO B 490 16.42 -38.07 -20.94
C PRO B 490 17.22 -39.37 -21.07
N GLU B 491 18.55 -39.33 -20.94
CA GLU B 491 19.35 -40.53 -21.10
C GLU B 491 19.40 -41.35 -19.81
N ASP B 492 19.67 -40.70 -18.68
CA ASP B 492 19.80 -41.41 -17.41
C ASP B 492 19.04 -40.77 -16.25
N GLY B 493 18.33 -39.68 -16.47
CA GLY B 493 17.61 -39.01 -15.41
C GLY B 493 18.45 -38.09 -14.56
N SER B 494 19.72 -37.89 -14.89
CA SER B 494 20.55 -36.96 -14.15
C SER B 494 20.13 -35.51 -14.46
N ILE B 495 20.70 -34.58 -13.70
CA ILE B 495 20.42 -33.16 -13.87
C ILE B 495 21.47 -32.55 -14.77
N VAL B 496 21.04 -31.78 -15.77
CA VAL B 496 21.94 -31.11 -16.69
C VAL B 496 21.71 -29.61 -16.58
N PHE B 497 22.79 -28.84 -16.65
CA PHE B 497 22.74 -27.38 -16.56
C PHE B 497 22.88 -26.80 -17.96
N LYS B 498 21.81 -26.18 -18.45
CA LYS B 498 21.76 -25.62 -19.79
C LYS B 498 21.82 -24.10 -19.71
N GLU B 499 22.76 -23.50 -20.44
CA GLU B 499 22.89 -22.05 -20.46
C GLU B 499 21.68 -21.43 -21.16
N VAL B 500 21.15 -20.35 -20.58
CA VAL B 500 20.05 -19.61 -21.17
C VAL B 500 20.31 -18.11 -21.22
N GLY B 501 21.49 -17.65 -20.82
CA GLY B 501 21.78 -16.23 -20.86
C GLY B 501 23.11 -15.93 -20.20
N TYR B 502 23.33 -14.64 -19.94
CA TYR B 502 24.55 -14.17 -19.30
C TYR B 502 24.28 -12.82 -18.67
N TYR B 503 25.30 -12.26 -18.02
CA TYR B 503 25.23 -10.97 -17.36
C TYR B 503 26.54 -10.24 -17.62
N ASN B 504 26.45 -9.04 -18.21
CA ASN B 504 27.61 -8.27 -18.61
C ASN B 504 27.88 -7.18 -17.58
N VAL B 505 29.07 -7.21 -16.99
CA VAL B 505 29.39 -6.27 -15.91
C VAL B 505 30.03 -4.98 -16.45
N TYR B 506 30.75 -5.06 -17.57
CA TYR B 506 31.41 -3.89 -18.13
C TYR B 506 30.44 -2.93 -18.80
N ALA B 507 29.20 -3.34 -19.05
CA ALA B 507 28.22 -2.48 -19.69
C ALA B 507 27.64 -1.50 -18.67
N LYS B 508 26.70 -0.67 -19.15
CA LYS B 508 26.10 0.36 -18.31
C LYS B 508 24.77 -0.13 -17.73
N LYS B 509 24.24 0.66 -16.79
CA LYS B 509 23.01 0.28 -16.10
C LYS B 509 21.86 0.13 -17.10
N GLY B 510 21.11 -0.95 -16.96
CA GLY B 510 20.00 -1.23 -17.84
C GLY B 510 20.36 -2.01 -19.09
N GLU B 511 21.63 -2.25 -19.35
CA GLU B 511 22.08 -3.00 -20.52
C GLU B 511 23.09 -4.07 -20.11
N ARG B 512 22.81 -4.80 -19.04
CA ARG B 512 23.72 -5.81 -18.53
C ARG B 512 23.23 -7.23 -18.70
N LEU B 513 21.93 -7.44 -18.90
CA LEU B 513 21.32 -8.76 -18.85
C LEU B 513 20.78 -9.17 -20.21
N PHE B 514 20.95 -10.44 -20.55
CA PHE B 514 20.38 -11.02 -21.76
C PHE B 514 19.88 -12.40 -21.40
N ILE B 515 18.60 -12.66 -21.67
CA ILE B 515 17.99 -13.97 -21.40
C ILE B 515 17.28 -14.45 -22.66
N ASN B 516 17.45 -15.72 -22.99
CA ASN B 516 16.71 -16.37 -24.07
C ASN B 516 15.59 -17.17 -23.44
N GLU B 517 14.38 -16.59 -23.41
CA GLU B 517 13.27 -17.19 -22.67
C GLU B 517 12.86 -18.52 -23.27
N GLU B 518 12.94 -18.67 -24.59
CA GLU B 518 12.51 -19.91 -25.24
C GLU B 518 13.34 -21.11 -24.81
N LYS B 519 14.52 -20.88 -24.24
CA LYS B 519 15.37 -21.95 -23.75
C LYS B 519 15.12 -22.30 -22.29
N ILE B 520 14.14 -21.65 -21.65
CA ILE B 520 13.86 -21.83 -20.24
C ILE B 520 12.65 -22.76 -20.09
N LEU B 521 12.78 -23.75 -19.22
CA LEU B 521 11.67 -24.63 -18.86
C LEU B 521 11.26 -24.31 -17.43
N TRP B 522 10.00 -23.93 -17.24
CA TRP B 522 9.51 -23.49 -15.94
C TRP B 522 9.01 -24.68 -15.13
N SER B 523 9.45 -24.74 -13.87
CA SER B 523 9.17 -25.85 -12.96
C SER B 523 9.63 -27.18 -13.53
N GLY B 524 10.54 -27.17 -14.49
CA GLY B 524 11.14 -28.37 -15.02
C GLY B 524 10.50 -28.92 -16.28
N PHE B 525 9.19 -28.71 -16.47
CA PHE B 525 8.49 -29.36 -17.57
C PHE B 525 7.50 -28.46 -18.29
N SER B 526 7.47 -27.16 -18.02
CA SER B 526 6.50 -26.26 -18.62
C SER B 526 7.21 -25.18 -19.43
N ARG B 527 6.41 -24.42 -20.19
CA ARG B 527 6.93 -23.41 -21.10
C ARG B 527 6.26 -22.06 -20.96
N GLU B 528 5.27 -21.91 -20.07
CA GLU B 528 4.57 -20.64 -19.88
C GLU B 528 5.11 -19.92 -18.67
N VAL B 529 5.40 -18.63 -18.82
CA VAL B 529 6.02 -17.84 -17.74
C VAL B 529 5.08 -17.82 -16.54
N PRO B 530 5.57 -18.12 -15.34
CA PRO B 530 4.68 -18.18 -14.17
C PRO B 530 4.16 -16.81 -13.78
N PHE B 531 3.20 -16.83 -12.85
CA PHE B 531 2.57 -15.63 -12.32
C PHE B 531 2.82 -15.55 -10.82
N SER B 532 3.36 -14.43 -10.38
CA SER B 532 3.58 -14.18 -8.93
C SER B 532 3.37 -12.68 -8.70
N ASN B 533 2.15 -12.23 -8.37
CA ASN B 533 1.87 -10.80 -8.29
C ASN B 533 1.04 -10.34 -7.10
N CYS B 534 0.39 -11.24 -6.34
CA CYS B 534 -0.46 -10.92 -5.20
C CYS B 534 -1.78 -10.29 -5.60
N SER B 535 -1.95 -9.94 -6.88
CA SER B 535 -3.17 -9.29 -7.31
C SER B 535 -3.30 -9.32 -8.83
N ARG B 536 -4.43 -9.84 -9.32
CA ARG B 536 -4.71 -9.78 -10.74
C ARG B 536 -5.10 -8.36 -11.12
N ASP B 537 -4.45 -7.80 -12.13
CA ASP B 537 -4.73 -6.44 -12.54
C ASP B 537 -6.17 -6.32 -13.03
N CYS B 538 -6.80 -5.19 -12.72
CA CYS B 538 -8.19 -4.97 -13.09
C CYS B 538 -8.26 -4.00 -14.27
N LEU B 539 -9.24 -4.24 -15.15
CA LEU B 539 -9.28 -3.64 -16.47
C LEU B 539 -9.79 -2.21 -16.39
N ALA B 540 -10.02 -1.60 -17.55
CA ALA B 540 -10.50 -0.23 -17.62
C ALA B 540 -11.92 -0.13 -17.07
N GLY B 541 -12.24 1.04 -16.51
CA GLY B 541 -13.50 1.25 -15.83
C GLY B 541 -13.47 0.95 -14.36
N THR B 542 -12.36 0.44 -13.84
CA THR B 542 -12.18 0.19 -12.41
C THR B 542 -10.85 0.77 -11.96
N ARG B 543 -10.77 1.08 -10.67
CA ARG B 543 -9.57 1.64 -10.08
C ARG B 543 -9.18 0.85 -8.83
N LYS B 544 -7.91 0.94 -8.46
CA LYS B 544 -7.38 0.18 -7.35
C LYS B 544 -7.85 0.74 -6.01
N GLY B 545 -7.95 -0.14 -5.02
CA GLY B 545 -8.33 0.26 -3.69
C GLY B 545 -7.44 -0.37 -2.64
N ILE B 546 -7.19 0.39 -1.57
CA ILE B 546 -6.25 -0.03 -0.55
C ILE B 546 -6.81 -1.20 0.25
N ILE B 547 -5.97 -2.21 0.47
CA ILE B 547 -6.24 -3.27 1.43
C ILE B 547 -5.40 -3.03 2.67
N GLU B 548 -6.03 -2.98 3.83
CA GLU B 548 -5.36 -2.54 5.05
C GLU B 548 -4.46 -3.63 5.62
N GLY B 549 -3.27 -3.22 6.04
CA GLY B 549 -2.30 -4.14 6.61
C GLY B 549 -1.46 -4.90 5.60
N GLU B 550 -1.62 -4.62 4.31
CA GLU B 550 -0.93 -5.33 3.24
C GLU B 550 -0.10 -4.35 2.43
N PRO B 551 0.93 -4.84 1.70
CA PRO B 551 1.78 -3.93 0.93
C PRO B 551 1.04 -3.20 -0.20
N THR B 552 1.75 -2.30 -0.89
CA THR B 552 1.16 -1.61 -2.04
C THR B 552 0.92 -2.54 -3.21
N CYS B 553 1.57 -3.70 -3.25
CA CYS B 553 1.43 -4.61 -4.38
C CYS B 553 0.10 -5.35 -4.37
N CYS B 554 -0.59 -5.39 -3.23
CA CYS B 554 -1.83 -6.14 -3.09
C CYS B 554 -2.98 -5.17 -2.84
N PHE B 555 -4.04 -5.29 -3.64
CA PHE B 555 -5.11 -4.32 -3.61
C PHE B 555 -6.39 -4.96 -4.14
N GLU B 556 -7.49 -4.23 -3.98
CA GLU B 556 -8.78 -4.58 -4.57
C GLU B 556 -9.19 -3.48 -5.54
N CYS B 557 -9.95 -3.85 -6.56
CA CYS B 557 -10.40 -2.91 -7.57
C CYS B 557 -11.90 -2.69 -7.47
N VAL B 558 -12.33 -1.44 -7.58
CA VAL B 558 -13.73 -1.06 -7.48
C VAL B 558 -14.11 -0.25 -8.71
N GLU B 559 -15.41 -0.25 -9.00
CA GLU B 559 -15.89 0.39 -10.22
C GLU B 559 -16.04 1.90 -10.02
N CYS B 560 -15.73 2.65 -11.08
CA CYS B 560 -15.85 4.09 -11.04
C CYS B 560 -17.32 4.50 -11.14
N PRO B 561 -17.71 5.61 -10.52
CA PRO B 561 -19.12 6.01 -10.49
C PRO B 561 -19.53 6.73 -11.77
N ASP B 562 -20.76 7.24 -11.76
CA ASP B 562 -21.29 7.96 -12.91
C ASP B 562 -20.65 9.33 -13.04
N GLY B 563 -20.40 9.74 -14.27
CA GLY B 563 -19.73 11.00 -14.55
C GLY B 563 -18.23 10.91 -14.60
N GLU B 564 -17.65 9.77 -14.23
CA GLU B 564 -16.22 9.56 -14.26
C GLU B 564 -15.92 8.26 -15.00
N TYR B 565 -14.69 8.14 -15.48
CA TYR B 565 -14.29 7.00 -16.28
C TYR B 565 -12.80 6.77 -16.14
N SER B 566 -12.37 5.56 -16.50
CA SER B 566 -10.96 5.20 -16.55
C SER B 566 -10.67 4.54 -17.89
N ASP B 567 -9.53 4.88 -18.47
CA ASP B 567 -9.14 4.40 -19.80
C ASP B 567 -8.03 3.36 -19.75
N GLU B 568 -6.94 3.65 -19.07
CA GLU B 568 -5.81 2.74 -19.00
C GLU B 568 -5.93 1.82 -17.81
N THR B 569 -5.36 0.62 -17.95
CA THR B 569 -5.42 -0.37 -16.88
C THR B 569 -4.48 0.01 -15.75
N ASP B 570 -4.76 -0.56 -14.57
CA ASP B 570 -4.02 -0.28 -13.34
C ASP B 570 -4.03 1.22 -13.02
N ALA B 571 -5.23 1.80 -13.06
CA ALA B 571 -5.43 3.20 -12.73
C ALA B 571 -5.74 3.33 -11.24
N SER B 572 -5.15 4.34 -10.61
CA SER B 572 -5.36 4.57 -9.19
C SER B 572 -6.46 5.57 -8.88
N ALA B 573 -7.05 6.21 -9.89
CA ALA B 573 -8.10 7.19 -9.66
C ALA B 573 -8.87 7.41 -10.96
N CYS B 574 -10.19 7.50 -10.85
CA CYS B 574 -11.01 7.80 -12.02
C CYS B 574 -10.87 9.27 -12.41
N ASN B 575 -11.30 9.57 -13.63
CA ASN B 575 -11.15 10.89 -14.22
C ASN B 575 -12.52 11.46 -14.59
N LYS B 576 -12.71 12.75 -14.33
CA LYS B 576 -13.97 13.43 -14.61
C LYS B 576 -13.87 14.15 -15.95
N CYS B 577 -14.88 13.96 -16.80
CA CYS B 577 -14.88 14.62 -18.10
C CYS B 577 -15.36 16.06 -17.98
N PRO B 578 -14.89 16.96 -18.88
CA PRO B 578 -15.33 18.37 -18.82
C PRO B 578 -16.83 18.55 -18.85
N ASP B 579 -17.31 19.73 -18.47
CA ASP B 579 -18.73 19.93 -18.18
C ASP B 579 -19.55 20.09 -19.45
N ASP B 580 -19.34 19.19 -20.40
CA ASP B 580 -20.26 19.03 -21.53
C ASP B 580 -20.43 17.57 -21.90
N PHE B 581 -20.00 16.65 -21.05
CA PHE B 581 -19.96 15.23 -21.36
C PHE B 581 -20.50 14.42 -20.19
N TRP B 582 -20.68 13.13 -20.42
CA TRP B 582 -21.15 12.21 -19.40
C TRP B 582 -20.50 10.86 -19.61
N SER B 583 -20.33 10.12 -18.51
CA SER B 583 -19.70 8.82 -18.57
C SER B 583 -20.57 7.83 -19.34
N ASN B 584 -19.92 6.83 -19.93
CA ASN B 584 -20.61 5.83 -20.73
C ASN B 584 -21.27 4.79 -19.82
N GLU B 585 -21.75 3.70 -20.43
CA GLU B 585 -22.40 2.64 -19.65
C GLU B 585 -21.40 1.85 -18.84
N ASN B 586 -20.16 1.70 -19.32
CA ASN B 586 -19.13 0.95 -18.61
C ASN B 586 -18.06 1.86 -18.02
N HIS B 587 -18.25 3.18 -18.08
CA HIS B 587 -17.31 4.16 -17.54
C HIS B 587 -15.91 3.98 -18.15
N THR B 588 -15.86 3.89 -19.48
CA THR B 588 -14.62 3.82 -20.21
C THR B 588 -14.34 5.04 -21.07
N SER B 589 -15.36 5.77 -21.50
CA SER B 589 -15.21 6.97 -22.31
C SER B 589 -16.39 7.88 -22.05
N CYS B 590 -16.14 9.19 -22.04
CA CYS B 590 -17.19 10.16 -21.74
C CYS B 590 -17.78 10.70 -23.04
N ILE B 591 -19.04 10.33 -23.30
CA ILE B 591 -19.75 10.71 -24.51
C ILE B 591 -20.27 12.13 -24.38
N ALA B 592 -20.75 12.69 -25.49
CA ALA B 592 -21.26 14.05 -25.50
C ALA B 592 -22.63 14.14 -24.85
N LYS B 593 -22.87 15.26 -24.17
CA LYS B 593 -24.15 15.49 -23.52
C LYS B 593 -25.21 15.81 -24.56
N GLU B 594 -26.26 14.99 -24.61
CA GLU B 594 -27.28 15.13 -25.63
C GLU B 594 -28.06 16.42 -25.43
N ILE B 595 -28.26 17.16 -26.51
CA ILE B 595 -29.07 18.38 -26.48
C ILE B 595 -30.50 18.01 -26.87
N GLU B 596 -31.47 18.68 -26.27
CA GLU B 596 -32.87 18.33 -26.49
C GLU B 596 -33.73 19.58 -26.34
N PHE B 597 -34.51 19.88 -27.38
CA PHE B 597 -35.43 21.02 -27.42
C PHE B 597 -36.27 20.90 -28.69
N LEU B 598 -37.51 21.36 -28.60
CA LEU B 598 -38.38 21.36 -29.76
C LEU B 598 -37.85 22.30 -30.83
N SER B 599 -37.86 21.84 -32.07
CA SER B 599 -37.29 22.61 -33.17
C SER B 599 -37.91 22.14 -34.47
N TRP B 600 -37.55 22.84 -35.55
CA TRP B 600 -38.00 22.48 -36.88
C TRP B 600 -37.35 21.17 -37.31
N THR B 601 -37.74 20.69 -38.49
CA THR B 601 -37.28 19.42 -39.04
C THR B 601 -37.57 18.24 -38.13
N GLU B 602 -38.48 18.43 -37.17
CA GLU B 602 -38.87 17.45 -36.18
C GLU B 602 -40.37 17.29 -36.23
N PRO B 603 -40.91 16.13 -35.80
CA PRO B 603 -42.35 15.88 -35.92
C PRO B 603 -43.24 17.01 -35.44
N PHE B 604 -43.09 17.42 -34.18
CA PHE B 604 -43.99 18.42 -33.62
C PHE B 604 -43.84 19.77 -34.32
N GLY B 605 -42.59 20.17 -34.63
CA GLY B 605 -42.38 21.47 -35.23
C GLY B 605 -43.04 21.60 -36.59
N ILE B 606 -42.84 20.60 -37.46
CA ILE B 606 -43.47 20.65 -38.77
C ILE B 606 -44.97 20.47 -38.65
N ALA B 607 -45.43 19.60 -37.75
CA ALA B 607 -46.86 19.39 -37.57
C ALA B 607 -47.56 20.66 -37.13
N LEU B 608 -46.87 21.53 -36.39
CA LEU B 608 -47.48 22.77 -35.96
C LEU B 608 -47.33 23.89 -36.99
N THR B 609 -46.19 24.02 -37.65
CA THR B 609 -46.12 25.18 -38.59
C THR B 609 -46.93 24.84 -39.85
N LEU B 610 -47.03 23.57 -40.27
CA LEU B 610 -47.92 23.30 -41.40
C LEU B 610 -49.33 23.79 -41.10
N PHE B 611 -49.80 23.56 -39.86
CA PHE B 611 -51.12 24.05 -39.48
C PHE B 611 -51.13 25.57 -39.39
N ALA B 612 -50.03 26.19 -38.97
CA ALA B 612 -49.95 27.64 -38.98
C ALA B 612 -50.09 28.19 -40.40
N VAL B 613 -49.42 27.55 -41.36
CA VAL B 613 -49.53 27.96 -42.75
C VAL B 613 -50.96 27.73 -43.26
N LEU B 614 -51.57 26.62 -42.89
CA LEU B 614 -52.94 26.34 -43.31
C LEU B 614 -53.89 27.40 -42.76
N GLY B 615 -53.75 27.77 -41.50
CA GLY B 615 -54.61 28.79 -40.93
C GLY B 615 -54.38 30.15 -41.54
N ILE B 616 -53.12 30.48 -41.85
CA ILE B 616 -52.84 31.79 -42.43
C ILE B 616 -53.41 31.86 -43.84
N PHE B 617 -53.37 30.74 -44.57
CA PHE B 617 -54.02 30.69 -45.89
C PHE B 617 -55.53 30.80 -45.75
N LEU B 618 -56.11 30.18 -44.73
CA LEU B 618 -57.56 30.28 -44.53
C LEU B 618 -57.97 31.73 -44.27
N THR B 619 -57.24 32.43 -43.41
CA THR B 619 -57.62 33.82 -43.15
C THR B 619 -57.33 34.72 -44.35
N ALA B 620 -56.28 34.42 -45.12
CA ALA B 620 -56.04 35.17 -46.35
C ALA B 620 -57.18 34.98 -47.35
N PHE B 621 -57.64 33.73 -47.46
CA PHE B 621 -58.79 33.44 -48.37
C PHE B 621 -60.01 34.22 -47.89
N VAL B 622 -60.28 34.16 -46.59
CA VAL B 622 -61.43 34.88 -46.04
C VAL B 622 -61.33 36.37 -46.38
N LEU B 623 -60.14 36.95 -46.22
CA LEU B 623 -59.95 38.37 -46.55
C LEU B 623 -60.19 38.60 -48.04
N GLY B 624 -59.74 37.67 -48.89
CA GLY B 624 -59.96 37.81 -50.32
C GLY B 624 -61.44 37.76 -50.69
N VAL B 625 -62.18 36.82 -50.11
CA VAL B 625 -63.62 36.77 -50.32
C VAL B 625 -64.27 38.07 -49.88
N PHE B 626 -63.82 38.63 -48.76
CA PHE B 626 -64.39 39.89 -48.28
C PHE B 626 -64.10 41.05 -49.22
N ILE B 627 -62.87 41.17 -49.72
CA ILE B 627 -62.58 42.32 -50.60
C ILE B 627 -63.32 42.15 -51.92
N LYS B 628 -63.42 40.93 -52.43
CA LYS B 628 -64.15 40.70 -53.67
C LYS B 628 -65.62 41.12 -53.53
N PHE B 629 -66.26 40.72 -52.43
CA PHE B 629 -67.65 41.11 -52.16
C PHE B 629 -67.66 42.30 -51.21
N ARG B 630 -67.18 43.42 -51.73
CA ARG B 630 -67.23 44.69 -51.01
C ARG B 630 -68.49 45.48 -51.33
N ASN B 631 -69.38 44.94 -52.16
CA ASN B 631 -70.60 45.63 -52.55
C ASN B 631 -71.88 44.94 -52.11
N THR B 632 -71.83 43.66 -51.76
CA THR B 632 -73.03 42.97 -51.33
C THR B 632 -73.54 43.57 -50.02
N PRO B 633 -74.86 43.78 -49.89
CA PRO B 633 -75.38 44.40 -48.66
C PRO B 633 -75.14 43.58 -47.41
N ILE B 634 -74.93 42.27 -47.53
CA ILE B 634 -74.66 41.45 -46.35
C ILE B 634 -73.35 41.87 -45.70
N VAL B 635 -72.32 42.12 -46.51
CA VAL B 635 -71.07 42.65 -45.98
C VAL B 635 -71.27 44.06 -45.42
N LYS B 636 -72.13 44.85 -46.07
CA LYS B 636 -72.46 46.17 -45.56
C LYS B 636 -73.25 46.03 -44.26
N ALA B 637 -73.27 47.13 -43.48
CA ALA B 637 -73.78 47.22 -42.12
C ALA B 637 -72.94 46.43 -41.14
N THR B 638 -71.95 45.68 -41.62
CA THR B 638 -70.87 45.14 -40.80
C THR B 638 -69.65 46.01 -41.07
N ASN B 639 -69.13 46.64 -40.01
CA ASN B 639 -68.14 47.70 -40.15
C ASN B 639 -66.95 47.26 -40.99
N ARG B 640 -66.80 47.87 -42.17
CA ARG B 640 -65.69 47.51 -43.04
C ARG B 640 -64.35 47.93 -42.46
N GLU B 641 -64.35 48.98 -41.63
CA GLU B 641 -63.10 49.44 -41.04
C GLU B 641 -62.65 48.59 -39.86
N LEU B 642 -63.51 47.69 -39.36
CA LEU B 642 -63.15 46.84 -38.24
C LEU B 642 -62.97 45.37 -38.63
N SER B 643 -63.68 44.89 -39.65
CA SER B 643 -63.45 43.53 -40.13
C SER B 643 -62.03 43.35 -40.63
N TYR B 644 -61.51 44.33 -41.38
CA TYR B 644 -60.15 44.22 -41.88
C TYR B 644 -59.14 44.22 -40.74
N LEU B 645 -59.35 45.07 -39.73
CA LEU B 645 -58.45 45.08 -38.58
C LEU B 645 -58.49 43.75 -37.85
N LEU B 646 -59.67 43.19 -37.66
CA LEU B 646 -59.78 41.89 -36.99
C LEU B 646 -59.07 40.81 -37.78
N LEU B 647 -59.23 40.80 -39.10
CA LEU B 647 -58.60 39.79 -39.92
C LEU B 647 -57.08 39.94 -39.93
N PHE B 648 -56.58 41.17 -39.97
CA PHE B 648 -55.14 41.39 -39.92
C PHE B 648 -54.56 41.00 -38.56
N SER B 649 -55.32 41.24 -37.48
CA SER B 649 -54.88 40.79 -36.17
C SER B 649 -54.84 39.27 -36.10
N LEU B 650 -55.81 38.60 -36.72
CA LEU B 650 -55.78 37.14 -36.81
C LEU B 650 -54.56 36.66 -37.57
N LEU B 651 -54.23 37.33 -38.67
CA LEU B 651 -52.99 37.10 -39.40
C LEU B 651 -51.79 37.19 -38.46
N CYS B 652 -51.75 38.26 -37.66
CA CYS B 652 -50.62 38.48 -36.75
C CYS B 652 -50.54 37.39 -35.69
N CYS B 653 -51.69 36.95 -35.18
CA CYS B 653 -51.70 35.87 -34.19
C CYS B 653 -51.18 34.56 -34.79
N PHE B 654 -51.62 34.25 -36.01
CA PHE B 654 -51.10 33.06 -36.68
C PHE B 654 -49.60 33.15 -36.87
N SER B 655 -49.10 34.34 -37.25
CA SER B 655 -47.66 34.51 -37.41
C SER B 655 -46.93 34.36 -36.08
N SER B 656 -47.49 34.93 -35.01
CA SER B 656 -46.87 34.84 -33.69
C SER B 656 -46.87 33.43 -33.14
N SER B 657 -47.79 32.58 -33.61
CA SER B 657 -47.73 31.17 -33.24
C SER B 657 -46.51 30.45 -33.79
N LEU B 658 -45.64 31.14 -34.52
CA LEU B 658 -44.44 30.54 -35.10
C LEU B 658 -43.19 30.80 -34.26
N PHE B 659 -43.23 31.77 -33.34
CA PHE B 659 -42.07 32.03 -32.51
C PHE B 659 -41.80 30.90 -31.52
N PHE B 660 -42.81 30.11 -31.18
CA PHE B 660 -42.67 29.14 -30.10
C PHE B 660 -41.92 27.88 -30.51
N ILE B 661 -41.56 27.73 -31.78
CA ILE B 661 -40.88 26.53 -32.27
C ILE B 661 -39.54 26.94 -32.84
N GLY B 662 -38.47 26.45 -32.26
CA GLY B 662 -37.13 26.71 -32.75
C GLY B 662 -36.14 26.78 -31.61
N GLU B 663 -34.91 27.11 -31.97
CA GLU B 663 -33.85 27.30 -30.99
C GLU B 663 -34.11 28.59 -30.23
N PRO B 664 -34.18 28.57 -28.91
CA PRO B 664 -34.56 29.79 -28.17
C PRO B 664 -33.43 30.80 -28.10
N GLN B 665 -33.28 31.62 -29.14
CA GLN B 665 -32.32 32.70 -29.10
C GLN B 665 -32.81 33.79 -28.15
N ASP B 666 -31.94 34.76 -27.88
CA ASP B 666 -32.26 35.82 -26.93
C ASP B 666 -33.31 36.80 -27.46
N TRP B 667 -33.67 36.72 -28.74
CA TRP B 667 -34.70 37.59 -29.30
C TRP B 667 -36.02 36.90 -29.56
N THR B 668 -36.01 35.59 -29.80
CA THR B 668 -37.26 34.85 -29.93
C THR B 668 -38.05 34.87 -28.62
N CYS B 669 -37.35 34.71 -27.50
CA CYS B 669 -37.99 34.65 -26.20
C CYS B 669 -38.26 36.02 -25.59
N ARG B 670 -37.89 37.10 -26.27
CA ARG B 670 -38.28 38.43 -25.89
C ARG B 670 -39.55 38.90 -26.60
N LEU B 671 -40.06 38.11 -27.55
CA LEU B 671 -41.23 38.51 -28.31
C LEU B 671 -42.28 37.42 -28.45
N ARG B 672 -41.97 36.16 -28.14
CA ARG B 672 -42.93 35.09 -28.43
C ARG B 672 -44.20 35.23 -27.59
N GLN B 673 -44.08 35.70 -26.35
CA GLN B 673 -45.27 35.94 -25.53
C GLN B 673 -45.96 37.26 -25.86
N PRO B 674 -45.24 38.40 -25.85
CA PRO B 674 -45.93 39.67 -26.10
C PRO B 674 -46.59 39.76 -27.46
N ALA B 675 -46.06 39.08 -28.47
CA ALA B 675 -46.69 39.12 -29.79
C ALA B 675 -48.10 38.55 -29.73
N PHE B 676 -48.25 37.36 -29.15
CA PHE B 676 -49.59 36.77 -29.06
C PHE B 676 -50.48 37.59 -28.13
N GLY B 677 -49.94 38.09 -27.03
CA GLY B 677 -50.75 38.92 -26.15
C GLY B 677 -51.33 40.12 -26.87
N ILE B 678 -50.48 40.83 -27.62
CA ILE B 678 -50.92 42.01 -28.35
C ILE B 678 -51.94 41.63 -29.42
N SER B 679 -51.67 40.57 -30.17
CA SER B 679 -52.57 40.18 -31.25
C SER B 679 -53.94 39.80 -30.71
N PHE B 680 -53.99 39.05 -29.62
CA PHE B 680 -55.27 38.61 -29.08
C PHE B 680 -56.03 39.76 -28.44
N VAL B 681 -55.32 40.68 -27.76
CA VAL B 681 -56.01 41.85 -27.22
C VAL B 681 -56.58 42.70 -28.35
N LEU B 682 -55.85 42.81 -29.46
CA LEU B 682 -56.37 43.53 -30.62
C LEU B 682 -57.62 42.88 -31.18
N CYS B 683 -57.60 41.54 -31.32
CA CYS B 683 -58.74 40.82 -31.86
C CYS B 683 -59.97 40.98 -30.95
N ILE B 684 -59.78 40.83 -29.64
CA ILE B 684 -60.90 40.94 -28.72
C ILE B 684 -61.41 42.38 -28.66
N SER B 685 -60.52 43.36 -28.78
CA SER B 685 -60.98 44.75 -28.85
C SER B 685 -61.82 44.98 -30.11
N CYS B 686 -61.41 44.39 -31.23
CA CYS B 686 -62.21 44.51 -32.44
C CYS B 686 -63.58 43.86 -32.28
N ILE B 687 -63.63 42.65 -31.70
CA ILE B 687 -64.89 41.94 -31.57
C ILE B 687 -65.77 42.52 -30.48
N LEU B 688 -65.21 43.29 -29.56
CA LEU B 688 -65.98 43.91 -28.48
C LEU B 688 -66.67 45.18 -28.92
N VAL B 689 -66.27 45.76 -30.06
CA VAL B 689 -66.90 46.97 -30.57
C VAL B 689 -67.58 46.76 -31.91
N LYS B 690 -67.35 45.61 -32.57
CA LYS B 690 -67.92 45.38 -33.89
C LYS B 690 -69.44 45.47 -33.88
N THR B 691 -70.07 45.05 -32.78
CA THR B 691 -71.52 45.15 -32.67
C THR B 691 -71.94 46.62 -32.61
N ASN B 692 -73.00 46.94 -33.37
CA ASN B 692 -73.49 48.31 -33.43
C ASN B 692 -74.20 48.75 -32.17
N ARG B 693 -74.50 47.83 -31.26
CA ARG B 693 -75.14 48.17 -29.98
C ARG B 693 -74.10 48.68 -28.98
N VAL B 694 -73.38 49.72 -29.40
CA VAL B 694 -72.33 50.31 -28.59
C VAL B 694 -72.49 51.83 -28.58
N ASN B 714 -63.50 58.15 -36.83
CA ASN B 714 -64.42 57.24 -36.14
C ASN B 714 -64.13 57.21 -34.66
N LEU B 715 -65.11 56.80 -33.87
CA LEU B 715 -64.94 56.61 -32.44
C LEU B 715 -64.71 55.16 -32.05
N GLN B 716 -65.20 54.21 -32.85
CA GLN B 716 -65.01 52.80 -32.56
C GLN B 716 -63.54 52.39 -32.67
N PHE B 717 -62.78 53.04 -33.55
CA PHE B 717 -61.35 52.74 -33.65
C PHE B 717 -60.59 53.17 -32.41
N LEU B 718 -61.12 54.15 -31.66
CA LEU B 718 -60.47 54.55 -30.42
C LEU B 718 -60.40 53.40 -29.43
N LEU B 719 -61.40 52.52 -29.43
CA LEU B 719 -61.41 51.40 -28.50
C LEU B 719 -60.28 50.41 -28.81
N VAL B 720 -60.15 49.99 -30.06
CA VAL B 720 -59.08 49.06 -30.41
C VAL B 720 -57.73 49.72 -30.18
N PHE B 721 -57.59 51.00 -30.54
CA PHE B 721 -56.32 51.68 -30.31
C PHE B 721 -55.97 51.71 -28.83
N LEU B 722 -56.93 52.05 -27.97
CA LEU B 722 -56.66 52.16 -26.55
C LEU B 722 -56.29 50.81 -25.95
N CYS B 723 -57.04 49.76 -26.29
CA CYS B 723 -56.74 48.43 -25.74
C CYS B 723 -55.35 47.97 -26.16
N THR B 724 -55.07 48.05 -27.47
CA THR B 724 -53.77 47.60 -27.96
C THR B 724 -52.64 48.44 -27.38
N PHE B 725 -52.88 49.74 -27.16
CA PHE B 725 -51.83 50.59 -26.60
C PHE B 725 -51.57 50.26 -25.14
N MET B 726 -52.62 49.94 -24.38
CA MET B 726 -52.41 49.51 -23.01
C MET B 726 -51.58 48.23 -22.97
N GLN B 727 -51.92 47.27 -23.83
CA GLN B 727 -51.12 46.04 -23.88
C GLN B 727 -49.68 46.33 -24.27
N ILE B 728 -49.47 47.19 -25.26
CA ILE B 728 -48.12 47.53 -25.70
C ILE B 728 -47.34 48.18 -24.57
N VAL B 729 -48.00 49.04 -23.79
CA VAL B 729 -47.33 49.67 -22.66
C VAL B 729 -46.89 48.62 -21.65
N ILE B 730 -47.75 47.65 -21.37
CA ILE B 730 -47.38 46.58 -20.43
C ILE B 730 -46.17 45.81 -20.94
N CYS B 731 -46.19 45.42 -22.22
CA CYS B 731 -45.07 44.65 -22.75
C CYS B 731 -43.77 45.46 -22.76
N VAL B 732 -43.85 46.74 -23.11
CA VAL B 732 -42.61 47.53 -23.20
C VAL B 732 -42.03 47.78 -21.81
N ILE B 733 -42.88 48.02 -20.81
CA ILE B 733 -42.34 48.20 -19.47
C ILE B 733 -41.75 46.88 -18.96
N TRP B 734 -42.37 45.76 -19.31
CA TRP B 734 -41.81 44.46 -18.93
C TRP B 734 -40.44 44.24 -19.58
N LEU B 735 -40.34 44.50 -20.88
CA LEU B 735 -39.07 44.30 -21.57
C LEU B 735 -38.00 45.26 -21.08
N TYR B 736 -38.42 46.44 -20.62
CA TYR B 736 -37.44 47.40 -20.07
C TYR B 736 -36.94 46.95 -18.71
N THR B 737 -37.84 46.46 -17.84
CA THR B 737 -37.39 46.08 -16.49
C THR B 737 -36.58 44.79 -16.51
N ALA B 738 -37.04 43.77 -17.25
CA ALA B 738 -36.32 42.49 -17.22
C ALA B 738 -36.63 41.64 -18.45
N PRO B 739 -35.81 41.73 -19.49
CA PRO B 739 -36.08 40.94 -20.70
C PRO B 739 -35.79 39.47 -20.47
N PRO B 740 -36.61 38.58 -21.04
CA PRO B 740 -36.32 37.16 -20.95
C PRO B 740 -35.08 36.80 -21.74
N SER B 741 -34.54 35.62 -21.44
CA SER B 741 -33.30 35.18 -22.08
C SER B 741 -33.29 33.66 -22.14
N SER B 742 -32.39 33.13 -22.97
CA SER B 742 -32.20 31.70 -23.10
C SER B 742 -31.55 31.13 -21.85
N TYR B 743 -31.58 29.81 -21.73
CA TYR B 743 -31.02 29.15 -20.56
C TYR B 743 -30.74 27.69 -20.91
N ARG B 744 -29.48 27.28 -20.81
CA ARG B 744 -29.12 25.87 -20.97
C ARG B 744 -29.40 25.14 -19.66
N ASN B 745 -30.33 24.19 -19.69
CA ASN B 745 -30.81 23.53 -18.50
C ASN B 745 -30.20 22.13 -18.41
N GLN B 746 -29.54 21.85 -17.28
CA GLN B 746 -28.93 20.54 -17.06
C GLN B 746 -29.12 20.05 -15.63
N GLU B 747 -30.05 20.65 -14.88
CA GLU B 747 -30.20 20.34 -13.46
C GLU B 747 -31.26 19.29 -13.20
N LEU B 748 -32.37 19.28 -13.96
CA LEU B 748 -33.39 18.27 -13.75
C LEU B 748 -32.85 16.88 -14.03
N GLU B 749 -32.11 16.71 -15.12
CA GLU B 749 -31.46 15.45 -15.45
C GLU B 749 -30.00 15.74 -15.78
N ASP B 750 -29.15 14.76 -15.50
CA ASP B 750 -27.71 14.92 -15.67
C ASP B 750 -27.17 14.21 -16.91
N GLU B 751 -28.04 13.68 -17.76
CA GLU B 751 -27.61 13.04 -19.00
C GLU B 751 -28.03 13.81 -20.25
N ILE B 752 -29.14 14.54 -20.20
CA ILE B 752 -29.64 15.33 -21.31
C ILE B 752 -29.79 16.76 -20.83
N ILE B 753 -29.36 17.70 -21.71
CA ILE B 753 -29.37 19.16 -21.39
C ILE B 753 -30.36 19.92 -22.28
N PHE B 754 -31.38 20.53 -21.70
CA PHE B 754 -32.41 21.21 -22.47
C PHE B 754 -32.04 22.68 -22.58
N ILE B 755 -32.28 23.26 -23.76
CA ILE B 755 -32.11 24.68 -23.98
C ILE B 755 -33.53 25.25 -24.07
N THR B 756 -34.04 25.69 -22.93
CA THR B 756 -35.35 26.31 -22.82
C THR B 756 -35.18 27.65 -22.15
N CYS B 757 -35.92 28.66 -22.62
CA CYS B 757 -35.73 30.02 -22.17
C CYS B 757 -36.83 30.40 -21.18
N HIS B 758 -36.41 30.86 -20.00
CA HIS B 758 -37.35 31.30 -18.99
C HIS B 758 -37.89 32.68 -19.34
N GLU B 759 -38.95 33.08 -18.65
CA GLU B 759 -39.63 34.34 -18.93
C GLU B 759 -39.01 35.52 -18.19
N GLY B 760 -38.07 35.28 -17.30
CA GLY B 760 -37.45 36.37 -16.56
C GLY B 760 -38.25 36.81 -15.35
N SER B 761 -39.36 37.51 -15.58
CA SER B 761 -40.21 38.01 -14.51
C SER B 761 -41.58 37.34 -14.57
N LEU B 762 -42.20 37.20 -13.41
CA LEU B 762 -43.49 36.55 -13.31
C LEU B 762 -44.65 37.50 -13.08
N MET B 763 -44.43 38.62 -12.40
CA MET B 763 -45.49 39.59 -12.19
C MET B 763 -45.95 40.21 -13.51
N ALA B 764 -45.01 40.53 -14.40
CA ALA B 764 -45.38 41.09 -15.70
C ALA B 764 -46.09 40.07 -16.57
N LEU B 765 -45.64 38.81 -16.52
CA LEU B 765 -46.35 37.76 -17.25
C LEU B 765 -47.77 37.59 -16.71
N GLY B 766 -47.93 37.68 -15.40
CA GLY B 766 -49.27 37.65 -14.82
C GLY B 766 -50.12 38.81 -15.30
N PHE B 767 -49.53 40.00 -15.39
CA PHE B 767 -50.24 41.15 -15.94
C PHE B 767 -50.71 40.87 -17.36
N LEU B 768 -49.79 40.33 -18.18
CA LEU B 768 -50.09 40.08 -19.59
C LEU B 768 -51.21 39.07 -19.74
N ILE B 769 -51.20 38.01 -18.93
CA ILE B 769 -52.27 37.02 -19.02
C ILE B 769 -53.57 37.58 -18.47
N GLY B 770 -53.50 38.33 -17.37
CA GLY B 770 -54.71 38.79 -16.71
C GLY B 770 -55.48 39.82 -17.52
N TYR B 771 -54.78 40.71 -18.22
CA TYR B 771 -55.50 41.69 -19.02
C TYR B 771 -56.33 41.00 -20.10
N THR B 772 -55.74 40.04 -20.80
CA THR B 772 -56.47 39.31 -21.83
C THR B 772 -57.60 38.49 -21.24
N CYS B 773 -57.38 37.87 -20.07
CA CYS B 773 -58.45 37.08 -19.47
C CYS B 773 -59.63 37.97 -19.07
N LEU B 774 -59.34 39.15 -18.54
CA LEU B 774 -60.39 40.10 -18.20
C LEU B 774 -61.17 40.55 -19.43
N LEU B 775 -60.46 40.85 -20.52
CA LEU B 775 -61.14 41.23 -21.75
C LEU B 775 -62.02 40.10 -22.26
N ALA B 776 -61.52 38.87 -22.18
CA ALA B 776 -62.31 37.71 -22.60
C ALA B 776 -63.57 37.57 -21.76
N ALA B 777 -63.45 37.76 -20.44
CA ALA B 777 -64.63 37.67 -19.57
C ALA B 777 -65.65 38.75 -19.90
N ILE B 778 -65.18 39.98 -20.16
CA ILE B 778 -66.09 41.06 -20.50
C ILE B 778 -66.84 40.74 -21.79
N CYS B 779 -66.12 40.24 -22.80
CA CYS B 779 -66.78 39.87 -24.05
C CYS B 779 -67.78 38.75 -23.84
N PHE B 780 -67.42 37.74 -23.04
CA PHE B 780 -68.33 36.64 -22.77
C PHE B 780 -69.61 37.13 -22.12
N PHE B 781 -69.49 38.01 -21.13
CA PHE B 781 -70.68 38.54 -20.45
C PHE B 781 -71.56 39.32 -21.41
N PHE B 782 -70.95 40.23 -22.18
CA PHE B 782 -71.74 41.07 -23.09
C PHE B 782 -72.45 40.23 -24.14
N ALA B 783 -71.78 39.19 -24.65
CA ALA B 783 -72.43 38.33 -25.64
C ALA B 783 -73.49 37.45 -24.99
N PHE B 784 -73.31 37.08 -23.72
CA PHE B 784 -74.30 36.29 -23.02
C PHE B 784 -75.55 37.11 -22.72
N LYS B 785 -75.40 38.44 -22.68
CA LYS B 785 -76.56 39.29 -22.48
C LYS B 785 -77.55 39.19 -23.64
N SER B 786 -77.03 39.08 -24.87
CA SER B 786 -77.85 39.22 -26.07
C SER B 786 -77.89 37.96 -26.93
N ARG B 787 -77.95 36.78 -26.32
CA ARG B 787 -77.91 35.54 -27.10
C ARG B 787 -79.16 35.36 -27.96
N LYS B 788 -80.32 35.69 -27.41
CA LYS B 788 -81.59 35.32 -28.05
C LYS B 788 -81.82 36.01 -29.39
N LEU B 789 -81.20 37.17 -29.61
CA LEU B 789 -81.45 37.91 -30.83
C LEU B 789 -80.91 37.15 -32.04
N PRO B 790 -81.72 36.92 -33.07
CA PRO B 790 -81.24 36.25 -34.28
C PRO B 790 -80.71 37.19 -35.35
N GLU B 791 -80.63 38.48 -35.08
CA GLU B 791 -80.11 39.43 -36.04
C GLU B 791 -78.62 39.22 -36.25
N ASN B 792 -78.14 39.61 -37.44
CA ASN B 792 -76.74 39.44 -37.82
C ASN B 792 -76.31 37.97 -37.73
N PHE B 793 -77.22 37.08 -38.14
CA PHE B 793 -76.94 35.65 -38.22
C PHE B 793 -76.50 35.08 -36.87
N ASN B 794 -77.22 35.46 -35.81
CA ASN B 794 -77.01 34.94 -34.46
C ASN B 794 -75.55 35.10 -34.04
N GLU B 795 -75.12 36.36 -33.94
CA GLU B 795 -73.72 36.64 -33.64
C GLU B 795 -73.36 36.31 -32.20
N ALA B 796 -74.21 36.72 -31.24
CA ALA B 796 -73.83 36.64 -29.83
C ALA B 796 -73.63 35.20 -29.38
N LYS B 797 -74.46 34.27 -29.86
CA LYS B 797 -74.31 32.88 -29.48
C LYS B 797 -72.97 32.31 -29.94
N PHE B 798 -72.57 32.62 -31.18
CA PHE B 798 -71.28 32.16 -31.66
C PHE B 798 -70.13 32.84 -30.93
N ILE B 799 -70.31 34.10 -30.55
CA ILE B 799 -69.29 34.78 -29.75
C ILE B 799 -69.10 34.05 -28.43
N THR B 800 -70.21 33.70 -27.78
CA THR B 800 -70.12 32.95 -26.52
C THR B 800 -69.45 31.61 -26.73
N PHE B 801 -69.76 30.97 -27.86
CA PHE B 801 -69.17 29.65 -28.14
C PHE B 801 -67.64 29.78 -28.25
N SER B 802 -67.18 30.77 -29.01
CA SER B 802 -65.75 30.96 -29.22
C SER B 802 -65.04 31.33 -27.91
N MET B 803 -65.64 32.22 -27.13
CA MET B 803 -65.02 32.58 -25.85
C MET B 803 -64.97 31.37 -24.93
N LEU B 804 -66.01 30.53 -24.97
CA LEU B 804 -66.04 29.34 -24.14
C LEU B 804 -64.91 28.38 -24.51
N ILE B 805 -64.74 28.11 -25.81
CA ILE B 805 -63.70 27.17 -26.19
C ILE B 805 -62.32 27.73 -25.83
N PHE B 806 -62.13 29.04 -26.00
CA PHE B 806 -60.88 29.65 -25.54
C PHE B 806 -60.66 29.40 -24.06
N PHE B 807 -61.68 29.67 -23.25
CA PHE B 807 -61.51 29.57 -21.80
C PHE B 807 -61.21 28.15 -21.35
N ILE B 808 -61.94 27.16 -21.88
CA ILE B 808 -61.69 25.78 -21.46
C ILE B 808 -60.34 25.29 -21.96
N VAL B 809 -59.95 25.67 -23.19
CA VAL B 809 -58.67 25.21 -23.69
C VAL B 809 -57.52 25.85 -22.94
N TRP B 810 -57.73 27.04 -22.37
CA TRP B 810 -56.71 27.62 -21.49
C TRP B 810 -56.69 26.92 -20.13
N ILE B 811 -57.87 26.62 -19.58
CA ILE B 811 -57.95 26.03 -18.25
C ILE B 811 -57.34 24.63 -18.24
N SER B 812 -57.54 23.87 -19.32
CA SER B 812 -57.19 22.45 -19.30
C SER B 812 -55.69 22.23 -19.11
N PHE B 813 -54.86 23.05 -19.74
CA PHE B 813 -53.43 22.80 -19.81
C PHE B 813 -52.64 23.42 -18.65
N ILE B 814 -53.34 23.91 -17.61
CA ILE B 814 -52.65 24.56 -16.51
C ILE B 814 -51.67 23.63 -15.79
N PRO B 815 -52.03 22.39 -15.43
CA PRO B 815 -51.03 21.51 -14.81
C PRO B 815 -49.82 21.26 -15.69
N ALA B 816 -50.00 21.13 -17.01
CA ALA B 816 -48.87 20.98 -17.90
C ALA B 816 -47.99 22.22 -17.87
N TYR B 817 -48.61 23.40 -17.80
CA TYR B 817 -47.81 24.66 -17.71
C TYR B 817 -47.02 24.65 -16.41
N ALA B 818 -47.63 24.14 -15.33
CA ALA B 818 -47.00 24.16 -14.02
C ALA B 818 -46.03 23.01 -13.81
N SER B 819 -45.95 22.07 -14.75
CA SER B 819 -45.04 20.93 -14.61
C SER B 819 -44.02 20.90 -15.74
N THR B 820 -43.40 22.06 -16.00
CA THR B 820 -42.43 22.19 -17.09
C THR B 820 -41.30 21.18 -16.95
N TYR B 821 -41.25 20.20 -17.85
CA TYR B 821 -40.26 19.13 -17.77
C TYR B 821 -39.33 19.09 -18.97
N GLY B 822 -39.86 19.01 -20.18
CA GLY B 822 -39.05 18.83 -21.37
C GLY B 822 -39.53 19.71 -22.51
N LYS B 823 -39.56 19.13 -23.71
CA LYS B 823 -39.96 19.83 -24.91
C LYS B 823 -41.46 19.74 -25.17
N PHE B 824 -42.21 19.06 -24.31
CA PHE B 824 -43.66 19.01 -24.45
C PHE B 824 -44.32 20.35 -24.13
N VAL B 825 -43.69 21.18 -23.30
CA VAL B 825 -44.29 22.46 -22.93
C VAL B 825 -44.39 23.38 -24.12
N SER B 826 -43.39 23.35 -25.01
CA SER B 826 -43.43 24.20 -26.19
C SER B 826 -44.60 23.81 -27.11
N ALA B 827 -44.84 22.51 -27.27
CA ALA B 827 -45.89 22.06 -28.17
C ALA B 827 -47.28 22.48 -27.68
N VAL B 828 -47.51 22.39 -26.36
CA VAL B 828 -48.83 22.69 -25.82
C VAL B 828 -49.15 24.18 -25.97
N GLU B 829 -48.14 25.04 -25.93
CA GLU B 829 -48.36 26.46 -26.15
C GLU B 829 -48.90 26.72 -27.55
N VAL B 830 -48.25 26.16 -28.56
CA VAL B 830 -48.69 26.34 -29.94
C VAL B 830 -50.06 25.71 -30.13
N ILE B 831 -50.31 24.58 -29.46
CA ILE B 831 -51.61 23.94 -29.56
C ILE B 831 -52.71 24.88 -29.06
N ALA B 832 -52.49 25.51 -27.91
CA ALA B 832 -53.47 26.44 -27.37
C ALA B 832 -53.65 27.64 -28.28
N ILE B 833 -52.55 28.19 -28.80
CA ILE B 833 -52.63 29.35 -29.67
C ILE B 833 -53.48 29.03 -30.89
N LEU B 834 -53.18 27.91 -31.56
CA LEU B 834 -53.91 27.55 -32.76
C LEU B 834 -55.37 27.25 -32.46
N ALA B 835 -55.64 26.58 -31.34
CA ALA B 835 -57.02 26.27 -30.98
C ALA B 835 -57.84 27.54 -30.78
N ALA B 836 -57.32 28.49 -30.00
CA ALA B 836 -58.07 29.71 -29.73
C ALA B 836 -58.27 30.53 -31.00
N SER B 837 -57.21 30.69 -31.80
CA SER B 837 -57.35 31.48 -33.01
C SER B 837 -58.34 30.85 -33.99
N PHE B 838 -58.25 29.53 -34.18
CA PHE B 838 -59.17 28.84 -35.07
C PHE B 838 -60.60 28.96 -34.58
N GLY B 839 -60.82 28.81 -33.27
CA GLY B 839 -62.15 28.95 -32.74
C GLY B 839 -62.73 30.33 -33.01
N LEU B 840 -61.95 31.38 -32.74
CA LEU B 840 -62.44 32.74 -32.98
C LEU B 840 -62.77 32.95 -34.46
N LEU B 841 -61.84 32.60 -35.34
CA LEU B 841 -62.04 32.84 -36.77
C LEU B 841 -63.26 32.08 -37.28
N ALA B 842 -63.38 30.79 -36.92
CA ALA B 842 -64.50 30.00 -37.39
C ALA B 842 -65.82 30.54 -36.86
N CYS B 843 -65.91 30.73 -35.53
CA CYS B 843 -67.17 31.18 -34.95
C CYS B 843 -67.61 32.53 -35.48
N ILE B 844 -66.66 33.37 -35.93
CA ILE B 844 -67.05 34.66 -36.46
C ILE B 844 -67.45 34.58 -37.93
N PHE B 845 -66.69 33.85 -38.75
CA PHE B 845 -66.82 34.00 -40.20
C PHE B 845 -67.39 32.81 -40.94
N PHE B 846 -67.57 31.65 -40.30
CA PHE B 846 -68.03 30.46 -41.02
C PHE B 846 -69.41 30.69 -41.61
N ASN B 847 -70.37 31.11 -40.79
CA ASN B 847 -71.73 31.34 -41.28
C ASN B 847 -71.76 32.44 -42.33
N LYS B 848 -71.03 33.53 -42.09
CA LYS B 848 -71.05 34.65 -43.03
C LYS B 848 -70.53 34.23 -44.40
N ILE B 849 -69.48 33.41 -44.43
CA ILE B 849 -68.99 32.93 -45.71
C ILE B 849 -69.96 31.94 -46.34
N TYR B 850 -70.54 31.06 -45.52
CA TYR B 850 -71.40 30.00 -46.04
C TYR B 850 -72.63 30.58 -46.72
N ILE B 851 -73.29 31.54 -46.08
CA ILE B 851 -74.46 32.15 -46.71
C ILE B 851 -74.04 32.93 -47.95
N ILE B 852 -72.85 33.54 -47.93
CA ILE B 852 -72.37 34.30 -49.07
C ILE B 852 -72.14 33.38 -50.27
N LEU B 853 -71.56 32.22 -50.04
CA LEU B 853 -71.27 31.28 -51.12
C LEU B 853 -72.15 30.03 -51.03
#